data_6KJT
#
_entry.id   6KJT
#
_cell.length_a   128.431
_cell.length_b   132.422
_cell.length_c   110.820
_cell.angle_alpha   90.000
_cell.angle_beta   117.340
_cell.angle_gamma   90.000
#
_symmetry.space_group_name_H-M   'C 1 2 1'
#
loop_
_entity.id
_entity.type
_entity.pdbx_description
1 polymer 'Putative beta-lactamase'
2 non-polymer 'SUCCINIC ACID'
3 water water
#
_entity_poly.entity_id   1
_entity_poly.type   'polypeptide(L)'
_entity_poly.pdbx_seq_one_letter_code
;MGSSHHHHHHSSGLVPRGSHMKQTISNPAFDMKQINALNGHYQTMIDNGDLQCASYMMSRGGEVFAAESLGEFTGGQKEK
QTFQLDTIREIGSLTKVFTAVAVMQLVEKGLLDLKMPVKLILPAFDKPGFGEIKILHLLTHTAGLSFELDIQKAEGIDLT
NEEEWINYLVSTPLEYGVDEAWNYSRTGFVILGIIISKVTGVSYEQYVTKHIIEALGLERTYFYVPDTLKEEVCVISEHE
CVQLEKSHHPYFPNKATSGLYSSLRDIWKLAEMFRNKGRLKDKKLLGRKTVEAMLRNQIKPGLPFYFFGAPREEGGFGLG
INLWPAGDHYFMTEGTFSHLGMGWCGMFSDPAEDFTYVFFTPISEFHPHAVLTPLNIVWAGIELEHHHHHH
;
_entity_poly.pdbx_strand_id   A,B,C,D
#
loop_
_chem_comp.id
_chem_comp.type
_chem_comp.name
_chem_comp.formula
SIN non-polymer 'SUCCINIC ACID' 'C4 H6 O4'
#
# COMPACT_ATOMS: atom_id res chain seq x y z
N ASN A 27 23.15 9.84 -51.48
CA ASN A 27 21.94 10.54 -51.04
C ASN A 27 21.98 10.97 -49.56
N PRO A 28 22.34 10.06 -48.63
CA PRO A 28 22.58 10.52 -47.25
C PRO A 28 23.92 11.21 -47.08
N ALA A 29 24.79 11.14 -48.08
CA ALA A 29 26.09 11.80 -48.07
C ALA A 29 26.88 11.37 -46.84
N PHE A 30 27.03 10.05 -46.72
CA PHE A 30 27.74 9.42 -45.63
C PHE A 30 28.72 8.41 -46.21
N ASP A 31 29.96 8.41 -45.71
CA ASP A 31 30.97 7.47 -46.16
C ASP A 31 30.71 6.12 -45.47
N MET A 32 30.22 5.14 -46.23
CA MET A 32 29.77 3.91 -45.59
C MET A 32 30.91 3.06 -45.04
N LYS A 33 32.17 3.37 -45.37
CA LYS A 33 33.29 2.72 -44.68
C LYS A 33 33.23 2.97 -43.17
N GLN A 34 32.61 4.07 -42.76
CA GLN A 34 32.45 4.34 -41.33
C GLN A 34 31.42 3.41 -40.69
N ILE A 35 30.49 2.87 -41.47
CA ILE A 35 29.54 1.93 -40.90
C ILE A 35 30.23 0.61 -40.56
N ASN A 36 31.09 0.13 -41.47
CA ASN A 36 31.87 -1.07 -41.18
C ASN A 36 32.76 -0.87 -39.97
N ALA A 37 33.42 0.30 -39.86
CA ALA A 37 34.20 0.58 -38.66
C ALA A 37 33.32 0.57 -37.42
N LEU A 38 32.20 1.29 -37.46
CA LEU A 38 31.25 1.30 -36.35
C LEU A 38 30.85 -0.12 -35.98
N ASN A 39 30.39 -0.90 -36.96
CA ASN A 39 29.96 -2.26 -36.66
C ASN A 39 31.12 -3.06 -36.10
N GLY A 40 32.30 -2.91 -36.69
CA GLY A 40 33.48 -3.58 -36.17
C GLY A 40 33.82 -3.17 -34.76
N HIS A 41 33.57 -1.90 -34.42
CA HIS A 41 33.94 -1.42 -33.09
C HIS A 41 33.04 -2.03 -32.02
N TYR A 42 31.73 -2.06 -32.26
CA TYR A 42 30.81 -2.67 -31.31
C TYR A 42 31.00 -4.17 -31.25
N GLN A 43 31.21 -4.82 -32.41
CA GLN A 43 31.38 -6.27 -32.43
C GLN A 43 32.61 -6.70 -31.66
N THR A 44 33.69 -5.93 -31.75
CA THR A 44 34.91 -6.27 -31.02
C THR A 44 34.66 -6.25 -29.52
N MET A 45 33.95 -5.24 -29.03
CA MET A 45 33.65 -5.18 -27.59
C MET A 45 32.75 -6.32 -27.17
N ILE A 46 31.84 -6.75 -28.05
CA ILE A 46 30.99 -7.89 -27.76
C ILE A 46 31.84 -9.16 -27.69
N ASP A 47 32.79 -9.31 -28.61
CA ASP A 47 33.65 -10.50 -28.60
C ASP A 47 34.49 -10.59 -27.34
N ASN A 48 34.99 -9.45 -26.86
CA ASN A 48 35.85 -9.43 -25.68
C ASN A 48 35.09 -9.37 -24.37
N GLY A 49 33.76 -9.53 -24.41
CA GLY A 49 32.97 -9.56 -23.21
C GLY A 49 32.87 -8.22 -22.50
N ASP A 50 33.06 -7.11 -23.22
CA ASP A 50 32.86 -5.80 -22.61
C ASP A 50 31.38 -5.48 -22.48
N LEU A 51 30.55 -6.07 -23.32
CA LEU A 51 29.12 -5.89 -23.23
C LEU A 51 28.45 -6.98 -24.07
N GLN A 52 27.18 -7.24 -23.76
CA GLN A 52 26.47 -8.36 -24.36
C GLN A 52 25.96 -8.06 -25.76
N CYS A 53 25.58 -6.80 -26.02
CA CYS A 53 24.91 -6.46 -27.26
C CYS A 53 24.98 -4.95 -27.43
N ALA A 54 24.62 -4.49 -28.62
CA ALA A 54 24.64 -3.07 -28.94
C ALA A 54 23.73 -2.83 -30.15
N SER A 55 23.24 -1.60 -30.27
CA SER A 55 22.43 -1.27 -31.44
C SER A 55 22.47 0.24 -31.66
N TYR A 56 22.13 0.64 -32.88
CA TYR A 56 22.16 2.06 -33.23
C TYR A 56 21.25 2.31 -34.42
N MET A 57 20.95 3.59 -34.63
CA MET A 57 20.12 4.05 -35.73
C MET A 57 20.54 5.48 -36.03
N MET A 58 20.77 5.79 -37.31
CA MET A 58 21.28 7.11 -37.69
C MET A 58 20.55 7.61 -38.93
N SER A 59 20.35 8.93 -39.01
CA SER A 59 19.58 9.50 -40.11
C SER A 59 20.16 10.82 -40.60
N ARG A 60 19.81 11.15 -41.84
CA ARG A 60 20.15 12.42 -42.46
C ARG A 60 18.87 12.97 -43.06
N GLY A 61 18.54 14.22 -42.73
CA GLY A 61 17.33 14.81 -43.28
C GLY A 61 16.06 14.08 -42.90
N GLY A 62 16.03 13.47 -41.71
CA GLY A 62 14.87 12.74 -41.27
C GLY A 62 14.71 11.36 -41.88
N GLU A 63 15.68 10.88 -42.66
CA GLU A 63 15.61 9.56 -43.27
C GLU A 63 16.72 8.68 -42.71
N VAL A 64 16.33 7.59 -42.05
CA VAL A 64 17.26 6.60 -41.54
C VAL A 64 17.95 5.91 -42.71
N PHE A 65 19.29 5.89 -42.69
CA PHE A 65 20.03 5.24 -43.76
C PHE A 65 20.94 4.13 -43.26
N ALA A 66 21.19 4.05 -41.96
CA ALA A 66 21.95 2.94 -41.39
C ALA A 66 21.42 2.61 -40.01
N ALA A 67 21.30 1.32 -39.71
CA ALA A 67 20.83 0.87 -38.41
C ALA A 67 21.18 -0.60 -38.28
N GLU A 68 21.70 -0.97 -37.11
CA GLU A 68 22.11 -2.36 -36.92
C GLU A 68 21.94 -2.74 -35.46
N SER A 69 21.70 -4.03 -35.23
CA SER A 69 21.65 -4.59 -33.88
C SER A 69 22.63 -5.75 -33.80
N LEU A 70 23.42 -5.76 -32.73
CA LEU A 70 24.49 -6.74 -32.61
C LEU A 70 24.35 -7.50 -31.31
N GLY A 71 24.68 -8.79 -31.35
CA GLY A 71 24.83 -9.58 -30.16
C GLY A 71 23.52 -10.13 -29.60
N GLU A 72 23.58 -10.53 -28.33
CA GLU A 72 22.50 -11.19 -27.64
C GLU A 72 22.45 -10.70 -26.21
N PHE A 73 21.38 -11.07 -25.50
CA PHE A 73 21.21 -10.65 -24.12
C PHE A 73 20.57 -11.77 -23.30
N THR A 74 20.94 -11.81 -22.03
CA THR A 74 20.23 -12.60 -21.02
C THR A 74 20.43 -11.91 -19.69
N GLY A 75 19.39 -11.92 -18.87
CA GLY A 75 19.51 -11.39 -17.53
C GLY A 75 20.19 -12.33 -16.57
N GLY A 76 20.65 -13.48 -17.06
CA GLY A 76 21.39 -14.45 -16.27
C GLY A 76 20.71 -15.80 -16.16
N GLN A 77 19.40 -15.88 -16.40
CA GLN A 77 18.63 -17.09 -16.16
C GLN A 77 18.20 -17.79 -17.44
N LYS A 78 17.52 -17.10 -18.35
CA LYS A 78 16.99 -17.70 -19.57
C LYS A 78 18.08 -17.85 -20.62
N GLU A 79 17.79 -18.69 -21.61
CA GLU A 79 18.67 -18.80 -22.77
C GLU A 79 18.82 -17.43 -23.43
N LYS A 80 19.99 -17.21 -24.03
CA LYS A 80 20.26 -15.94 -24.68
C LYS A 80 19.21 -15.65 -25.73
N GLN A 81 18.91 -14.36 -25.90
CA GLN A 81 18.01 -13.88 -26.93
C GLN A 81 18.73 -12.86 -27.80
N THR A 82 18.38 -12.86 -29.08
CA THR A 82 19.00 -11.97 -30.03
C THR A 82 18.53 -10.53 -29.85
N PHE A 83 19.48 -9.60 -29.81
CA PHE A 83 19.19 -8.17 -29.78
C PHE A 83 18.75 -7.71 -31.17
N GLN A 84 17.57 -7.07 -31.24
CA GLN A 84 16.94 -6.65 -32.49
C GLN A 84 16.79 -5.14 -32.53
N LEU A 85 16.57 -4.61 -33.75
CA LEU A 85 16.38 -3.16 -33.88
C LEU A 85 15.13 -2.68 -33.15
N ASP A 86 14.13 -3.54 -32.99
CA ASP A 86 12.90 -3.14 -32.31
C ASP A 86 12.85 -3.62 -30.87
N THR A 87 13.94 -4.13 -30.33
CA THR A 87 13.94 -4.61 -28.96
C THR A 87 13.67 -3.46 -27.99
N ILE A 88 12.76 -3.68 -27.07
CA ILE A 88 12.44 -2.71 -26.03
C ILE A 88 13.51 -2.78 -24.94
N ARG A 89 13.89 -1.62 -24.42
CA ARG A 89 14.91 -1.56 -23.38
C ARG A 89 14.69 -0.32 -22.52
N GLU A 90 14.97 -0.45 -21.22
CA GLU A 90 14.98 0.70 -20.34
C GLU A 90 15.94 1.78 -20.84
N ILE A 91 15.49 3.03 -20.82
CA ILE A 91 16.32 4.16 -21.25
C ILE A 91 16.88 4.95 -20.08
N GLY A 92 16.60 4.53 -18.84
CA GLY A 92 17.15 5.23 -17.68
C GLY A 92 16.86 6.73 -17.70
N SER A 93 17.89 7.53 -17.46
CA SER A 93 17.71 8.97 -17.31
C SER A 93 17.38 9.68 -18.61
N LEU A 94 17.38 9.00 -19.75
CA LEU A 94 16.80 9.58 -20.94
C LEU A 94 15.31 9.92 -20.68
N THR A 95 14.70 9.22 -19.71
CA THR A 95 13.36 9.57 -19.26
C THR A 95 13.26 11.05 -18.89
N LYS A 96 14.37 11.65 -18.42
CA LYS A 96 14.32 13.05 -18.01
C LYS A 96 13.97 13.98 -19.17
N VAL A 97 14.28 13.58 -20.41
CA VAL A 97 13.95 14.43 -21.56
C VAL A 97 12.45 14.45 -21.80
N PHE A 98 11.78 13.30 -21.65
CA PHE A 98 10.32 13.29 -21.66
C PHE A 98 9.76 14.24 -20.62
N THR A 99 10.30 14.19 -19.39
CA THR A 99 9.82 15.06 -18.32
C THR A 99 10.00 16.54 -18.68
N ALA A 100 11.16 16.89 -19.24
CA ALA A 100 11.42 18.24 -19.72
C ALA A 100 10.41 18.68 -20.77
N VAL A 101 10.12 17.82 -21.75
CA VAL A 101 9.10 18.17 -22.73
C VAL A 101 7.78 18.49 -22.02
N ALA A 102 7.41 17.68 -21.03
CA ALA A 102 6.11 17.87 -20.39
C ALA A 102 6.05 19.19 -19.62
N VAL A 103 7.10 19.50 -18.86
CA VAL A 103 7.17 20.79 -18.17
C VAL A 103 6.97 21.93 -19.17
N MET A 104 7.67 21.84 -20.29
CA MET A 104 7.61 22.93 -21.27
C MET A 104 6.25 23.00 -21.97
N GLN A 105 5.57 21.85 -22.15
CA GLN A 105 4.21 21.90 -22.64
C GLN A 105 3.33 22.71 -21.70
N LEU A 106 3.47 22.46 -20.40
CA LEU A 106 2.68 23.20 -19.42
C LEU A 106 3.05 24.67 -19.37
N VAL A 107 4.31 25.01 -19.71
CA VAL A 107 4.70 26.40 -19.84
C VAL A 107 3.98 27.04 -21.01
N GLU A 108 3.86 26.33 -22.14
CA GLU A 108 3.17 26.89 -23.31
C GLU A 108 1.70 27.17 -23.02
N LYS A 109 1.11 26.42 -22.09
CA LYS A 109 -0.31 26.54 -21.73
C LYS A 109 -0.54 27.58 -20.64
N GLY A 110 0.51 28.11 -20.03
CA GLY A 110 0.39 29.09 -18.97
C GLY A 110 0.21 28.52 -17.60
N LEU A 111 0.28 27.19 -17.45
CA LEU A 111 0.03 26.54 -16.17
C LEU A 111 1.27 26.52 -15.30
N LEU A 112 2.45 26.53 -15.91
CA LEU A 112 3.71 26.65 -15.20
C LEU A 112 4.49 27.82 -15.78
N ASP A 113 5.32 28.41 -14.94
CA ASP A 113 6.32 29.37 -15.37
C ASP A 113 7.63 28.95 -14.74
N LEU A 114 8.71 28.94 -15.53
CA LEU A 114 9.96 28.36 -15.05
C LEU A 114 10.51 29.12 -13.84
N LYS A 115 10.14 30.39 -13.67
CA LYS A 115 10.56 31.19 -12.52
C LYS A 115 9.64 31.06 -11.32
N MET A 116 8.62 30.20 -11.39
CA MET A 116 7.81 29.88 -10.21
C MET A 116 8.67 29.22 -9.14
N PRO A 117 8.63 29.70 -7.89
CA PRO A 117 9.19 28.90 -6.79
C PRO A 117 8.42 27.59 -6.61
N VAL A 118 9.16 26.51 -6.33
CA VAL A 118 8.50 25.23 -6.12
C VAL A 118 7.48 25.32 -4.99
N LYS A 119 7.79 26.09 -3.94
CA LYS A 119 6.91 26.18 -2.78
C LYS A 119 5.52 26.67 -3.14
N LEU A 120 5.40 27.41 -4.25
CA LEU A 120 4.09 27.83 -4.73
C LEU A 120 3.23 26.63 -5.12
N ILE A 121 3.84 25.55 -5.61
CA ILE A 121 3.07 24.38 -6.02
C ILE A 121 3.13 23.31 -4.94
N LEU A 122 4.25 23.23 -4.21
CA LEU A 122 4.45 22.25 -3.14
C LEU A 122 4.80 23.01 -1.86
N PRO A 123 3.82 23.40 -1.06
CA PRO A 123 4.10 24.30 0.06
C PRO A 123 5.03 23.72 1.12
N ALA A 124 5.25 22.41 1.16
CA ALA A 124 6.26 21.86 2.05
C ALA A 124 7.64 22.45 1.77
N PHE A 125 7.87 22.98 0.58
CA PHE A 125 9.13 23.63 0.25
C PHE A 125 9.28 25.03 0.84
N ASP A 126 8.28 25.53 1.57
CA ASP A 126 8.31 26.90 2.08
C ASP A 126 9.08 26.93 3.40
N LYS A 127 10.40 26.82 3.25
CA LYS A 127 11.31 26.76 4.39
C LYS A 127 12.70 27.11 3.89
N PRO A 128 13.64 27.38 4.80
CA PRO A 128 14.97 27.81 4.36
C PRO A 128 15.58 26.91 3.31
N GLY A 129 16.27 27.53 2.35
CA GLY A 129 16.92 26.77 1.30
C GLY A 129 15.92 26.29 0.26
N PHE A 130 15.01 25.41 0.66
CA PHE A 130 14.05 24.88 -0.30
C PHE A 130 13.17 25.99 -0.88
N GLY A 131 12.95 27.06 -0.11
CA GLY A 131 12.13 28.17 -0.58
C GLY A 131 12.73 28.95 -1.74
N GLU A 132 14.04 28.82 -1.98
CA GLU A 132 14.68 29.51 -3.08
C GLU A 132 14.60 28.75 -4.39
N ILE A 133 14.18 27.50 -4.36
CA ILE A 133 14.27 26.63 -5.53
C ILE A 133 13.16 26.98 -6.51
N LYS A 134 13.52 27.25 -7.75
CA LYS A 134 12.54 27.48 -8.80
C LYS A 134 12.50 26.31 -9.77
N ILE A 135 11.43 26.23 -10.54
CA ILE A 135 11.31 25.16 -11.52
C ILE A 135 12.50 25.18 -12.48
N LEU A 136 12.97 26.38 -12.85
CA LEU A 136 14.15 26.48 -13.71
C LEU A 136 15.34 25.74 -13.10
N HIS A 137 15.55 25.85 -11.80
CA HIS A 137 16.68 25.18 -11.15
C HIS A 137 16.57 23.67 -11.26
N LEU A 138 15.38 23.11 -11.03
CA LEU A 138 15.21 21.66 -11.18
C LEU A 138 15.51 21.21 -12.60
N LEU A 139 15.01 21.97 -13.60
CA LEU A 139 15.20 21.59 -15.00
C LEU A 139 16.66 21.64 -15.42
N THR A 140 17.48 22.45 -14.76
CA THR A 140 18.85 22.71 -15.21
C THR A 140 19.89 22.18 -14.23
N HIS A 141 19.46 21.37 -13.24
CA HIS A 141 20.33 20.72 -12.26
C HIS A 141 21.13 21.75 -11.48
N THR A 142 20.50 22.87 -11.15
CA THR A 142 21.15 23.91 -10.36
C THR A 142 20.34 24.25 -9.10
N ALA A 143 19.42 23.37 -8.69
CA ALA A 143 18.67 23.61 -7.46
C ALA A 143 19.47 23.27 -6.21
N GLY A 144 20.69 22.76 -6.35
CA GLY A 144 21.52 22.45 -5.20
C GLY A 144 21.23 21.12 -4.54
N LEU A 145 20.41 20.28 -5.18
CA LEU A 145 20.09 18.94 -4.67
C LEU A 145 21.25 17.97 -4.91
N SER A 146 21.41 17.03 -3.99
CA SER A 146 22.41 16.00 -4.20
C SER A 146 22.03 15.10 -5.37
N PHE A 147 23.01 14.30 -5.80
CA PHE A 147 22.80 13.38 -6.92
C PHE A 147 21.60 12.47 -6.68
N GLU A 148 21.43 11.99 -5.45
CA GLU A 148 20.34 11.11 -5.12
C GLU A 148 19.88 11.39 -3.71
N LEU A 149 18.62 11.05 -3.43
CA LEU A 149 18.07 11.25 -2.10
C LEU A 149 18.76 10.33 -1.11
N ASP A 150 19.41 10.93 -0.11
CA ASP A 150 19.94 10.21 1.04
C ASP A 150 18.79 9.53 1.78
N ILE A 151 18.64 8.22 1.60
CA ILE A 151 17.49 7.52 2.17
C ILE A 151 17.86 6.85 3.49
N GLN A 152 19.02 7.21 4.06
CA GLN A 152 19.48 6.54 5.27
C GLN A 152 18.42 6.60 6.36
N LYS A 153 17.72 7.73 6.47
CA LYS A 153 16.70 7.93 7.49
C LYS A 153 15.31 7.57 7.00
N ALA A 154 15.19 6.90 5.86
CA ALA A 154 13.91 6.66 5.23
C ALA A 154 13.36 5.25 5.46
N GLU A 155 14.08 4.41 6.20
CA GLU A 155 13.47 3.18 6.67
C GLU A 155 12.28 3.55 7.53
N GLY A 156 11.20 2.81 7.41
CA GLY A 156 9.99 3.17 8.10
C GLY A 156 9.09 4.14 7.37
N ILE A 157 9.57 4.76 6.29
CA ILE A 157 8.79 5.68 5.48
C ILE A 157 8.49 5.00 4.15
N ASP A 158 7.24 5.14 3.68
CA ASP A 158 6.89 4.63 2.35
C ASP A 158 7.23 5.69 1.31
N LEU A 159 8.39 5.51 0.67
CA LEU A 159 8.89 6.51 -0.28
C LEU A 159 8.15 6.48 -1.61
N THR A 160 7.24 5.53 -1.83
CA THR A 160 6.40 5.57 -3.01
C THR A 160 5.16 6.43 -2.81
N ASN A 161 4.82 6.75 -1.56
CA ASN A 161 3.75 7.68 -1.27
C ASN A 161 4.22 9.11 -1.47
N GLU A 162 3.52 9.83 -2.35
CA GLU A 162 4.00 11.15 -2.81
C GLU A 162 4.13 12.15 -1.67
N GLU A 163 3.15 12.20 -0.77
CA GLU A 163 3.18 13.14 0.35
C GLU A 163 4.29 12.78 1.33
N GLU A 164 4.41 11.49 1.70
CA GLU A 164 5.54 11.06 2.52
C GLU A 164 6.87 11.41 1.86
N TRP A 165 6.97 11.22 0.53
CA TRP A 165 8.23 11.43 -0.16
C TRP A 165 8.64 12.90 -0.12
N ILE A 166 7.70 13.81 -0.36
CA ILE A 166 8.01 15.23 -0.28
C ILE A 166 8.47 15.59 1.12
N ASN A 167 7.71 15.16 2.13
CA ASN A 167 8.02 15.54 3.51
C ASN A 167 9.37 14.99 3.93
N TYR A 168 9.71 13.77 3.50
CA TYR A 168 11.03 13.25 3.82
C TYR A 168 12.10 14.06 3.10
N LEU A 169 11.87 14.34 1.81
CA LEU A 169 12.81 15.10 1.01
C LEU A 169 13.20 16.41 1.66
N VAL A 170 12.21 17.19 2.14
CA VAL A 170 12.54 18.52 2.67
C VAL A 170 13.03 18.44 4.10
N SER A 171 13.06 17.26 4.70
CA SER A 171 13.76 17.03 5.95
C SER A 171 15.20 16.58 5.73
N THR A 172 15.66 16.45 4.48
CA THR A 172 17.05 16.06 4.21
C THR A 172 17.87 17.25 3.68
N PRO A 173 19.17 17.31 3.98
CA PRO A 173 19.96 18.51 3.64
C PRO A 173 20.11 18.75 2.15
N LEU A 174 19.95 20.00 1.75
CA LEU A 174 20.45 20.42 0.44
C LEU A 174 21.98 20.44 0.46
N GLU A 175 22.57 20.17 -0.70
CA GLU A 175 24.03 20.14 -0.80
C GLU A 175 24.62 21.51 -1.13
N TYR A 176 23.94 22.29 -1.97
CA TYR A 176 24.37 23.63 -2.35
C TYR A 176 23.20 24.59 -2.27
N GLY A 177 23.51 25.89 -2.29
CA GLY A 177 22.50 26.87 -2.61
C GLY A 177 22.10 26.73 -4.07
N VAL A 178 21.08 27.48 -4.46
CA VAL A 178 20.69 27.48 -5.87
C VAL A 178 21.69 28.29 -6.67
N ASP A 179 21.82 27.97 -7.96
CA ASP A 179 22.73 28.67 -8.87
C ASP A 179 24.16 28.71 -8.34
N GLU A 180 24.58 27.68 -7.61
CA GLU A 180 25.97 27.60 -7.14
C GLU A 180 26.78 26.55 -7.88
N ALA A 181 26.12 25.53 -8.42
CA ALA A 181 26.80 24.44 -9.10
C ALA A 181 25.79 23.79 -10.03
N TRP A 182 26.27 23.37 -11.20
CA TRP A 182 25.58 22.35 -11.96
C TRP A 182 25.94 21.02 -11.31
N ASN A 183 24.94 20.40 -10.68
CA ASN A 183 25.11 19.12 -9.98
C ASN A 183 23.97 18.21 -10.43
N TYR A 184 24.28 17.28 -11.33
CA TYR A 184 23.26 16.35 -11.82
C TYR A 184 22.53 15.68 -10.67
N SER A 185 21.20 15.82 -10.65
CA SER A 185 20.39 15.29 -9.56
C SER A 185 19.24 14.45 -10.11
N ARG A 186 19.18 13.19 -9.69
CA ARG A 186 18.01 12.37 -9.98
C ARG A 186 16.76 12.96 -9.34
N THR A 187 16.89 13.52 -8.13
CA THR A 187 15.69 13.90 -7.39
C THR A 187 15.05 15.16 -7.95
N GLY A 188 15.83 16.05 -8.58
CA GLY A 188 15.23 17.23 -9.20
C GLY A 188 14.11 16.87 -10.16
N PHE A 189 14.27 15.77 -10.90
CA PHE A 189 13.28 15.45 -11.90
C PHE A 189 12.12 14.65 -11.32
N VAL A 190 12.31 13.99 -10.17
CA VAL A 190 11.16 13.43 -9.45
C VAL A 190 10.22 14.55 -9.04
N ILE A 191 10.77 15.67 -8.54
CA ILE A 191 9.97 16.83 -8.13
C ILE A 191 9.21 17.41 -9.31
N LEU A 192 9.86 17.52 -10.46
CA LEU A 192 9.17 17.99 -11.67
C LEU A 192 8.02 17.06 -12.04
N GLY A 193 8.21 15.74 -11.86
CA GLY A 193 7.10 14.81 -12.05
C GLY A 193 5.92 15.12 -11.14
N ILE A 194 6.20 15.41 -9.87
CA ILE A 194 5.13 15.76 -8.93
C ILE A 194 4.47 17.06 -9.38
N ILE A 195 5.27 18.06 -9.75
CA ILE A 195 4.73 19.35 -10.16
C ILE A 195 3.79 19.18 -11.37
N ILE A 196 4.24 18.43 -12.36
CA ILE A 196 3.40 18.12 -13.52
C ILE A 196 2.06 17.56 -13.09
N SER A 197 2.09 16.61 -12.14
CA SER A 197 0.85 15.95 -11.71
C SER A 197 -0.06 16.90 -10.92
N LYS A 198 0.52 17.70 -10.00
CA LYS A 198 -0.29 18.65 -9.24
C LYS A 198 -1.02 19.62 -10.16
N VAL A 199 -0.35 20.04 -11.23
CA VAL A 199 -0.87 21.12 -12.06
C VAL A 199 -1.89 20.57 -13.07
N THR A 200 -1.79 19.31 -13.45
CA THR A 200 -2.72 18.76 -14.43
C THR A 200 -3.83 17.90 -13.84
N GLY A 201 -3.73 17.53 -12.57
CA GLY A 201 -4.76 16.68 -11.97
C GLY A 201 -4.74 15.22 -12.38
N VAL A 202 -3.75 14.79 -13.17
CA VAL A 202 -3.59 13.37 -13.48
C VAL A 202 -2.19 12.93 -13.04
N SER A 203 -1.95 11.64 -13.10
CA SER A 203 -0.64 11.13 -12.73
C SER A 203 0.41 11.61 -13.73
N TYR A 204 1.64 11.76 -13.26
CA TYR A 204 2.73 12.10 -14.17
C TYR A 204 2.74 11.17 -15.40
N GLU A 205 2.63 9.86 -15.16
CA GLU A 205 2.72 8.89 -16.25
C GLU A 205 1.56 9.02 -17.24
N GLN A 206 0.37 9.32 -16.72
CA GLN A 206 -0.80 9.53 -17.56
C GLN A 206 -0.59 10.74 -18.46
N TYR A 207 -0.11 11.85 -17.88
CA TYR A 207 0.16 13.03 -18.70
C TYR A 207 1.13 12.71 -19.83
N VAL A 208 2.29 12.13 -19.49
CA VAL A 208 3.32 11.87 -20.50
C VAL A 208 2.81 10.87 -21.54
N THR A 209 2.08 9.84 -21.10
CA THR A 209 1.61 8.83 -22.03
C THR A 209 0.67 9.45 -23.06
N LYS A 210 -0.26 10.31 -22.62
CA LYS A 210 -1.18 10.93 -23.56
C LYS A 210 -0.53 12.05 -24.36
N HIS A 211 0.19 12.94 -23.70
CA HIS A 211 0.60 14.16 -24.38
C HIS A 211 1.98 14.08 -25.02
N ILE A 212 2.73 13.00 -24.80
CA ILE A 212 4.02 12.90 -25.48
C ILE A 212 4.11 11.58 -26.22
N ILE A 213 3.88 10.46 -25.53
CA ILE A 213 4.08 9.16 -26.14
C ILE A 213 3.04 8.92 -27.24
N GLU A 214 1.76 9.02 -26.89
CA GLU A 214 0.71 8.86 -27.90
C GLU A 214 0.78 9.98 -28.92
N ALA A 215 0.99 11.22 -28.48
CA ALA A 215 0.95 12.38 -29.37
C ALA A 215 2.05 12.35 -30.41
N LEU A 216 3.22 11.82 -30.07
CA LEU A 216 4.30 11.66 -31.04
C LEU A 216 4.19 10.37 -31.82
N GLY A 217 3.17 9.55 -31.54
CA GLY A 217 3.02 8.25 -32.16
C GLY A 217 4.16 7.29 -31.85
N LEU A 218 4.70 7.34 -30.64
CA LEU A 218 5.68 6.34 -30.20
C LEU A 218 4.97 5.02 -29.94
N GLU A 219 5.41 3.95 -30.62
CA GLU A 219 4.68 2.67 -30.58
C GLU A 219 5.25 1.65 -29.61
N ARG A 220 6.51 1.77 -29.19
CA ARG A 220 7.12 0.76 -28.34
C ARG A 220 7.75 1.41 -27.13
N THR A 221 7.04 2.36 -26.52
CA THR A 221 7.51 3.12 -25.37
C THR A 221 6.50 3.02 -24.23
N TYR A 222 6.96 2.62 -23.06
CA TYR A 222 6.07 2.31 -21.95
C TYR A 222 6.70 2.72 -20.63
N PHE A 223 5.87 3.22 -19.70
CA PHE A 223 6.29 3.28 -18.31
C PHE A 223 6.21 1.90 -17.65
N TYR A 224 5.28 1.07 -18.09
CA TYR A 224 5.13 -0.27 -17.55
C TYR A 224 4.90 -1.21 -18.73
N VAL A 225 5.88 -2.07 -18.99
CA VAL A 225 5.82 -2.96 -20.16
C VAL A 225 4.64 -3.92 -19.99
N PRO A 226 3.78 -4.08 -21.00
CA PRO A 226 2.72 -5.08 -20.90
C PRO A 226 3.31 -6.48 -20.85
N ASP A 227 2.62 -7.36 -20.13
CA ASP A 227 3.05 -8.76 -20.01
C ASP A 227 3.24 -9.41 -21.37
N THR A 228 2.51 -8.95 -22.37
CA THR A 228 2.63 -9.49 -23.71
C THR A 228 3.95 -9.10 -24.38
N LEU A 229 4.66 -8.10 -23.87
CA LEU A 229 5.95 -7.67 -24.41
C LEU A 229 7.12 -7.95 -23.48
N LYS A 230 6.87 -8.32 -22.23
CA LYS A 230 7.95 -8.41 -21.24
C LYS A 230 9.03 -9.40 -21.66
N GLU A 231 8.63 -10.54 -22.23
CA GLU A 231 9.59 -11.63 -22.42
C GLU A 231 10.70 -11.28 -23.40
N GLU A 232 10.49 -10.31 -24.29
CA GLU A 232 11.52 -9.92 -25.26
C GLU A 232 12.15 -8.57 -24.95
N VAL A 233 11.93 -8.01 -23.76
CA VAL A 233 12.66 -6.82 -23.34
C VAL A 233 14.13 -7.19 -23.09
N CYS A 234 15.04 -6.27 -23.42
CA CYS A 234 16.47 -6.53 -23.20
C CYS A 234 16.82 -6.29 -21.74
N VAL A 235 17.26 -7.36 -21.07
CA VAL A 235 17.77 -7.29 -19.70
C VAL A 235 19.12 -7.99 -19.68
N ILE A 236 20.05 -7.46 -18.88
CA ILE A 236 21.42 -7.95 -18.85
C ILE A 236 21.88 -8.33 -17.46
N SER A 237 21.01 -8.21 -16.47
CA SER A 237 21.36 -8.55 -15.10
C SER A 237 20.08 -8.93 -14.37
N GLU A 238 20.26 -9.60 -13.23
CA GLU A 238 19.12 -9.93 -12.38
C GLU A 238 18.41 -8.66 -11.88
N HIS A 239 19.17 -7.61 -11.56
CA HIS A 239 18.53 -6.37 -11.09
C HIS A 239 17.55 -5.84 -12.13
N GLU A 240 17.89 -5.95 -13.42
CA GLU A 240 17.02 -5.44 -14.47
C GLU A 240 15.81 -6.34 -14.68
N CYS A 241 15.94 -7.64 -14.42
CA CYS A 241 14.78 -8.52 -14.47
C CYS A 241 13.78 -8.16 -13.39
N VAL A 242 14.25 -7.89 -12.18
CA VAL A 242 13.35 -7.61 -11.07
C VAL A 242 12.57 -6.33 -11.32
N GLN A 243 13.26 -5.26 -11.73
CA GLN A 243 12.60 -3.98 -11.96
C GLN A 243 11.63 -4.05 -13.14
N LEU A 244 11.87 -4.96 -14.08
CA LEU A 244 10.93 -5.13 -15.19
C LEU A 244 9.58 -5.63 -14.69
N GLU A 245 9.58 -6.54 -13.70
CA GLU A 245 8.33 -7.06 -13.16
C GLU A 245 7.60 -6.08 -12.23
N LYS A 246 8.22 -4.95 -11.89
CA LYS A 246 7.61 -4.00 -10.97
C LYS A 246 6.55 -3.14 -11.65
N SER A 247 5.45 -2.94 -10.92
CA SER A 247 4.33 -2.10 -11.34
C SER A 247 4.36 -0.72 -10.66
N HIS A 248 5.42 -0.42 -9.93
CA HIS A 248 5.64 0.89 -9.32
C HIS A 248 7.12 1.05 -9.06
N HIS A 249 7.61 2.27 -9.17
CA HIS A 249 9.01 2.52 -8.85
C HIS A 249 9.26 2.18 -7.38
N PRO A 250 10.38 1.53 -7.05
CA PRO A 250 10.56 1.02 -5.68
C PRO A 250 10.72 2.12 -4.63
N TYR A 251 11.25 3.29 -5.01
CA TYR A 251 11.54 4.29 -3.98
C TYR A 251 11.31 5.72 -4.47
N PHE A 252 10.54 5.89 -5.53
CA PHE A 252 10.09 7.19 -6.00
C PHE A 252 8.58 7.10 -6.18
N PRO A 253 7.84 8.21 -5.97
CA PRO A 253 6.40 8.23 -6.25
C PRO A 253 6.04 8.38 -7.71
N ASN A 254 7.01 8.43 -8.61
CA ASN A 254 6.74 8.48 -10.03
C ASN A 254 7.99 8.01 -10.77
N LYS A 255 7.89 7.97 -12.09
CA LYS A 255 8.97 7.56 -12.98
C LYS A 255 9.49 8.74 -13.80
N ALA A 256 9.48 9.95 -13.22
CA ALA A 256 9.86 11.11 -14.02
C ALA A 256 11.37 11.29 -14.15
N THR A 257 12.17 10.61 -13.33
CA THR A 257 13.61 10.75 -13.43
C THR A 257 14.26 9.54 -14.11
N SER A 258 13.55 8.42 -14.18
CA SER A 258 14.01 7.16 -14.75
C SER A 258 12.85 6.17 -14.71
N GLY A 259 12.84 5.24 -15.65
CA GLY A 259 11.86 4.17 -15.60
C GLY A 259 11.12 3.92 -16.89
N LEU A 260 11.32 4.74 -17.92
CA LEU A 260 10.70 4.43 -19.21
C LEU A 260 11.42 3.28 -19.88
N TYR A 261 10.67 2.49 -20.63
CA TYR A 261 11.19 1.52 -21.58
C TYR A 261 10.86 2.01 -22.97
N SER A 262 11.75 1.77 -23.93
CA SER A 262 11.57 2.32 -25.26
C SER A 262 12.40 1.53 -26.26
N SER A 263 12.55 2.10 -27.46
CA SER A 263 13.19 1.44 -28.57
C SER A 263 13.95 2.48 -29.40
N LEU A 264 14.81 1.99 -30.28
CA LEU A 264 15.63 2.89 -31.09
C LEU A 264 14.76 3.86 -31.87
N ARG A 265 13.76 3.34 -32.58
CA ARG A 265 12.94 4.18 -33.44
C ARG A 265 12.21 5.24 -32.63
N ASP A 266 11.74 4.88 -31.43
CA ASP A 266 11.03 5.86 -30.60
C ASP A 266 12.00 6.92 -30.06
N ILE A 267 13.21 6.52 -29.65
CA ILE A 267 14.21 7.50 -29.22
C ILE A 267 14.55 8.42 -30.38
N TRP A 268 14.69 7.84 -31.58
CA TRP A 268 15.01 8.59 -32.78
C TRP A 268 13.93 9.62 -33.11
N LYS A 269 12.65 9.22 -32.98
CA LYS A 269 11.56 10.17 -33.22
C LYS A 269 11.62 11.36 -32.28
N LEU A 270 11.91 11.12 -31.00
CA LEU A 270 11.96 12.21 -30.03
C LEU A 270 13.05 13.21 -30.38
N ALA A 271 14.25 12.71 -30.72
CA ALA A 271 15.34 13.58 -31.12
C ALA A 271 14.99 14.37 -32.36
N GLU A 272 14.35 13.72 -33.34
CA GLU A 272 13.95 14.39 -34.57
C GLU A 272 12.90 15.47 -34.32
N MET A 273 12.03 15.26 -33.35
CA MET A 273 11.09 16.31 -32.98
C MET A 273 11.85 17.56 -32.51
N PHE A 274 12.82 17.37 -31.62
CA PHE A 274 13.69 18.46 -31.17
C PHE A 274 14.44 19.09 -32.35
N ARG A 275 15.02 18.26 -33.22
CA ARG A 275 15.77 18.78 -34.35
C ARG A 275 14.87 19.61 -35.28
N ASN A 276 13.61 19.20 -35.48
CA ASN A 276 12.69 19.96 -36.30
C ASN A 276 11.93 21.02 -35.51
N LYS A 277 12.41 21.38 -34.32
CA LYS A 277 11.85 22.46 -33.51
C LYS A 277 10.37 22.24 -33.17
N GLY A 278 10.08 21.05 -32.67
CA GLY A 278 8.85 20.79 -31.98
C GLY A 278 7.89 19.90 -32.75
N ARG A 279 8.17 19.58 -34.01
CA ARG A 279 7.27 18.70 -34.72
C ARG A 279 8.00 17.56 -35.42
N LEU A 280 7.20 16.57 -35.76
CA LEU A 280 7.66 15.36 -36.43
C LEU A 280 6.62 15.14 -37.53
N LYS A 281 6.96 15.55 -38.74
CA LYS A 281 5.99 15.60 -39.83
C LYS A 281 4.74 16.35 -39.40
N ASP A 282 3.59 15.68 -39.35
CA ASP A 282 2.31 16.32 -39.05
C ASP A 282 2.01 16.39 -37.55
N LYS A 283 2.87 15.84 -36.69
CA LYS A 283 2.63 15.77 -35.26
C LYS A 283 3.44 16.86 -34.57
N LYS A 284 2.75 17.77 -33.86
CA LYS A 284 3.42 18.88 -33.19
C LYS A 284 3.34 18.69 -31.69
N LEU A 285 4.49 18.65 -31.03
CA LEU A 285 4.54 18.57 -29.57
C LEU A 285 4.85 19.90 -28.90
N LEU A 286 5.51 20.82 -29.61
CA LEU A 286 5.97 22.07 -29.03
C LEU A 286 6.10 23.13 -30.13
N GLY A 287 6.01 24.40 -29.74
CA GLY A 287 6.28 25.48 -30.67
C GLY A 287 7.77 25.68 -30.91
N ARG A 288 8.10 26.19 -32.09
CA ARG A 288 9.51 26.33 -32.45
C ARG A 288 10.24 27.25 -31.48
N LYS A 289 9.58 28.32 -30.98
CA LYS A 289 10.27 29.21 -30.05
C LYS A 289 10.53 28.53 -28.71
N THR A 290 9.66 27.61 -28.31
CA THR A 290 9.88 26.84 -27.09
C THR A 290 11.11 25.93 -27.21
N VAL A 291 11.25 25.22 -28.34
CA VAL A 291 12.41 24.36 -28.52
C VAL A 291 13.68 25.18 -28.63
N GLU A 292 13.63 26.37 -29.26
CA GLU A 292 14.82 27.22 -29.31
C GLU A 292 15.30 27.59 -27.92
N ALA A 293 14.38 27.89 -27.00
CA ALA A 293 14.77 28.15 -25.62
C ALA A 293 15.27 26.87 -24.94
N MET A 294 14.65 25.72 -25.20
CA MET A 294 15.14 24.49 -24.57
C MET A 294 16.57 24.17 -24.99
N LEU A 295 16.94 24.47 -26.22
CA LEU A 295 18.26 24.14 -26.75
C LEU A 295 19.29 25.23 -26.54
N ARG A 296 18.92 26.29 -25.81
CA ARG A 296 19.78 27.40 -25.46
C ARG A 296 20.46 27.07 -24.13
N ASN A 297 21.74 27.44 -24.02
CA ASN A 297 22.43 27.27 -22.74
C ASN A 297 21.74 28.09 -21.64
N GLN A 298 21.50 27.45 -20.51
CA GLN A 298 20.78 28.06 -19.40
C GLN A 298 21.62 28.15 -18.14
N ILE A 299 22.89 27.78 -18.19
CA ILE A 299 23.71 27.68 -16.99
C ILE A 299 24.48 28.99 -16.81
N LYS A 300 24.31 29.61 -15.65
CA LYS A 300 25.05 30.82 -15.33
C LYS A 300 26.54 30.57 -15.51
N PRO A 301 27.28 31.50 -16.12
CA PRO A 301 28.69 31.25 -16.43
C PRO A 301 29.54 31.08 -15.18
N GLY A 302 30.64 30.33 -15.32
CA GLY A 302 31.59 30.12 -14.25
C GLY A 302 31.21 29.08 -13.21
N LEU A 303 29.98 28.55 -13.24
CA LEU A 303 29.60 27.57 -12.23
C LEU A 303 30.41 26.29 -12.38
N PRO A 304 30.82 25.67 -11.28
CA PRO A 304 31.37 24.32 -11.34
C PRO A 304 30.32 23.31 -11.74
N PHE A 305 30.79 22.21 -12.36
CA PHE A 305 29.94 21.11 -12.82
C PHE A 305 30.35 19.83 -12.10
N TYR A 306 29.39 19.13 -11.53
CA TYR A 306 29.68 17.88 -10.84
C TYR A 306 28.74 16.80 -11.34
N PHE A 307 29.27 15.60 -11.53
CA PHE A 307 28.45 14.44 -11.81
C PHE A 307 28.86 13.31 -10.86
N PHE A 308 27.91 12.85 -10.06
CA PHE A 308 28.12 11.75 -9.11
C PHE A 308 29.32 12.01 -8.22
N GLY A 309 29.44 13.24 -7.72
CA GLY A 309 30.51 13.62 -6.84
C GLY A 309 31.82 13.97 -7.50
N ALA A 310 32.03 13.59 -8.78
CA ALA A 310 33.29 14.00 -9.39
C ALA A 310 33.10 15.24 -10.26
N PRO A 311 34.10 16.13 -10.29
CA PRO A 311 34.02 17.29 -11.18
C PRO A 311 33.92 16.85 -12.63
N ARG A 312 33.19 17.62 -13.40
CA ARG A 312 32.95 17.32 -14.80
C ARG A 312 33.33 18.55 -15.61
N GLU A 313 33.69 18.32 -16.87
CA GLU A 313 34.03 19.43 -17.74
C GLU A 313 32.79 20.30 -17.94
N GLU A 314 32.99 21.62 -17.86
CA GLU A 314 31.88 22.53 -18.06
C GLU A 314 31.45 22.52 -19.53
N GLY A 315 30.16 22.77 -19.76
CA GLY A 315 29.61 22.82 -21.09
C GLY A 315 28.17 23.30 -21.01
N GLY A 316 27.64 23.70 -22.15
CA GLY A 316 26.29 24.22 -22.17
C GLY A 316 25.26 23.18 -21.74
N PHE A 317 24.19 23.64 -21.12
CA PHE A 317 23.08 22.76 -20.78
C PHE A 317 21.79 23.56 -20.89
N GLY A 318 20.82 23.02 -21.63
CA GLY A 318 19.56 23.70 -21.86
C GLY A 318 18.48 23.39 -20.83
N LEU A 319 17.23 23.31 -21.28
CA LEU A 319 16.08 23.07 -20.38
C LEU A 319 15.83 21.57 -20.33
N GLY A 320 16.67 20.88 -19.56
CA GLY A 320 16.61 19.43 -19.47
C GLY A 320 17.28 18.69 -20.62
N ILE A 321 18.06 19.38 -21.46
CA ILE A 321 18.70 18.81 -22.63
C ILE A 321 20.17 19.18 -22.58
N ASN A 322 21.06 18.24 -22.89
CA ASN A 322 22.50 18.57 -22.84
C ASN A 322 22.96 19.21 -24.14
N LEU A 323 23.88 20.18 -24.03
CA LEU A 323 24.50 20.78 -25.21
C LEU A 323 25.96 20.42 -25.33
N TRP A 324 26.44 19.51 -24.49
CA TRP A 324 27.80 19.01 -24.46
C TRP A 324 27.76 17.49 -24.43
N PRO A 325 28.67 16.80 -25.14
CA PRO A 325 29.79 17.34 -25.92
C PRO A 325 29.37 17.83 -27.31
N ALA A 326 30.05 18.86 -27.77
CA ALA A 326 29.83 19.53 -29.05
C ALA A 326 31.01 20.47 -29.28
N GLY A 327 31.40 20.64 -30.54
CA GLY A 327 32.49 21.54 -30.83
C GLY A 327 33.77 21.09 -30.18
N ASP A 328 34.67 22.06 -29.93
CA ASP A 328 36.00 21.83 -29.34
C ASP A 328 36.69 20.73 -30.15
N HIS A 329 37.23 19.68 -29.51
CA HIS A 329 37.92 18.61 -30.21
C HIS A 329 36.97 17.55 -30.74
N TYR A 330 35.69 17.59 -30.37
CA TYR A 330 34.71 16.64 -30.88
C TYR A 330 34.43 16.92 -32.35
N PHE A 331 33.89 15.90 -33.03
CA PHE A 331 33.48 16.08 -34.42
C PHE A 331 32.04 16.58 -34.54
N MET A 332 31.22 16.37 -33.50
CA MET A 332 29.86 16.90 -33.49
C MET A 332 29.88 18.43 -33.54
N THR A 333 29.10 19.00 -34.45
CA THR A 333 29.13 20.45 -34.63
C THR A 333 28.67 21.15 -33.37
N GLU A 334 29.19 22.35 -33.15
CA GLU A 334 28.59 23.24 -32.17
C GLU A 334 27.09 23.31 -32.41
N GLY A 335 26.30 23.32 -31.33
CA GLY A 335 24.86 23.24 -31.47
C GLY A 335 24.28 21.84 -31.37
N THR A 336 25.11 20.80 -31.45
CA THR A 336 24.62 19.44 -31.23
C THR A 336 24.05 19.30 -29.82
N PHE A 337 22.85 18.73 -29.72
CA PHE A 337 22.25 18.47 -28.43
C PHE A 337 22.09 16.96 -28.21
N SER A 338 21.90 16.58 -26.97
CA SER A 338 22.09 15.17 -26.66
C SER A 338 21.57 14.88 -25.27
N HIS A 339 21.38 13.60 -25.02
CA HIS A 339 21.25 13.13 -23.65
C HIS A 339 21.77 11.71 -23.60
N LEU A 340 22.63 11.44 -22.62
CA LEU A 340 22.98 10.06 -22.31
C LEU A 340 21.97 9.50 -21.32
N GLY A 341 22.17 8.23 -20.97
CA GLY A 341 21.36 7.55 -20.00
C GLY A 341 22.15 6.37 -19.47
N MET A 342 22.15 6.17 -18.15
CA MET A 342 22.73 4.97 -17.56
C MET A 342 22.07 3.76 -18.18
N GLY A 343 22.87 2.74 -18.48
CA GLY A 343 22.33 1.60 -19.19
C GLY A 343 23.27 0.81 -20.06
N TRP A 344 23.85 1.42 -21.11
CA TRP A 344 23.69 2.85 -21.42
C TRP A 344 22.97 3.06 -22.75
N CYS A 345 22.36 4.23 -22.93
CA CYS A 345 21.82 4.61 -24.22
C CYS A 345 22.05 6.09 -24.41
N GLY A 346 21.83 6.57 -25.64
CA GLY A 346 22.09 7.96 -25.96
C GLY A 346 21.30 8.44 -27.16
N MET A 347 21.09 9.75 -27.21
CA MET A 347 20.57 10.38 -28.42
C MET A 347 21.38 11.64 -28.64
N PHE A 348 21.79 11.83 -29.89
CA PHE A 348 22.66 12.92 -30.28
C PHE A 348 22.09 13.43 -31.58
N SER A 349 21.89 14.75 -31.68
CA SER A 349 21.35 15.29 -32.91
C SER A 349 22.08 16.58 -33.22
N ASP A 350 22.53 16.70 -34.47
CA ASP A 350 23.37 17.78 -34.95
C ASP A 350 22.57 18.55 -35.97
N PRO A 351 21.92 19.67 -35.59
CA PRO A 351 21.07 20.39 -36.56
C PRO A 351 21.84 20.92 -37.76
N ALA A 352 23.09 21.35 -37.56
CA ALA A 352 23.87 21.88 -38.67
C ALA A 352 24.04 20.86 -39.78
N GLU A 353 24.00 19.56 -39.48
CA GLU A 353 24.15 18.51 -40.48
C GLU A 353 22.89 17.70 -40.70
N ASP A 354 21.77 18.10 -40.11
CA ASP A 354 20.48 17.40 -40.25
C ASP A 354 20.58 15.93 -39.85
N PHE A 355 21.36 15.65 -38.80
CA PHE A 355 21.90 14.32 -38.55
C PHE A 355 21.55 13.87 -37.13
N THR A 356 21.06 12.65 -36.98
CA THR A 356 20.72 12.13 -35.67
C THR A 356 21.28 10.73 -35.51
N TYR A 357 21.80 10.44 -34.32
CA TYR A 357 22.34 9.13 -33.97
C TYR A 357 21.80 8.72 -32.61
N VAL A 358 21.07 7.61 -32.54
CA VAL A 358 20.63 7.04 -31.27
C VAL A 358 21.20 5.63 -31.14
N PHE A 359 21.38 5.19 -29.90
CA PHE A 359 22.06 3.92 -29.69
C PHE A 359 21.71 3.35 -28.34
N PHE A 360 21.77 2.02 -28.26
CA PHE A 360 21.74 1.28 -27.01
C PHE A 360 23.06 0.53 -26.89
N THR A 361 23.76 0.71 -25.77
CA THR A 361 24.93 -0.12 -25.43
C THR A 361 24.75 -0.64 -24.01
N PRO A 362 23.98 -1.72 -23.84
CA PRO A 362 23.70 -2.21 -22.48
C PRO A 362 24.97 -2.76 -21.85
N ILE A 363 25.27 -2.27 -20.65
CA ILE A 363 26.56 -2.54 -20.02
C ILE A 363 26.44 -2.27 -18.53
N SER A 364 27.25 -2.97 -17.74
CA SER A 364 27.14 -2.91 -16.28
C SER A 364 27.63 -1.57 -15.71
N GLU A 365 28.76 -1.06 -16.20
CA GLU A 365 29.34 0.20 -15.75
C GLU A 365 29.64 1.08 -16.96
N PHE A 366 30.01 2.33 -16.69
CA PHE A 366 30.34 3.23 -17.79
C PHE A 366 31.69 2.86 -18.40
N HIS A 367 31.83 3.19 -19.69
CA HIS A 367 33.02 2.93 -20.49
C HIS A 367 32.98 3.86 -21.70
N PRO A 368 33.85 4.88 -21.77
CA PRO A 368 33.77 5.84 -22.89
C PRO A 368 33.94 5.19 -24.25
N HIS A 369 34.70 4.08 -24.31
CA HIS A 369 34.96 3.39 -25.57
C HIS A 369 33.68 2.82 -26.18
N ALA A 370 32.77 2.33 -25.34
CA ALA A 370 31.49 1.81 -25.82
C ALA A 370 30.44 2.89 -25.94
N VAL A 371 30.52 3.94 -25.13
CA VAL A 371 29.46 4.91 -25.05
C VAL A 371 29.76 6.15 -25.89
N LEU A 372 30.97 6.69 -25.80
CA LEU A 372 31.27 7.98 -26.45
C LEU A 372 32.17 7.89 -27.67
N THR A 373 33.18 7.03 -27.65
CA THR A 373 34.05 6.86 -28.81
C THR A 373 33.33 6.57 -30.12
N PRO A 374 32.21 5.83 -30.16
CA PRO A 374 31.56 5.60 -31.46
C PRO A 374 31.07 6.87 -32.11
N LEU A 375 30.85 7.93 -31.34
CA LEU A 375 30.41 9.18 -31.96
C LEU A 375 31.48 9.76 -32.86
N ASN A 376 32.76 9.53 -32.52
CA ASN A 376 33.86 9.92 -33.42
C ASN A 376 33.73 9.20 -34.75
N ILE A 377 33.52 7.87 -34.70
CA ILE A 377 33.41 7.06 -35.91
C ILE A 377 32.25 7.56 -36.77
N VAL A 378 31.11 7.84 -36.14
CA VAL A 378 29.92 8.23 -36.90
C VAL A 378 30.11 9.59 -37.56
N TRP A 379 30.51 10.61 -36.79
CA TRP A 379 30.57 11.94 -37.37
C TRP A 379 31.71 12.07 -38.38
N ALA A 380 32.76 11.25 -38.24
CA ALA A 380 33.79 11.22 -39.27
C ALA A 380 33.28 10.69 -40.60
N GLY A 381 32.07 10.13 -40.65
CA GLY A 381 31.53 9.68 -41.92
C GLY A 381 30.67 10.70 -42.64
N ILE A 382 30.33 11.81 -41.98
CA ILE A 382 29.42 12.78 -42.57
C ILE A 382 30.10 13.52 -43.71
N GLU A 383 29.51 13.46 -44.87
CA GLU A 383 29.97 14.18 -46.05
C GLU A 383 29.02 15.33 -46.36
N LEU A 384 29.34 16.10 -47.39
CA LEU A 384 28.59 17.32 -47.70
C LEU A 384 27.34 17.00 -48.52
N ASN B 27 -17.20 -24.10 -2.07
CA ASN B 27 -16.58 -22.80 -2.27
C ASN B 27 -17.05 -22.21 -3.63
N PRO B 28 -16.81 -22.90 -4.77
CA PRO B 28 -17.50 -22.48 -6.00
C PRO B 28 -18.92 -22.98 -6.09
N ALA B 29 -19.38 -23.79 -5.13
CA ALA B 29 -20.71 -24.39 -5.15
C ALA B 29 -20.99 -25.06 -6.49
N PHE B 30 -20.14 -26.02 -6.82
CA PHE B 30 -20.23 -26.73 -8.09
C PHE B 30 -20.07 -28.22 -7.82
N ASP B 31 -20.90 -29.02 -8.49
CA ASP B 31 -20.89 -30.47 -8.36
C ASP B 31 -19.76 -31.01 -9.24
N MET B 32 -18.62 -31.36 -8.62
CA MET B 32 -17.44 -31.73 -9.40
C MET B 32 -17.63 -33.01 -10.20
N LYS B 33 -18.68 -33.80 -9.95
CA LYS B 33 -18.95 -34.92 -10.85
C LYS B 33 -19.15 -34.43 -12.28
N GLN B 34 -19.65 -33.20 -12.48
CA GLN B 34 -19.79 -32.68 -13.82
C GLN B 34 -18.43 -32.36 -14.44
N ILE B 35 -17.43 -32.01 -13.63
CA ILE B 35 -16.08 -31.83 -14.16
C ILE B 35 -15.57 -33.15 -14.73
N ASN B 36 -15.78 -34.25 -14.01
CA ASN B 36 -15.41 -35.55 -14.55
C ASN B 36 -16.20 -35.88 -15.80
N ALA B 37 -17.50 -35.59 -15.79
CA ALA B 37 -18.30 -35.84 -16.99
C ALA B 37 -17.79 -35.01 -18.16
N LEU B 38 -17.41 -33.75 -17.90
CA LEU B 38 -16.90 -32.85 -18.93
C LEU B 38 -15.57 -33.33 -19.52
N ASN B 39 -14.61 -33.67 -18.66
CA ASN B 39 -13.33 -34.19 -19.15
C ASN B 39 -13.54 -35.41 -20.03
N GLY B 40 -14.37 -36.35 -19.57
CA GLY B 40 -14.63 -37.54 -20.36
C GLY B 40 -15.31 -37.23 -21.68
N HIS B 41 -16.21 -36.26 -21.70
CA HIS B 41 -16.87 -35.90 -22.95
C HIS B 41 -15.86 -35.43 -23.99
N TYR B 42 -14.97 -34.53 -23.61
CA TYR B 42 -13.96 -34.06 -24.55
C TYR B 42 -12.98 -35.20 -24.88
N GLN B 43 -12.50 -35.92 -23.85
CA GLN B 43 -11.49 -36.95 -24.12
C GLN B 43 -12.04 -38.02 -25.04
N THR B 44 -13.34 -38.33 -24.93
CA THR B 44 -13.94 -39.34 -25.80
C THR B 44 -13.92 -38.89 -27.26
N MET B 45 -14.22 -37.62 -27.49
CA MET B 45 -14.15 -37.08 -28.85
C MET B 45 -12.71 -37.09 -29.39
N ILE B 46 -11.73 -36.75 -28.54
CA ILE B 46 -10.34 -36.85 -28.98
C ILE B 46 -9.98 -38.30 -29.24
N ASP B 47 -10.41 -39.22 -28.37
CA ASP B 47 -10.14 -40.64 -28.58
C ASP B 47 -10.68 -41.12 -29.91
N ASN B 48 -11.87 -40.64 -30.30
CA ASN B 48 -12.49 -41.14 -31.52
C ASN B 48 -11.99 -40.45 -32.78
N GLY B 49 -11.17 -39.40 -32.64
CA GLY B 49 -10.68 -38.67 -33.79
C GLY B 49 -11.57 -37.54 -34.27
N ASP B 50 -12.55 -37.12 -33.48
CA ASP B 50 -13.45 -36.06 -33.93
C ASP B 50 -12.80 -34.70 -33.82
N LEU B 51 -11.85 -34.53 -32.88
CA LEU B 51 -11.01 -33.34 -32.84
C LEU B 51 -9.71 -33.71 -32.15
N GLN B 52 -8.68 -32.89 -32.39
CA GLN B 52 -7.34 -33.18 -31.90
C GLN B 52 -7.17 -32.86 -30.43
N CYS B 53 -7.80 -31.80 -29.94
CA CYS B 53 -7.51 -31.36 -28.58
C CYS B 53 -8.63 -30.42 -28.14
N ALA B 54 -8.64 -30.10 -26.85
CA ALA B 54 -9.69 -29.26 -26.28
C ALA B 54 -9.19 -28.72 -24.94
N SER B 55 -9.75 -27.57 -24.53
CA SER B 55 -9.38 -26.98 -23.25
C SER B 55 -10.51 -26.08 -22.78
N TYR B 56 -10.50 -25.77 -21.49
CA TYR B 56 -11.60 -24.98 -20.93
C TYR B 56 -11.15 -24.37 -19.61
N MET B 57 -11.90 -23.37 -19.16
CA MET B 57 -11.59 -22.70 -17.90
C MET B 57 -12.90 -22.12 -17.38
N MET B 58 -13.21 -22.38 -16.10
CA MET B 58 -14.49 -21.92 -15.56
C MET B 58 -14.28 -21.32 -14.18
N SER B 59 -15.13 -20.35 -13.82
CA SER B 59 -14.98 -19.65 -12.55
C SER B 59 -16.35 -19.36 -11.97
N ARG B 60 -16.35 -19.09 -10.66
CA ARG B 60 -17.51 -18.54 -10.00
C ARG B 60 -17.02 -17.36 -9.18
N GLY B 61 -17.74 -16.23 -9.26
CA GLY B 61 -17.34 -15.06 -8.50
C GLY B 61 -15.92 -14.60 -8.80
N GLY B 62 -15.49 -14.76 -10.05
CA GLY B 62 -14.15 -14.33 -10.41
C GLY B 62 -13.02 -15.26 -10.04
N GLU B 63 -13.30 -16.39 -9.38
CA GLU B 63 -12.26 -17.33 -8.97
C GLU B 63 -12.38 -18.59 -9.84
N VAL B 64 -11.35 -18.83 -10.65
CA VAL B 64 -11.28 -20.06 -11.43
C VAL B 64 -11.22 -21.25 -10.49
N PHE B 65 -12.07 -22.24 -10.72
CA PHE B 65 -12.03 -23.43 -9.89
C PHE B 65 -11.85 -24.72 -10.69
N ALA B 66 -11.87 -24.65 -12.02
CA ALA B 66 -11.55 -25.83 -12.82
C ALA B 66 -11.08 -25.38 -14.18
N ALA B 67 -9.98 -25.98 -14.64
CA ALA B 67 -9.38 -25.63 -15.91
C ALA B 67 -8.60 -26.85 -16.36
N GLU B 68 -8.80 -27.29 -17.59
CA GLU B 68 -8.12 -28.47 -18.09
C GLU B 68 -7.81 -28.28 -19.57
N SER B 69 -6.72 -28.90 -20.03
CA SER B 69 -6.44 -28.99 -21.45
C SER B 69 -6.20 -30.45 -21.80
N LEU B 70 -6.71 -30.88 -22.96
CA LEU B 70 -6.64 -32.28 -23.37
C LEU B 70 -6.12 -32.41 -24.79
N GLY B 71 -5.40 -33.51 -25.04
CA GLY B 71 -5.01 -33.85 -26.39
C GLY B 71 -3.76 -33.13 -26.85
N GLU B 72 -3.55 -33.21 -28.16
CA GLU B 72 -2.33 -32.74 -28.79
C GLU B 72 -2.69 -32.11 -30.12
N PHE B 73 -1.73 -31.43 -30.76
CA PHE B 73 -2.06 -30.77 -32.01
C PHE B 73 -0.91 -30.86 -32.99
N THR B 74 -1.29 -30.93 -34.27
CA THR B 74 -0.35 -30.81 -35.37
C THR B 74 -1.12 -30.37 -36.61
N GLY B 75 -0.47 -29.53 -37.43
CA GLY B 75 -0.97 -29.26 -38.77
C GLY B 75 -0.57 -30.33 -39.76
N GLY B 76 -0.46 -31.58 -39.29
CA GLY B 76 0.02 -32.71 -40.09
C GLY B 76 1.52 -32.82 -40.18
N GLN B 77 2.24 -32.02 -39.40
CA GLN B 77 3.62 -31.70 -39.65
C GLN B 77 4.56 -32.36 -38.65
N LYS B 78 4.97 -31.53 -37.70
CA LYS B 78 5.86 -31.88 -36.62
C LYS B 78 5.30 -33.07 -35.85
N GLU B 79 6.15 -33.65 -35.01
CA GLU B 79 5.64 -34.43 -33.90
C GLU B 79 4.57 -33.63 -33.17
N LYS B 80 3.58 -34.33 -32.63
CA LYS B 80 2.50 -33.65 -31.93
C LYS B 80 3.05 -32.86 -30.75
N GLN B 81 2.38 -31.77 -30.42
CA GLN B 81 2.67 -31.03 -29.21
C GLN B 81 1.48 -31.11 -28.26
N THR B 82 1.77 -31.13 -26.96
CA THR B 82 0.73 -31.16 -25.95
C THR B 82 -0.07 -29.88 -25.96
N PHE B 83 -1.39 -30.00 -25.98
CA PHE B 83 -2.26 -28.82 -25.84
C PHE B 83 -2.25 -28.39 -24.38
N GLN B 84 -1.86 -27.14 -24.12
CA GLN B 84 -1.67 -26.63 -22.76
C GLN B 84 -2.68 -25.54 -22.44
N LEU B 85 -2.83 -25.27 -21.14
CA LEU B 85 -3.74 -24.20 -20.72
C LEU B 85 -3.30 -22.84 -21.24
N ASP B 86 -1.98 -22.62 -21.38
CA ASP B 86 -1.48 -21.35 -21.89
C ASP B 86 -1.10 -21.42 -23.38
N THR B 87 -1.62 -22.41 -24.11
CA THR B 87 -1.33 -22.47 -25.54
C THR B 87 -2.07 -21.36 -26.27
N ILE B 88 -1.36 -20.64 -27.12
CA ILE B 88 -1.96 -19.61 -27.95
C ILE B 88 -2.73 -20.27 -29.09
N ARG B 89 -3.86 -19.67 -29.45
CA ARG B 89 -4.75 -20.26 -30.45
C ARG B 89 -5.62 -19.15 -31.01
N GLU B 90 -5.78 -19.14 -32.33
CA GLU B 90 -6.62 -18.15 -32.96
C GLU B 90 -8.06 -18.23 -32.44
N ILE B 91 -8.68 -17.06 -32.28
CA ILE B 91 -10.04 -17.04 -31.75
C ILE B 91 -11.07 -16.72 -32.83
N GLY B 92 -10.64 -16.54 -34.08
CA GLY B 92 -11.54 -16.27 -35.18
C GLY B 92 -12.43 -15.08 -34.89
N SER B 93 -13.73 -15.24 -35.13
CA SER B 93 -14.66 -14.11 -35.03
C SER B 93 -14.97 -13.68 -33.60
N LEU B 94 -14.31 -14.28 -32.62
CA LEU B 94 -14.41 -13.78 -31.26
C LEU B 94 -13.67 -12.43 -31.23
N THR B 95 -12.77 -12.25 -32.21
CA THR B 95 -12.15 -10.95 -32.43
C THR B 95 -13.19 -9.83 -32.48
N LYS B 96 -14.36 -10.13 -33.06
CA LYS B 96 -15.41 -9.11 -33.14
C LYS B 96 -15.72 -8.47 -31.79
N VAL B 97 -15.57 -9.20 -30.68
CA VAL B 97 -15.89 -8.63 -29.36
C VAL B 97 -14.87 -7.56 -28.98
N PHE B 98 -13.58 -7.79 -29.27
CA PHE B 98 -12.60 -6.73 -29.08
C PHE B 98 -12.97 -5.49 -29.90
N THR B 99 -13.41 -5.70 -31.14
CA THR B 99 -13.79 -4.58 -31.99
C THR B 99 -14.95 -3.80 -31.38
N ALA B 100 -15.95 -4.51 -30.85
CA ALA B 100 -17.11 -3.87 -30.22
C ALA B 100 -16.70 -3.06 -29.00
N VAL B 101 -15.79 -3.59 -28.18
CA VAL B 101 -15.31 -2.81 -27.04
C VAL B 101 -14.65 -1.53 -27.53
N ALA B 102 -13.88 -1.62 -28.62
CA ALA B 102 -13.20 -0.44 -29.17
C ALA B 102 -14.20 0.61 -29.61
N VAL B 103 -15.20 0.19 -30.39
CA VAL B 103 -16.24 1.12 -30.83
C VAL B 103 -16.89 1.79 -29.63
N MET B 104 -17.25 1.00 -28.60
CA MET B 104 -17.91 1.58 -27.45
C MET B 104 -16.99 2.49 -26.64
N GLN B 105 -15.69 2.20 -26.60
CA GLN B 105 -14.75 3.11 -25.95
C GLN B 105 -14.79 4.48 -26.63
N LEU B 106 -14.85 4.48 -27.96
CA LEU B 106 -14.88 5.73 -28.70
C LEU B 106 -16.22 6.46 -28.55
N VAL B 107 -17.31 5.74 -28.24
CA VAL B 107 -18.56 6.43 -27.92
C VAL B 107 -18.43 7.14 -26.57
N GLU B 108 -17.88 6.44 -25.57
CA GLU B 108 -17.60 7.06 -24.27
C GLU B 108 -16.79 8.34 -24.38
N LYS B 109 -15.94 8.45 -25.41
CA LYS B 109 -15.10 9.62 -25.60
C LYS B 109 -15.80 10.69 -26.41
N GLY B 110 -17.03 10.46 -26.85
CA GLY B 110 -17.71 11.41 -27.70
C GLY B 110 -17.22 11.42 -29.13
N LEU B 111 -16.30 10.53 -29.50
CA LEU B 111 -15.75 10.55 -30.84
C LEU B 111 -16.64 9.86 -31.85
N LEU B 112 -17.48 8.91 -31.41
CA LEU B 112 -18.46 8.26 -32.25
C LEU B 112 -19.82 8.36 -31.58
N ASP B 113 -20.86 8.23 -32.40
CA ASP B 113 -22.21 8.05 -31.92
C ASP B 113 -22.81 6.92 -32.73
N LEU B 114 -23.47 5.98 -32.06
CA LEU B 114 -23.94 4.80 -32.80
C LEU B 114 -24.98 5.13 -33.85
N LYS B 115 -25.60 6.33 -33.78
CA LYS B 115 -26.56 6.76 -34.80
C LYS B 115 -25.89 7.54 -35.94
N MET B 116 -24.59 7.77 -35.86
CA MET B 116 -23.88 8.36 -36.99
C MET B 116 -24.06 7.49 -38.23
N PRO B 117 -24.45 8.05 -39.36
CA PRO B 117 -24.37 7.28 -40.61
C PRO B 117 -22.91 6.99 -40.90
N VAL B 118 -22.67 5.83 -41.51
CA VAL B 118 -21.30 5.45 -41.85
C VAL B 118 -20.72 6.45 -42.85
N LYS B 119 -21.56 7.01 -43.72
CA LYS B 119 -21.07 7.94 -44.72
C LYS B 119 -20.47 9.20 -44.11
N LEU B 120 -20.81 9.52 -42.86
CA LEU B 120 -20.20 10.67 -42.19
C LEU B 120 -18.70 10.47 -42.01
N ILE B 121 -18.29 9.23 -41.72
CA ILE B 121 -16.88 8.91 -41.52
C ILE B 121 -16.24 8.43 -42.82
N LEU B 122 -16.92 7.56 -43.56
CA LEU B 122 -16.40 7.02 -44.81
C LEU B 122 -17.24 7.56 -45.95
N PRO B 123 -16.84 8.64 -46.63
CA PRO B 123 -17.73 9.28 -47.60
C PRO B 123 -18.06 8.43 -48.83
N ALA B 124 -17.35 7.31 -49.07
CA ALA B 124 -17.75 6.46 -50.18
C ALA B 124 -19.08 5.78 -49.92
N PHE B 125 -19.55 5.76 -48.66
CA PHE B 125 -20.88 5.26 -48.35
C PHE B 125 -22.00 6.24 -48.72
N ASP B 126 -21.68 7.45 -49.19
CA ASP B 126 -22.69 8.47 -49.52
C ASP B 126 -23.32 8.18 -50.88
N LYS B 127 -24.05 7.08 -50.93
CA LYS B 127 -24.75 6.65 -52.15
C LYS B 127 -26.00 5.91 -51.74
N PRO B 128 -26.93 5.69 -52.67
CA PRO B 128 -28.16 4.97 -52.33
C PRO B 128 -27.86 3.67 -51.60
N GLY B 129 -28.72 3.34 -50.64
CA GLY B 129 -28.55 2.15 -49.84
C GLY B 129 -27.48 2.27 -48.77
N PHE B 130 -26.24 2.55 -49.17
CA PHE B 130 -25.14 2.66 -48.21
C PHE B 130 -25.22 3.91 -47.36
N GLY B 131 -25.92 4.95 -47.82
CA GLY B 131 -26.07 6.16 -47.03
C GLY B 131 -27.01 6.02 -45.87
N GLU B 132 -27.77 4.91 -45.78
CA GLU B 132 -28.67 4.66 -44.66
C GLU B 132 -28.06 3.77 -43.58
N ILE B 133 -26.89 3.19 -43.82
CA ILE B 133 -26.23 2.36 -42.82
C ILE B 133 -25.66 3.25 -41.73
N LYS B 134 -26.08 3.00 -40.49
CA LYS B 134 -25.50 3.64 -39.31
C LYS B 134 -24.57 2.66 -38.58
N ILE B 135 -23.69 3.22 -37.75
CA ILE B 135 -22.77 2.40 -36.97
C ILE B 135 -23.53 1.36 -36.15
N LEU B 136 -24.68 1.76 -35.58
CA LEU B 136 -25.49 0.84 -34.81
C LEU B 136 -25.81 -0.41 -35.62
N HIS B 137 -26.13 -0.23 -36.92
CA HIS B 137 -26.42 -1.37 -37.79
C HIS B 137 -25.23 -2.32 -37.87
N LEU B 138 -24.02 -1.78 -38.04
CA LEU B 138 -22.84 -2.64 -38.16
C LEU B 138 -22.67 -3.50 -36.91
N LEU B 139 -22.75 -2.89 -35.72
CA LEU B 139 -22.56 -3.58 -34.45
C LEU B 139 -23.58 -4.68 -34.18
N THR B 140 -24.76 -4.62 -34.80
CA THR B 140 -25.85 -5.52 -34.48
C THR B 140 -26.21 -6.41 -35.65
N HIS B 141 -25.38 -6.42 -36.69
CA HIS B 141 -25.59 -7.23 -37.89
C HIS B 141 -26.97 -6.97 -38.52
N THR B 142 -27.42 -5.70 -38.49
CA THR B 142 -28.70 -5.34 -39.10
C THR B 142 -28.53 -4.32 -40.22
N ALA B 143 -27.33 -4.21 -40.79
CA ALA B 143 -27.03 -3.24 -41.84
C ALA B 143 -27.47 -3.70 -43.23
N GLY B 144 -27.87 -4.96 -43.38
CA GLY B 144 -28.24 -5.48 -44.68
C GLY B 144 -27.09 -6.03 -45.49
N LEU B 145 -25.86 -5.95 -44.98
CA LEU B 145 -24.71 -6.55 -45.63
C LEU B 145 -24.82 -8.07 -45.67
N SER B 146 -24.32 -8.65 -46.75
CA SER B 146 -24.21 -10.09 -46.88
C SER B 146 -23.18 -10.65 -45.90
N PHE B 147 -23.11 -11.98 -45.82
CA PHE B 147 -22.20 -12.63 -44.90
C PHE B 147 -20.76 -12.23 -45.16
N GLU B 148 -20.38 -12.02 -46.43
CA GLU B 148 -19.02 -11.58 -46.73
C GLU B 148 -18.96 -11.14 -48.18
N LEU B 149 -17.86 -10.46 -48.51
CA LEU B 149 -17.56 -10.12 -49.89
C LEU B 149 -17.06 -11.35 -50.65
N ASP B 150 -17.58 -11.54 -51.85
CA ASP B 150 -17.16 -12.64 -52.71
C ASP B 150 -15.81 -12.31 -53.33
N ILE B 151 -14.77 -13.07 -52.94
CA ILE B 151 -13.41 -12.73 -53.33
C ILE B 151 -13.05 -13.15 -54.74
N GLN B 152 -13.85 -14.01 -55.38
CA GLN B 152 -13.55 -14.43 -56.75
C GLN B 152 -13.61 -13.27 -57.72
N LYS B 153 -14.39 -12.23 -57.39
CA LYS B 153 -14.51 -11.03 -58.22
C LYS B 153 -13.65 -9.88 -57.69
N ALA B 154 -12.71 -10.18 -56.78
CA ALA B 154 -11.88 -9.16 -56.14
C ALA B 154 -10.42 -9.23 -56.54
N GLU B 155 -10.04 -10.11 -57.45
CA GLU B 155 -8.72 -10.02 -58.05
C GLU B 155 -8.61 -8.71 -58.82
N GLY B 156 -7.39 -8.21 -58.98
CA GLY B 156 -7.21 -6.88 -59.51
C GLY B 156 -7.54 -5.77 -58.55
N ILE B 157 -7.82 -6.10 -57.29
CA ILE B 157 -8.06 -5.15 -56.21
C ILE B 157 -7.18 -5.55 -55.05
N ASP B 158 -6.51 -4.58 -54.44
CA ASP B 158 -5.71 -4.82 -53.24
C ASP B 158 -6.67 -4.78 -52.05
N LEU B 159 -7.13 -5.96 -51.64
CA LEU B 159 -8.08 -6.03 -50.52
C LEU B 159 -7.44 -5.66 -49.19
N THR B 160 -6.10 -5.57 -49.13
CA THR B 160 -5.43 -5.06 -47.94
C THR B 160 -5.37 -3.53 -47.92
N ASN B 161 -5.61 -2.88 -49.05
CA ASN B 161 -5.63 -1.41 -49.10
C ASN B 161 -7.00 -0.90 -48.65
N GLU B 162 -6.99 -0.02 -47.65
CA GLU B 162 -8.24 0.44 -47.05
C GLU B 162 -9.16 1.08 -48.09
N GLU B 163 -8.62 1.93 -48.96
CA GLU B 163 -9.47 2.66 -49.89
C GLU B 163 -9.94 1.78 -51.04
N GLU B 164 -9.09 0.86 -51.51
CA GLU B 164 -9.54 -0.05 -52.56
C GLU B 164 -10.63 -0.98 -52.05
N TRP B 165 -10.49 -1.44 -50.79
CA TRP B 165 -11.45 -2.40 -50.24
C TRP B 165 -12.82 -1.77 -50.05
N ILE B 166 -12.86 -0.54 -49.51
CA ILE B 166 -14.13 0.17 -49.34
C ILE B 166 -14.82 0.38 -50.68
N ASN B 167 -14.07 0.84 -51.69
CA ASN B 167 -14.69 1.12 -52.98
C ASN B 167 -15.16 -0.15 -53.67
N TYR B 168 -14.53 -1.29 -53.39
CA TYR B 168 -15.08 -2.55 -53.89
C TYR B 168 -16.34 -2.94 -53.12
N LEU B 169 -16.34 -2.73 -51.81
CA LEU B 169 -17.50 -3.06 -50.99
C LEU B 169 -18.73 -2.29 -51.45
N VAL B 170 -18.59 -0.97 -51.66
CA VAL B 170 -19.73 -0.15 -52.04
C VAL B 170 -20.10 -0.36 -53.51
N SER B 171 -19.34 -1.21 -54.21
CA SER B 171 -19.64 -1.49 -55.60
C SER B 171 -20.53 -2.71 -55.79
N THR B 172 -20.70 -3.58 -54.73
CA THR B 172 -21.54 -4.78 -54.68
C THR B 172 -22.89 -4.45 -54.03
N PRO B 173 -23.95 -5.17 -54.38
CA PRO B 173 -25.28 -4.83 -53.86
C PRO B 173 -25.51 -5.34 -52.45
N LEU B 174 -26.33 -4.59 -51.70
CA LEU B 174 -26.72 -5.05 -50.37
C LEU B 174 -27.76 -6.15 -50.48
N GLU B 175 -27.69 -7.10 -49.54
CA GLU B 175 -28.66 -8.19 -49.52
C GLU B 175 -30.03 -7.70 -49.05
N TYR B 176 -30.06 -6.89 -47.99
CA TYR B 176 -31.29 -6.30 -47.48
C TYR B 176 -31.09 -4.80 -47.27
N GLY B 177 -32.19 -4.12 -46.99
CA GLY B 177 -32.11 -2.79 -46.42
C GLY B 177 -31.69 -2.89 -44.97
N VAL B 178 -31.51 -1.71 -44.34
CA VAL B 178 -31.16 -1.70 -42.93
C VAL B 178 -32.38 -2.09 -42.09
N ASP B 179 -32.12 -2.70 -40.92
CA ASP B 179 -33.18 -3.04 -39.98
C ASP B 179 -34.26 -3.92 -40.62
N GLU B 180 -33.87 -4.77 -41.57
CA GLU B 180 -34.81 -5.73 -42.15
C GLU B 180 -34.56 -7.16 -41.71
N ALA B 181 -33.33 -7.49 -41.33
CA ALA B 181 -33.03 -8.85 -40.90
C ALA B 181 -31.74 -8.84 -40.11
N TRP B 182 -31.67 -9.73 -39.11
CA TRP B 182 -30.39 -10.00 -38.46
C TRP B 182 -29.63 -10.97 -39.35
N ASN B 183 -28.52 -10.50 -39.92
CA ASN B 183 -27.74 -11.29 -40.86
C ASN B 183 -26.28 -11.16 -40.49
N TYR B 184 -25.76 -12.15 -39.78
CA TYR B 184 -24.36 -12.16 -39.36
C TYR B 184 -23.45 -11.83 -40.53
N SER B 185 -22.61 -10.81 -40.37
CA SER B 185 -21.81 -10.31 -41.47
C SER B 185 -20.36 -10.16 -41.03
N ARG B 186 -19.46 -10.85 -41.73
CA ARG B 186 -18.04 -10.59 -41.55
C ARG B 186 -17.71 -9.15 -41.97
N THR B 187 -18.30 -8.72 -43.08
CA THR B 187 -17.98 -7.42 -43.67
C THR B 187 -18.24 -6.27 -42.70
N GLY B 188 -19.32 -6.38 -41.92
CA GLY B 188 -19.72 -5.28 -41.07
C GLY B 188 -18.64 -4.92 -40.08
N PHE B 189 -17.95 -5.92 -39.53
CA PHE B 189 -16.97 -5.59 -38.50
C PHE B 189 -15.65 -5.15 -39.10
N VAL B 190 -15.38 -5.47 -40.37
CA VAL B 190 -14.24 -4.85 -41.05
C VAL B 190 -14.47 -3.35 -41.18
N ILE B 191 -15.69 -2.94 -41.52
CA ILE B 191 -16.01 -1.53 -41.63
C ILE B 191 -15.80 -0.84 -40.28
N LEU B 192 -16.23 -1.49 -39.19
CA LEU B 192 -16.03 -0.90 -37.87
C LEU B 192 -14.54 -0.70 -37.58
N GLY B 193 -13.72 -1.69 -37.93
CA GLY B 193 -12.28 -1.52 -37.80
C GLY B 193 -11.78 -0.27 -38.50
N ILE B 194 -12.25 -0.03 -39.73
CA ILE B 194 -11.81 1.13 -40.51
C ILE B 194 -12.27 2.43 -39.85
N ILE B 195 -13.51 2.46 -39.36
CA ILE B 195 -14.03 3.62 -38.63
C ILE B 195 -13.15 3.93 -37.42
N ILE B 196 -12.83 2.91 -36.63
CA ILE B 196 -11.96 3.09 -35.47
C ILE B 196 -10.65 3.74 -35.89
N SER B 197 -10.06 3.25 -36.97
CA SER B 197 -8.77 3.77 -37.36
C SER B 197 -8.89 5.19 -37.90
N LYS B 198 -10.06 5.54 -38.45
CA LYS B 198 -10.20 6.88 -39.01
C LYS B 198 -10.37 7.94 -37.94
N VAL B 199 -11.08 7.62 -36.86
CA VAL B 199 -11.28 8.65 -35.84
C VAL B 199 -10.12 8.74 -34.86
N THR B 200 -9.34 7.68 -34.68
CA THR B 200 -8.27 7.71 -33.70
C THR B 200 -6.93 8.13 -34.29
N GLY B 201 -6.77 8.04 -35.60
CA GLY B 201 -5.52 8.37 -36.23
C GLY B 201 -4.46 7.29 -36.16
N VAL B 202 -4.75 6.13 -35.59
CA VAL B 202 -3.84 5.00 -35.57
C VAL B 202 -4.49 3.85 -36.32
N SER B 203 -3.71 2.80 -36.56
CA SER B 203 -4.27 1.58 -37.14
C SER B 203 -5.26 0.94 -36.16
N TYR B 204 -6.20 0.17 -36.72
CA TYR B 204 -7.13 -0.57 -35.88
C TYR B 204 -6.40 -1.46 -34.88
N GLU B 205 -5.37 -2.16 -35.35
CA GLU B 205 -4.67 -3.13 -34.49
C GLU B 205 -3.93 -2.43 -33.36
N GLN B 206 -3.34 -1.26 -33.66
CA GLN B 206 -2.65 -0.50 -32.63
C GLN B 206 -3.63 0.02 -31.58
N TYR B 207 -4.79 0.50 -32.01
CA TYR B 207 -5.73 0.99 -31.01
C TYR B 207 -6.16 -0.14 -30.08
N VAL B 208 -6.53 -1.29 -30.65
CA VAL B 208 -7.03 -2.40 -29.85
C VAL B 208 -5.93 -2.98 -28.97
N THR B 209 -4.71 -3.14 -29.51
CA THR B 209 -3.59 -3.60 -28.71
C THR B 209 -3.36 -2.68 -27.51
N LYS B 210 -3.26 -1.37 -27.74
CA LYS B 210 -2.89 -0.48 -26.64
C LYS B 210 -4.05 -0.22 -25.68
N HIS B 211 -5.28 -0.08 -26.16
CA HIS B 211 -6.34 0.34 -25.26
C HIS B 211 -7.30 -0.76 -24.85
N ILE B 212 -7.05 -2.01 -25.25
CA ILE B 212 -7.87 -3.16 -24.80
C ILE B 212 -6.95 -4.30 -24.37
N ILE B 213 -6.16 -4.82 -25.31
CA ILE B 213 -5.31 -5.98 -25.00
C ILE B 213 -4.39 -5.64 -23.82
N GLU B 214 -3.60 -4.57 -23.95
CA GLU B 214 -2.67 -4.24 -22.88
C GLU B 214 -3.36 -3.58 -21.69
N ALA B 215 -4.39 -2.74 -21.93
CA ALA B 215 -5.12 -2.15 -20.81
C ALA B 215 -5.79 -3.21 -19.94
N LEU B 216 -6.14 -4.37 -20.51
CA LEU B 216 -6.74 -5.46 -19.73
C LEU B 216 -5.71 -6.34 -19.05
N GLY B 217 -4.42 -6.13 -19.33
CA GLY B 217 -3.39 -7.02 -18.78
C GLY B 217 -3.43 -8.42 -19.36
N LEU B 218 -3.77 -8.55 -20.65
CA LEU B 218 -3.72 -9.85 -21.30
C LEU B 218 -2.28 -10.32 -21.44
N GLU B 219 -2.07 -11.63 -21.42
CA GLU B 219 -0.71 -12.15 -21.37
C GLU B 219 -0.24 -12.77 -22.68
N ARG B 220 -1.15 -13.29 -23.49
CA ARG B 220 -0.78 -14.13 -24.63
C ARG B 220 -1.71 -13.86 -25.80
N THR B 221 -2.07 -12.61 -26.01
CA THR B 221 -3.01 -12.19 -27.04
C THR B 221 -2.30 -11.26 -28.00
N TYR B 222 -2.35 -11.59 -29.29
CA TYR B 222 -1.61 -10.83 -30.30
C TYR B 222 -2.37 -10.85 -31.61
N PHE B 223 -2.33 -9.73 -32.33
CA PHE B 223 -2.74 -9.75 -33.73
C PHE B 223 -1.70 -10.44 -34.59
N TYR B 224 -0.42 -10.34 -34.22
CA TYR B 224 0.64 -11.03 -34.94
C TYR B 224 1.56 -11.64 -33.90
N VAL B 225 1.61 -12.96 -33.91
CA VAL B 225 2.32 -13.70 -32.87
C VAL B 225 3.82 -13.51 -33.05
N PRO B 226 4.56 -13.15 -31.99
CA PRO B 226 6.02 -13.08 -32.10
C PRO B 226 6.61 -14.37 -32.63
N ASP B 227 7.63 -14.22 -33.49
CA ASP B 227 8.32 -15.38 -34.07
C ASP B 227 8.72 -16.38 -32.98
N THR B 228 9.21 -15.88 -31.85
CA THR B 228 9.65 -16.76 -30.78
C THR B 228 8.52 -17.60 -30.18
N LEU B 229 7.26 -17.24 -30.43
CA LEU B 229 6.12 -17.94 -29.87
C LEU B 229 5.39 -18.80 -30.89
N LYS B 230 5.72 -18.63 -32.18
CA LYS B 230 4.91 -19.24 -33.23
C LYS B 230 4.86 -20.76 -33.10
N GLU B 231 5.97 -21.39 -32.69
CA GLU B 231 6.01 -22.84 -32.69
C GLU B 231 5.14 -23.44 -31.58
N GLU B 232 4.79 -22.67 -30.56
CA GLU B 232 3.87 -23.11 -29.52
C GLU B 232 2.39 -22.92 -29.89
N VAL B 233 2.09 -22.31 -31.03
CA VAL B 233 0.70 -21.95 -31.36
C VAL B 233 -0.04 -23.17 -31.87
N CYS B 234 -1.27 -23.33 -31.40
CA CYS B 234 -2.06 -24.49 -31.81
C CYS B 234 -2.57 -24.30 -33.23
N VAL B 235 -2.09 -25.12 -34.16
CA VAL B 235 -2.63 -25.20 -35.52
C VAL B 235 -3.00 -26.65 -35.82
N ILE B 236 -4.10 -26.84 -36.53
CA ILE B 236 -4.58 -28.19 -36.85
C ILE B 236 -4.67 -28.43 -38.35
N SER B 237 -4.34 -27.44 -39.18
CA SER B 237 -4.36 -27.60 -40.63
C SER B 237 -3.26 -26.76 -41.26
N GLU B 238 -2.93 -27.10 -42.51
CA GLU B 238 -1.97 -26.30 -43.27
C GLU B 238 -2.49 -24.89 -43.53
N HIS B 239 -3.81 -24.73 -43.68
CA HIS B 239 -4.33 -23.37 -43.86
C HIS B 239 -4.02 -22.51 -42.65
N GLU B 240 -4.10 -23.10 -41.44
CA GLU B 240 -3.80 -22.34 -40.23
C GLU B 240 -2.32 -21.99 -40.11
N CYS B 241 -1.41 -22.87 -40.57
CA CYS B 241 0.01 -22.48 -40.55
C CYS B 241 0.29 -21.35 -41.51
N VAL B 242 -0.30 -21.39 -42.71
CA VAL B 242 -0.13 -20.29 -43.67
C VAL B 242 -0.56 -18.97 -43.03
N GLN B 243 -1.77 -18.95 -42.47
CA GLN B 243 -2.27 -17.75 -41.80
C GLN B 243 -1.34 -17.31 -40.68
N LEU B 244 -0.84 -18.26 -39.87
CA LEU B 244 0.05 -17.91 -38.78
C LEU B 244 1.29 -17.17 -39.26
N GLU B 245 1.79 -17.53 -40.45
CA GLU B 245 3.00 -16.88 -40.95
C GLU B 245 2.73 -15.54 -41.60
N LYS B 246 1.49 -15.26 -42.00
CA LYS B 246 1.18 -14.04 -42.77
C LYS B 246 1.23 -12.79 -41.89
N SER B 247 1.98 -11.79 -42.37
CA SER B 247 2.16 -10.50 -41.71
C SER B 247 0.94 -9.60 -41.83
N HIS B 248 -0.02 -9.95 -42.69
CA HIS B 248 -1.24 -9.18 -42.90
C HIS B 248 -2.43 -10.15 -42.95
N HIS B 249 -3.63 -9.60 -42.96
CA HIS B 249 -4.80 -10.43 -43.28
C HIS B 249 -4.82 -10.70 -44.78
N PRO B 250 -5.14 -11.93 -45.20
CA PRO B 250 -5.08 -12.25 -46.63
C PRO B 250 -5.96 -11.36 -47.51
N TYR B 251 -7.20 -11.09 -47.11
CA TYR B 251 -8.14 -10.38 -47.97
C TYR B 251 -8.97 -9.36 -47.18
N PHE B 252 -8.35 -8.63 -46.26
CA PHE B 252 -9.01 -7.57 -45.51
C PHE B 252 -7.98 -6.51 -45.15
N PRO B 253 -8.39 -5.24 -45.06
CA PRO B 253 -7.44 -4.19 -44.63
C PRO B 253 -7.19 -4.14 -43.14
N ASN B 254 -7.76 -5.05 -42.36
CA ASN B 254 -7.53 -5.06 -40.92
C ASN B 254 -7.94 -6.42 -40.39
N LYS B 255 -7.66 -6.66 -39.12
CA LYS B 255 -8.08 -7.90 -38.46
C LYS B 255 -9.24 -7.66 -37.51
N ALA B 256 -10.16 -6.76 -37.88
CA ALA B 256 -11.22 -6.37 -36.96
C ALA B 256 -12.39 -7.36 -36.92
N THR B 257 -12.55 -8.19 -37.96
CA THR B 257 -13.60 -9.20 -37.96
C THR B 257 -13.09 -10.57 -37.52
N SER B 258 -11.79 -10.82 -37.64
CA SER B 258 -11.16 -12.10 -37.36
C SER B 258 -9.65 -11.89 -37.39
N GLY B 259 -8.91 -12.75 -36.69
CA GLY B 259 -7.48 -12.72 -36.85
C GLY B 259 -6.68 -12.59 -35.57
N LEU B 260 -7.36 -12.42 -34.44
CA LEU B 260 -6.67 -12.39 -33.16
C LEU B 260 -6.27 -13.79 -32.72
N TYR B 261 -5.09 -13.88 -32.09
CA TYR B 261 -4.60 -15.05 -31.39
C TYR B 261 -4.65 -14.77 -29.90
N SER B 262 -5.10 -15.74 -29.11
CA SER B 262 -5.33 -15.47 -27.69
C SER B 262 -5.15 -16.76 -26.88
N SER B 263 -5.62 -16.74 -25.63
CA SER B 263 -5.43 -17.87 -24.73
C SER B 263 -6.61 -17.93 -23.76
N LEU B 264 -6.74 -19.07 -23.08
CA LEU B 264 -7.90 -19.30 -22.21
C LEU B 264 -8.05 -18.19 -21.17
N ARG B 265 -6.98 -17.92 -20.41
CA ARG B 265 -7.09 -16.97 -19.32
C ARG B 265 -7.40 -15.56 -19.85
N ASP B 266 -6.83 -15.22 -21.01
CA ASP B 266 -7.11 -13.90 -21.58
C ASP B 266 -8.59 -13.77 -21.98
N ILE B 267 -9.15 -14.79 -22.63
CA ILE B 267 -10.57 -14.77 -23.01
C ILE B 267 -11.45 -14.73 -21.77
N TRP B 268 -11.05 -15.46 -20.73
CA TRP B 268 -11.78 -15.44 -19.47
C TRP B 268 -11.77 -14.04 -18.88
N LYS B 269 -10.61 -13.39 -18.88
CA LYS B 269 -10.52 -11.99 -18.47
C LYS B 269 -11.47 -11.11 -19.27
N LEU B 270 -11.54 -11.31 -20.60
CA LEU B 270 -12.46 -10.51 -21.41
C LEU B 270 -13.90 -10.70 -20.94
N ALA B 271 -14.30 -11.95 -20.73
CA ALA B 271 -15.66 -12.25 -20.30
C ALA B 271 -15.93 -11.68 -18.92
N GLU B 272 -14.95 -11.78 -18.01
CA GLU B 272 -15.12 -11.30 -16.65
C GLU B 272 -15.18 -9.78 -16.59
N MET B 273 -14.55 -9.11 -17.56
CA MET B 273 -14.68 -7.66 -17.65
C MET B 273 -16.12 -7.27 -17.94
N PHE B 274 -16.75 -7.95 -18.91
CA PHE B 274 -18.16 -7.71 -19.17
C PHE B 274 -19.02 -8.05 -17.96
N ARG B 275 -18.78 -9.21 -17.36
CA ARG B 275 -19.59 -9.61 -16.21
C ARG B 275 -19.46 -8.64 -15.05
N ASN B 276 -18.31 -7.98 -14.91
CA ASN B 276 -18.15 -6.98 -13.86
C ASN B 276 -18.42 -5.57 -14.36
N LYS B 277 -19.15 -5.44 -15.46
CA LYS B 277 -19.62 -4.16 -15.97
C LYS B 277 -18.46 -3.19 -16.20
N GLY B 278 -17.45 -3.67 -16.92
CA GLY B 278 -16.40 -2.84 -17.46
C GLY B 278 -15.10 -2.84 -16.69
N ARG B 279 -15.03 -3.53 -15.55
N ARG B 279 -15.04 -3.51 -15.54
CA ARG B 279 -13.85 -3.52 -14.69
CA ARG B 279 -13.85 -3.53 -14.71
C ARG B 279 -13.30 -4.92 -14.54
C ARG B 279 -13.28 -4.94 -14.63
N LEU B 280 -11.97 -5.01 -14.42
CA LEU B 280 -11.26 -6.25 -14.11
C LEU B 280 -10.30 -5.88 -12.99
N LYS B 281 -10.74 -6.04 -11.74
CA LYS B 281 -10.01 -5.58 -10.56
C LYS B 281 -9.78 -4.07 -10.73
N ASP B 282 -8.54 -3.57 -10.62
CA ASP B 282 -8.26 -2.14 -10.72
C ASP B 282 -8.11 -1.64 -12.16
N LYS B 283 -8.50 -2.44 -13.15
CA LYS B 283 -8.38 -2.09 -14.56
C LYS B 283 -9.76 -1.84 -15.14
N LYS B 284 -9.96 -0.68 -15.75
CA LYS B 284 -11.26 -0.27 -16.26
C LYS B 284 -11.19 -0.06 -17.76
N LEU B 285 -11.99 -0.82 -18.49
CA LEU B 285 -12.07 -0.73 -19.94
C LEU B 285 -13.28 0.08 -20.40
N LEU B 286 -14.36 0.06 -19.63
CA LEU B 286 -15.62 0.71 -20.01
C LEU B 286 -16.39 1.06 -18.75
N GLY B 287 -17.26 2.07 -18.86
CA GLY B 287 -18.15 2.41 -17.77
C GLY B 287 -19.26 1.39 -17.60
N ARG B 288 -19.85 1.35 -16.40
CA ARG B 288 -20.86 0.33 -16.16
C ARG B 288 -22.13 0.59 -16.98
N LYS B 289 -22.48 1.87 -17.19
CA LYS B 289 -23.63 2.19 -18.02
C LYS B 289 -23.42 1.78 -19.47
N THR B 290 -22.19 1.91 -19.96
CA THR B 290 -21.87 1.46 -21.31
C THR B 290 -22.06 -0.04 -21.44
N VAL B 291 -21.58 -0.79 -20.46
CA VAL B 291 -21.66 -2.25 -20.56
C VAL B 291 -23.10 -2.71 -20.44
N GLU B 292 -23.89 -2.04 -19.58
CA GLU B 292 -25.32 -2.35 -19.49
C GLU B 292 -26.00 -2.22 -20.86
N ALA B 293 -25.64 -1.18 -21.63
CA ALA B 293 -26.23 -1.00 -22.94
C ALA B 293 -25.75 -2.07 -23.92
N MET B 294 -24.48 -2.47 -23.80
CA MET B 294 -23.94 -3.52 -24.67
C MET B 294 -24.65 -4.86 -24.45
N LEU B 295 -25.10 -5.14 -23.23
CA LEU B 295 -25.74 -6.42 -22.93
C LEU B 295 -27.26 -6.38 -23.05
N ARG B 296 -27.84 -5.22 -23.40
CA ARG B 296 -29.26 -5.15 -23.73
C ARG B 296 -29.50 -5.63 -25.15
N ASN B 297 -30.62 -6.31 -25.36
CA ASN B 297 -31.00 -6.73 -26.70
C ASN B 297 -31.30 -5.51 -27.56
N GLN B 298 -30.66 -5.42 -28.72
CA GLN B 298 -30.79 -4.26 -29.59
C GLN B 298 -31.59 -4.56 -30.86
N ILE B 299 -32.08 -5.79 -31.04
CA ILE B 299 -32.70 -6.19 -32.28
C ILE B 299 -34.20 -5.93 -32.20
N LYS B 300 -34.74 -5.23 -33.20
CA LYS B 300 -36.17 -5.00 -33.25
C LYS B 300 -36.92 -6.33 -33.18
N PRO B 301 -38.03 -6.40 -32.44
CA PRO B 301 -38.72 -7.68 -32.27
C PRO B 301 -39.39 -8.13 -33.56
N GLY B 302 -39.36 -9.44 -33.79
CA GLY B 302 -39.93 -10.00 -35.00
C GLY B 302 -39.04 -9.98 -36.21
N LEU B 303 -37.82 -9.44 -36.12
CA LEU B 303 -36.91 -9.51 -37.25
C LEU B 303 -36.49 -10.95 -37.51
N PRO B 304 -36.45 -11.39 -38.76
CA PRO B 304 -35.89 -12.70 -39.07
C PRO B 304 -34.38 -12.72 -38.93
N PHE B 305 -33.84 -13.91 -38.64
CA PHE B 305 -32.42 -14.12 -38.39
C PHE B 305 -31.85 -15.07 -39.42
N TYR B 306 -30.61 -14.82 -39.85
CA TYR B 306 -29.94 -15.66 -40.83
C TYR B 306 -28.47 -15.75 -40.50
N PHE B 307 -27.92 -16.97 -40.66
CA PHE B 307 -26.50 -17.23 -40.44
C PHE B 307 -26.02 -18.08 -41.62
N PHE B 308 -25.19 -17.47 -42.48
CA PHE B 308 -24.64 -18.13 -43.66
C PHE B 308 -25.74 -18.66 -44.58
N GLY B 309 -26.69 -17.79 -44.92
CA GLY B 309 -27.74 -18.12 -45.86
C GLY B 309 -28.87 -18.95 -45.28
N ALA B 310 -28.59 -19.69 -44.18
CA ALA B 310 -29.57 -20.57 -43.56
C ALA B 310 -30.27 -19.85 -42.41
N PRO B 311 -31.59 -19.93 -42.31
CA PRO B 311 -32.28 -19.25 -41.21
C PRO B 311 -31.85 -19.80 -39.86
N ARG B 312 -32.05 -18.99 -38.82
CA ARG B 312 -31.64 -19.34 -37.47
C ARG B 312 -32.73 -18.83 -36.53
N GLU B 313 -32.85 -19.48 -35.36
CA GLU B 313 -33.86 -19.08 -34.40
C GLU B 313 -33.55 -17.69 -33.84
N GLU B 314 -34.62 -16.95 -33.54
CA GLU B 314 -34.48 -15.62 -32.96
C GLU B 314 -33.78 -15.68 -31.60
N GLY B 315 -33.06 -14.62 -31.29
CA GLY B 315 -32.45 -14.50 -29.97
C GLY B 315 -31.91 -13.10 -29.80
N GLY B 316 -31.78 -12.70 -28.54
CA GLY B 316 -31.26 -11.37 -28.26
C GLY B 316 -29.86 -11.19 -28.80
N PHE B 317 -29.54 -9.95 -29.17
CA PHE B 317 -28.19 -9.61 -29.58
C PHE B 317 -27.93 -8.18 -29.14
N GLY B 318 -26.82 -7.99 -28.42
CA GLY B 318 -26.44 -6.70 -27.88
C GLY B 318 -25.62 -5.89 -28.85
N LEU B 319 -24.72 -5.08 -28.30
CA LEU B 319 -23.85 -4.23 -29.11
C LEU B 319 -22.58 -5.03 -29.38
N GLY B 320 -22.67 -5.92 -30.37
CA GLY B 320 -21.58 -6.83 -30.71
C GLY B 320 -21.44 -8.04 -29.80
N ILE B 321 -22.41 -8.29 -28.92
CA ILE B 321 -22.36 -9.38 -27.95
C ILE B 321 -23.64 -10.18 -28.11
N ASN B 322 -23.52 -11.51 -28.14
CA ASN B 322 -24.69 -12.36 -28.32
C ASN B 322 -25.39 -12.64 -26.98
N LEU B 323 -26.71 -12.75 -27.05
CA LEU B 323 -27.52 -13.03 -25.86
C LEU B 323 -28.27 -14.35 -26.01
N TRP B 324 -27.96 -15.11 -27.06
CA TRP B 324 -28.44 -16.42 -27.40
C TRP B 324 -27.23 -17.29 -27.74
N PRO B 325 -27.19 -18.57 -27.31
CA PRO B 325 -28.21 -19.29 -26.55
C PRO B 325 -28.28 -18.94 -25.07
N ALA B 326 -29.51 -18.93 -24.53
CA ALA B 326 -29.79 -18.63 -23.13
C ALA B 326 -31.27 -18.87 -22.89
N GLY B 327 -31.63 -19.30 -21.69
CA GLY B 327 -33.03 -19.63 -21.42
C GLY B 327 -33.49 -20.76 -22.33
N ASP B 328 -34.79 -20.75 -22.61
CA ASP B 328 -35.44 -21.79 -23.41
C ASP B 328 -35.05 -23.18 -22.90
N HIS B 329 -34.67 -24.11 -23.77
CA HIS B 329 -34.30 -25.46 -23.36
C HIS B 329 -32.85 -25.56 -22.89
N TYR B 330 -32.09 -24.48 -22.99
CA TYR B 330 -30.72 -24.48 -22.49
C TYR B 330 -30.71 -24.32 -20.98
N PHE B 331 -29.56 -24.62 -20.38
CA PHE B 331 -29.37 -24.48 -18.94
C PHE B 331 -28.77 -23.13 -18.56
N MET B 332 -28.12 -22.44 -19.48
CA MET B 332 -27.65 -21.09 -19.20
C MET B 332 -28.85 -20.20 -18.84
N THR B 333 -28.74 -19.49 -17.72
CA THR B 333 -29.79 -18.58 -17.32
C THR B 333 -30.04 -17.53 -18.40
N GLU B 334 -31.28 -17.09 -18.52
CA GLU B 334 -31.58 -15.93 -19.33
C GLU B 334 -30.69 -14.77 -18.89
N GLY B 335 -30.18 -14.02 -19.86
CA GLY B 335 -29.20 -12.99 -19.56
C GLY B 335 -27.77 -13.45 -19.73
N THR B 336 -27.54 -14.75 -19.89
CA THR B 336 -26.22 -15.22 -20.25
C THR B 336 -25.80 -14.57 -21.57
N PHE B 337 -24.62 -13.96 -21.57
CA PHE B 337 -24.10 -13.38 -22.80
C PHE B 337 -22.89 -14.19 -23.26
N SER B 338 -22.56 -14.07 -24.54
CA SER B 338 -21.64 -15.03 -25.12
C SER B 338 -21.18 -14.56 -26.49
N HIS B 339 -20.14 -15.21 -26.98
CA HIS B 339 -19.82 -15.17 -28.41
C HIS B 339 -19.05 -16.44 -28.73
N LEU B 340 -19.30 -16.99 -29.92
CA LEU B 340 -18.49 -18.07 -30.45
C LEU B 340 -17.44 -17.51 -31.42
N GLY B 341 -16.46 -18.35 -31.73
CA GLY B 341 -15.45 -18.02 -32.73
C GLY B 341 -15.19 -19.24 -33.58
N MET B 342 -15.13 -19.06 -34.91
CA MET B 342 -14.79 -20.19 -35.76
C MET B 342 -13.40 -20.69 -35.40
N GLY B 343 -13.27 -22.02 -35.32
CA GLY B 343 -12.01 -22.57 -34.84
C GLY B 343 -12.07 -23.96 -34.24
N TRP B 344 -12.92 -24.23 -33.24
CA TRP B 344 -13.87 -23.29 -32.64
C TRP B 344 -13.47 -22.90 -31.24
N CYS B 345 -14.02 -21.77 -30.77
CA CYS B 345 -13.85 -21.40 -29.38
C CYS B 345 -15.10 -20.67 -28.93
N GLY B 346 -15.17 -20.38 -27.63
CA GLY B 346 -16.31 -19.65 -27.12
C GLY B 346 -16.08 -19.09 -25.73
N MET B 347 -16.90 -18.10 -25.39
CA MET B 347 -16.93 -17.50 -24.06
C MET B 347 -18.38 -17.30 -23.68
N PHE B 348 -18.76 -17.82 -22.53
CA PHE B 348 -20.12 -17.74 -22.02
C PHE B 348 -20.05 -17.24 -20.58
N SER B 349 -20.86 -16.24 -20.26
CA SER B 349 -20.85 -15.73 -18.90
C SER B 349 -22.28 -15.46 -18.46
N ASP B 350 -22.68 -16.11 -17.36
CA ASP B 350 -24.02 -16.11 -16.77
C ASP B 350 -24.02 -15.22 -15.54
N PRO B 351 -24.38 -13.93 -15.68
CA PRO B 351 -24.34 -13.03 -14.52
C PRO B 351 -25.25 -13.44 -13.37
N ALA B 352 -26.38 -14.11 -13.64
CA ALA B 352 -27.23 -14.56 -12.53
C ALA B 352 -26.51 -15.58 -11.65
N GLU B 353 -25.49 -16.26 -12.16
CA GLU B 353 -24.74 -17.23 -11.35
C GLU B 353 -23.30 -16.82 -11.12
N ASP B 354 -22.91 -15.59 -11.49
CA ASP B 354 -21.54 -15.09 -11.32
C ASP B 354 -20.54 -16.04 -11.96
N PHE B 355 -20.93 -16.63 -13.09
CA PHE B 355 -20.33 -17.84 -13.62
C PHE B 355 -19.83 -17.60 -15.03
N THR B 356 -18.57 -18.00 -15.29
CA THR B 356 -17.95 -17.85 -16.61
C THR B 356 -17.33 -19.17 -17.05
N TYR B 357 -17.57 -19.52 -18.31
CA TYR B 357 -16.97 -20.68 -18.98
C TYR B 357 -16.40 -20.20 -20.30
N VAL B 358 -15.11 -20.49 -20.55
CA VAL B 358 -14.49 -20.25 -21.85
C VAL B 358 -13.80 -21.53 -22.31
N PHE B 359 -13.77 -21.75 -23.62
CA PHE B 359 -13.21 -23.01 -24.12
C PHE B 359 -12.56 -22.85 -25.49
N PHE B 360 -11.63 -23.78 -25.77
CA PHE B 360 -11.09 -24.00 -27.10
C PHE B 360 -11.42 -25.44 -27.51
N THR B 361 -11.99 -25.59 -28.71
CA THR B 361 -12.17 -26.91 -29.33
C THR B 361 -11.73 -26.77 -30.78
N PRO B 362 -10.43 -26.75 -31.05
CA PRO B 362 -9.96 -26.65 -32.44
C PRO B 362 -10.47 -27.85 -33.22
N ILE B 363 -11.23 -27.57 -34.27
CA ILE B 363 -11.86 -28.64 -35.03
C ILE B 363 -12.02 -28.17 -36.47
N SER B 364 -11.94 -29.12 -37.40
CA SER B 364 -12.00 -28.79 -38.82
C SER B 364 -13.33 -28.16 -39.20
N GLU B 365 -14.42 -28.64 -38.61
CA GLU B 365 -15.77 -28.22 -38.96
C GLU B 365 -16.60 -28.12 -37.70
N PHE B 366 -17.57 -27.21 -37.70
CA PHE B 366 -18.45 -27.04 -36.54
C PHE B 366 -19.25 -28.32 -36.30
N HIS B 367 -19.24 -28.80 -35.06
CA HIS B 367 -20.09 -29.91 -34.65
C HIS B 367 -20.66 -29.60 -33.28
N PRO B 368 -21.99 -29.59 -33.11
CA PRO B 368 -22.56 -29.17 -31.82
C PRO B 368 -22.10 -30.02 -30.65
N HIS B 369 -21.84 -31.31 -30.87
CA HIS B 369 -21.41 -32.19 -29.78
C HIS B 369 -20.12 -31.69 -29.13
N ALA B 370 -19.25 -31.04 -29.90
CA ALA B 370 -18.01 -30.51 -29.35
C ALA B 370 -18.15 -29.07 -28.89
N VAL B 371 -18.90 -28.26 -29.62
CA VAL B 371 -18.87 -26.83 -29.37
C VAL B 371 -19.95 -26.40 -28.38
N LEU B 372 -21.17 -26.93 -28.50
CA LEU B 372 -22.31 -26.45 -27.73
C LEU B 372 -22.77 -27.42 -26.64
N THR B 373 -22.85 -28.70 -26.96
CA THR B 373 -23.28 -29.70 -25.98
C THR B 373 -22.55 -29.63 -24.64
N PRO B 374 -21.23 -29.41 -24.56
CA PRO B 374 -20.59 -29.33 -23.23
C PRO B 374 -21.18 -28.27 -22.32
N LEU B 375 -21.81 -27.23 -22.86
CA LEU B 375 -22.43 -26.23 -22.00
C LEU B 375 -23.50 -26.84 -21.11
N ASN B 376 -24.20 -27.89 -21.60
CA ASN B 376 -25.18 -28.59 -20.77
C ASN B 376 -24.49 -29.25 -19.58
N ILE B 377 -23.38 -29.94 -19.86
CA ILE B 377 -22.61 -30.59 -18.80
C ILE B 377 -22.18 -29.56 -17.76
N VAL B 378 -21.67 -28.41 -18.21
CA VAL B 378 -21.16 -27.39 -17.28
C VAL B 378 -22.28 -26.81 -16.43
N TRP B 379 -23.34 -26.30 -17.07
CA TRP B 379 -24.37 -25.63 -16.28
C TRP B 379 -25.13 -26.61 -15.40
N ALA B 380 -25.17 -27.91 -15.77
CA ALA B 380 -25.77 -28.92 -14.93
C ALA B 380 -25.07 -29.06 -13.58
N GLY B 381 -23.82 -28.58 -13.45
CA GLY B 381 -23.11 -28.68 -12.19
C GLY B 381 -23.31 -27.52 -11.23
N ILE B 382 -23.90 -26.42 -11.69
CA ILE B 382 -24.04 -25.23 -10.84
C ILE B 382 -24.99 -25.53 -9.70
N GLU B 383 -24.54 -25.26 -8.47
CA GLU B 383 -25.35 -25.43 -7.27
C GLU B 383 -25.63 -24.07 -6.65
N LEU B 384 -26.40 -24.07 -5.57
CA LEU B 384 -26.90 -22.80 -5.00
C LEU B 384 -25.78 -21.94 -4.38
N ASN C 27 -8.95 -4.77 1.72
CA ASN C 27 -9.30 -6.13 2.14
C ASN C 27 -8.95 -6.37 3.63
N PRO C 28 -7.68 -6.25 4.03
CA PRO C 28 -7.35 -6.40 5.46
C PRO C 28 -7.65 -5.15 6.29
N ALA C 29 -8.09 -4.07 5.66
CA ALA C 29 -8.40 -2.81 6.34
C ALA C 29 -7.26 -2.41 7.27
N PHE C 30 -6.08 -2.23 6.67
CA PHE C 30 -4.88 -1.95 7.43
C PHE C 30 -4.08 -0.86 6.73
N ASP C 31 -3.61 0.12 7.49
CA ASP C 31 -2.82 1.22 6.94
C ASP C 31 -1.41 0.70 6.70
N MET C 32 -1.11 0.38 5.44
CA MET C 32 0.14 -0.30 5.10
C MET C 32 1.37 0.56 5.37
N LYS C 33 1.18 1.89 5.52
CA LYS C 33 2.25 2.73 6.04
C LYS C 33 2.83 2.19 7.35
N GLN C 34 2.01 1.57 8.19
CA GLN C 34 2.54 1.00 9.42
C GLN C 34 3.39 -0.26 9.17
N ILE C 35 3.28 -0.89 7.99
CA ILE C 35 4.19 -1.98 7.67
C ILE C 35 5.59 -1.43 7.41
N ASN C 36 5.69 -0.33 6.63
CA ASN C 36 6.97 0.36 6.47
C ASN C 36 7.58 0.71 7.82
N ALA C 37 6.78 1.30 8.72
CA ALA C 37 7.31 1.69 10.02
C ALA C 37 7.78 0.48 10.81
N LEU C 38 7.00 -0.61 10.77
CA LEU C 38 7.38 -1.82 11.48
C LEU C 38 8.66 -2.43 10.92
N ASN C 39 8.78 -2.47 9.58
CA ASN C 39 10.00 -2.97 8.95
C ASN C 39 11.20 -2.10 9.32
N GLY C 40 11.05 -0.77 9.21
CA GLY C 40 12.13 0.13 9.59
C GLY C 40 12.52 -0.01 11.06
N HIS C 41 11.55 -0.27 11.93
CA HIS C 41 11.84 -0.36 13.36
C HIS C 41 12.72 -1.56 13.67
N TYR C 42 12.34 -2.74 13.18
CA TYR C 42 13.17 -3.93 13.32
C TYR C 42 14.51 -3.76 12.60
N GLN C 43 14.49 -3.27 11.36
CA GLN C 43 15.74 -3.15 10.60
C GLN C 43 16.71 -2.19 11.26
N THR C 44 16.20 -1.19 11.98
CA THR C 44 17.07 -0.24 12.65
C THR C 44 17.77 -0.90 13.84
N MET C 45 17.04 -1.71 14.60
CA MET C 45 17.68 -2.43 15.70
C MET C 45 18.70 -3.46 15.17
N ILE C 46 18.45 -4.05 14.01
CA ILE C 46 19.42 -4.98 13.42
C ILE C 46 20.66 -4.23 12.95
N ASP C 47 20.47 -3.04 12.36
CA ASP C 47 21.62 -2.26 11.91
C ASP C 47 22.44 -1.72 13.08
N ASN C 48 21.81 -1.41 14.21
CA ASN C 48 22.52 -0.94 15.39
C ASN C 48 23.18 -2.06 16.18
N GLY C 49 22.97 -3.32 15.79
CA GLY C 49 23.55 -4.44 16.49
C GLY C 49 22.84 -4.84 17.76
N ASP C 50 21.58 -4.44 17.94
CA ASP C 50 20.83 -4.80 19.13
C ASP C 50 20.24 -6.20 19.06
N LEU C 51 20.11 -6.74 17.85
CA LEU C 51 19.71 -8.13 17.69
C LEU C 51 20.04 -8.57 16.27
N GLN C 52 20.08 -9.88 16.07
CA GLN C 52 20.62 -10.41 14.82
C GLN C 52 19.58 -10.39 13.71
N CYS C 53 18.35 -10.71 14.02
CA CYS C 53 17.33 -10.92 12.99
C CYS C 53 15.97 -10.82 13.67
N ALA C 54 14.92 -10.74 12.84
CA ALA C 54 13.57 -10.63 13.35
C ALA C 54 12.60 -11.03 12.25
N SER C 55 11.41 -11.43 12.65
CA SER C 55 10.39 -11.79 11.67
C SER C 55 9.02 -11.68 12.32
N TYR C 56 7.99 -11.59 11.49
CA TYR C 56 6.63 -11.44 11.99
C TYR C 56 5.65 -11.95 10.96
N MET C 57 4.41 -12.16 11.40
CA MET C 57 3.34 -12.59 10.52
C MET C 57 2.04 -12.04 11.07
N MET C 58 1.22 -11.40 10.23
CA MET C 58 0.01 -10.78 10.73
C MET C 58 -1.15 -11.02 9.76
N SER C 59 -2.36 -11.12 10.34
CA SER C 59 -3.51 -11.56 9.59
C SER C 59 -4.76 -10.87 10.10
N ARG C 60 -5.78 -10.87 9.25
CA ARG C 60 -7.07 -10.33 9.62
C ARG C 60 -8.10 -11.28 9.05
N GLY C 61 -9.08 -11.66 9.87
CA GLY C 61 -10.05 -12.66 9.43
C GLY C 61 -9.43 -13.97 8.96
N GLY C 62 -8.33 -14.39 9.59
CA GLY C 62 -7.68 -15.63 9.21
C GLY C 62 -6.79 -15.58 7.99
N GLU C 63 -6.64 -14.42 7.36
CA GLU C 63 -5.85 -14.26 6.13
C GLU C 63 -4.62 -13.41 6.40
N VAL C 64 -3.44 -14.01 6.21
CA VAL C 64 -2.18 -13.27 6.32
C VAL C 64 -2.10 -12.22 5.21
N PHE C 65 -1.87 -10.96 5.60
CA PHE C 65 -1.68 -9.89 4.64
C PHE C 65 -0.33 -9.22 4.74
N ALA C 66 0.49 -9.57 5.73
CA ALA C 66 1.83 -9.02 5.81
C ALA C 66 2.67 -9.97 6.65
N ALA C 67 3.85 -10.31 6.13
CA ALA C 67 4.81 -11.13 6.83
C ALA C 67 6.17 -10.79 6.25
N GLU C 68 7.19 -10.77 7.11
CA GLU C 68 8.51 -10.36 6.67
C GLU C 68 9.56 -10.98 7.59
N SER C 69 10.71 -11.34 7.02
CA SER C 69 11.84 -11.80 7.82
C SER C 69 13.05 -10.95 7.48
N LEU C 70 13.75 -10.50 8.52
CA LEU C 70 14.85 -9.56 8.38
C LEU C 70 16.08 -10.11 9.09
N GLY C 71 17.25 -9.78 8.53
CA GLY C 71 18.51 -10.10 9.17
C GLY C 71 18.98 -11.52 8.90
N GLU C 72 20.05 -11.89 9.58
CA GLU C 72 20.64 -13.22 9.47
C GLU C 72 21.11 -13.65 10.87
N PHE C 73 21.49 -14.92 11.00
CA PHE C 73 21.82 -15.47 12.31
C PHE C 73 23.05 -16.36 12.23
N THR C 74 23.79 -16.41 13.35
CA THR C 74 24.76 -17.47 13.57
C THR C 74 24.97 -17.64 15.06
N GLY C 75 25.19 -18.89 15.48
CA GLY C 75 25.54 -19.18 16.85
C GLY C 75 26.95 -18.78 17.22
N GLY C 76 27.78 -18.40 16.25
CA GLY C 76 29.10 -17.90 16.56
C GLY C 76 30.23 -18.47 15.72
N GLN C 77 30.23 -19.79 15.52
CA GLN C 77 31.31 -20.39 14.76
C GLN C 77 30.99 -20.53 13.28
N LYS C 78 29.75 -20.93 12.96
CA LYS C 78 29.43 -21.19 11.57
C LYS C 78 29.10 -19.90 10.83
N GLU C 79 29.02 -20.04 9.50
CA GLU C 79 28.69 -18.93 8.63
C GLU C 79 27.28 -18.42 8.90
N LYS C 80 27.08 -17.13 8.64
CA LYS C 80 25.78 -16.49 8.77
C LYS C 80 24.79 -17.08 7.78
N GLN C 81 23.53 -17.16 8.21
CA GLN C 81 22.44 -17.66 7.38
C GLN C 81 21.27 -16.69 7.41
N THR C 82 20.58 -16.56 6.27
CA THR C 82 19.47 -15.63 6.15
C THR C 82 18.27 -16.09 6.96
N PHE C 83 17.70 -15.19 7.74
CA PHE C 83 16.50 -15.48 8.51
C PHE C 83 15.30 -15.55 7.57
N GLN C 84 14.59 -16.68 7.59
CA GLN C 84 13.48 -16.91 6.67
C GLN C 84 12.16 -16.97 7.43
N LEU C 85 11.07 -16.80 6.68
CA LEU C 85 9.74 -16.90 7.28
C LEU C 85 9.47 -18.29 7.84
N ASP C 86 10.03 -19.34 7.22
CA ASP C 86 9.82 -20.70 7.71
C ASP C 86 10.95 -21.21 8.58
N THR C 87 11.92 -20.35 8.94
CA THR C 87 13.01 -20.78 9.80
C THR C 87 12.47 -21.27 11.14
N ILE C 88 12.99 -22.40 11.60
CA ILE C 88 12.58 -22.94 12.88
C ILE C 88 13.35 -22.25 13.99
N ARG C 89 12.68 -22.03 15.12
CA ARG C 89 13.25 -21.29 16.24
C ARG C 89 12.61 -21.77 17.54
N GLU C 90 13.43 -21.92 18.58
CA GLU C 90 12.91 -22.23 19.90
C GLU C 90 11.91 -21.16 20.36
N ILE C 91 10.79 -21.60 20.96
CA ILE C 91 9.77 -20.65 21.40
C ILE C 91 9.78 -20.44 22.91
N GLY C 92 10.70 -21.07 23.64
CA GLY C 92 10.77 -20.88 25.08
C GLY C 92 9.46 -21.16 25.81
N SER C 93 9.07 -20.24 26.70
CA SER C 93 7.91 -20.45 27.55
C SER C 93 6.58 -20.34 26.81
N LEU C 94 6.61 -20.05 25.52
CA LEU C 94 5.40 -20.14 24.71
C LEU C 94 4.95 -21.60 24.69
N THR C 95 5.91 -22.50 24.93
CA THR C 95 5.59 -23.91 25.13
C THR C 95 4.51 -24.10 26.17
N LYS C 96 4.47 -23.24 27.20
CA LYS C 96 3.45 -23.35 28.26
C LYS C 96 2.03 -23.34 27.70
N VAL C 97 1.80 -22.65 26.57
CA VAL C 97 0.44 -22.62 26.02
C VAL C 97 0.06 -23.98 25.47
N PHE C 98 1.00 -24.69 24.82
CA PHE C 98 0.74 -26.09 24.44
C PHE C 98 0.38 -26.92 25.67
N THR C 99 1.12 -26.75 26.76
CA THR C 99 0.84 -27.46 27.99
C THR C 99 -0.57 -27.17 28.49
N ALA C 100 -0.99 -25.90 28.41
CA ALA C 100 -2.32 -25.52 28.88
C ALA C 100 -3.40 -26.17 28.04
N VAL C 101 -3.23 -26.16 26.71
CA VAL C 101 -4.18 -26.82 25.83
C VAL C 101 -4.31 -28.29 26.20
N ALA C 102 -3.19 -28.96 26.48
CA ALA C 102 -3.22 -30.37 26.81
C ALA C 102 -4.01 -30.61 28.10
N VAL C 103 -3.76 -29.80 29.13
CA VAL C 103 -4.49 -29.94 30.38
C VAL C 103 -5.99 -29.82 30.13
N MET C 104 -6.39 -28.81 29.36
CA MET C 104 -7.81 -28.59 29.14
C MET C 104 -8.44 -29.70 28.31
N GLN C 105 -7.69 -30.27 27.36
CA GLN C 105 -8.21 -31.41 26.61
C GLN C 105 -8.51 -32.56 27.55
N LEU C 106 -7.63 -32.80 28.52
CA LEU C 106 -7.86 -33.85 29.50
C LEU C 106 -9.07 -33.54 30.37
N VAL C 107 -9.35 -32.25 30.61
CA VAL C 107 -10.58 -31.88 31.33
C VAL C 107 -11.80 -32.21 30.49
N GLU C 108 -11.75 -31.90 29.18
CA GLU C 108 -12.83 -32.28 28.28
C GLU C 108 -13.09 -33.79 28.31
N LYS C 109 -12.04 -34.60 28.47
CA LYS C 109 -12.18 -36.05 28.50
C LYS C 109 -12.62 -36.57 29.86
N GLY C 110 -12.62 -35.75 30.90
CA GLY C 110 -13.05 -36.19 32.21
C GLY C 110 -11.96 -36.80 33.04
N LEU C 111 -10.73 -36.83 32.54
CA LEU C 111 -9.62 -37.39 33.28
C LEU C 111 -9.04 -36.42 34.29
N LEU C 112 -9.32 -35.12 34.14
CA LEU C 112 -8.82 -34.14 35.08
C LEU C 112 -9.95 -33.17 35.38
N ASP C 113 -9.87 -32.56 36.55
CA ASP C 113 -10.73 -31.43 36.90
C ASP C 113 -9.85 -30.36 37.54
N LEU C 114 -10.08 -29.11 37.15
CA LEU C 114 -9.18 -28.05 37.58
C LEU C 114 -9.19 -27.85 39.10
N LYS C 115 -10.25 -28.26 39.79
CA LYS C 115 -10.27 -28.13 41.24
C LYS C 115 -9.65 -29.34 41.94
N MET C 116 -9.09 -30.29 41.19
CA MET C 116 -8.42 -31.42 41.83
C MET C 116 -7.23 -30.90 42.63
N PRO C 117 -7.07 -31.29 43.89
CA PRO C 117 -5.79 -31.08 44.57
C PRO C 117 -4.70 -31.79 43.79
N VAL C 118 -3.56 -31.12 43.61
CA VAL C 118 -2.44 -31.80 42.93
C VAL C 118 -2.07 -33.08 43.68
N LYS C 119 -2.24 -33.08 45.01
CA LYS C 119 -1.89 -34.26 45.80
C LYS C 119 -2.72 -35.49 45.43
N LEU C 120 -3.89 -35.30 44.80
CA LEU C 120 -4.65 -36.45 44.32
C LEU C 120 -3.90 -37.19 43.22
N ILE C 121 -3.11 -36.49 42.43
CA ILE C 121 -2.36 -37.09 41.32
C ILE C 121 -0.93 -37.43 41.73
N LEU C 122 -0.32 -36.59 42.55
CA LEU C 122 1.07 -36.73 42.97
C LEU C 122 1.06 -36.71 44.49
N PRO C 123 0.96 -37.88 45.11
CA PRO C 123 0.81 -37.93 46.58
C PRO C 123 1.91 -37.23 47.35
N ALA C 124 3.08 -36.99 46.75
CA ALA C 124 4.11 -36.24 47.45
C ALA C 124 3.65 -34.82 47.80
N PHE C 125 2.61 -34.32 47.15
CA PHE C 125 2.07 -33.01 47.50
C PHE C 125 1.16 -33.04 48.72
N ASP C 126 0.98 -34.22 49.34
CA ASP C 126 0.07 -34.39 50.48
C ASP C 126 0.82 -34.03 51.75
N LYS C 127 0.88 -32.73 52.00
CA LYS C 127 1.60 -32.18 53.14
C LYS C 127 1.16 -30.73 53.30
N PRO C 128 1.36 -30.14 54.47
CA PRO C 128 0.93 -28.74 54.68
C PRO C 128 1.49 -27.84 53.59
N GLY C 129 0.67 -26.87 53.17
CA GLY C 129 1.06 -25.95 52.11
C GLY C 129 0.85 -26.54 50.73
N PHE C 130 1.63 -27.55 50.39
CA PHE C 130 1.47 -28.18 49.07
C PHE C 130 0.11 -28.85 48.90
N GLY C 131 -0.48 -29.33 50.00
CA GLY C 131 -1.78 -30.00 49.91
C GLY C 131 -2.92 -29.09 49.51
N GLU C 132 -2.70 -27.77 49.56
CA GLU C 132 -3.72 -26.80 49.19
C GLU C 132 -3.68 -26.44 47.72
N ILE C 133 -2.64 -26.89 46.99
CA ILE C 133 -2.47 -26.52 45.60
C ILE C 133 -3.40 -27.35 44.73
N LYS C 134 -4.16 -26.68 43.88
CA LYS C 134 -5.00 -27.33 42.90
C LYS C 134 -4.47 -27.06 41.49
N ILE C 135 -4.90 -27.90 40.54
CA ILE C 135 -4.47 -27.77 39.16
C ILE C 135 -4.76 -26.37 38.63
N LEU C 136 -5.92 -25.82 38.99
CA LEU C 136 -6.23 -24.44 38.63
C LEU C 136 -5.14 -23.46 39.09
N HIS C 137 -4.57 -23.66 40.29
CA HIS C 137 -3.50 -22.76 40.73
C HIS C 137 -2.28 -22.86 39.80
N LEU C 138 -1.90 -24.08 39.43
CA LEU C 138 -0.75 -24.25 38.55
C LEU C 138 -0.98 -23.52 37.24
N LEU C 139 -2.17 -23.69 36.65
CA LEU C 139 -2.47 -23.11 35.34
C LEU C 139 -2.48 -21.59 35.37
N THR C 140 -2.77 -21.00 36.54
CA THR C 140 -2.98 -19.56 36.61
C THR C 140 -1.84 -18.87 37.36
N HIS C 141 -0.77 -19.59 37.69
CA HIS C 141 0.36 -19.03 38.43
C HIS C 141 -0.08 -18.47 39.78
N THR C 142 -1.07 -19.09 40.42
CA THR C 142 -1.48 -18.68 41.75
C THR C 142 -1.20 -19.73 42.82
N ALA C 143 -0.34 -20.72 42.53
CA ALA C 143 -0.05 -21.78 43.49
C ALA C 143 0.93 -21.36 44.58
N GLY C 144 1.52 -20.17 44.47
CA GLY C 144 2.49 -19.72 45.44
C GLY C 144 3.91 -20.19 45.20
N LEU C 145 4.16 -20.89 44.10
CA LEU C 145 5.51 -21.33 43.75
C LEU C 145 6.40 -20.16 43.35
N SER C 146 7.69 -20.27 43.68
CA SER C 146 8.68 -19.32 43.20
C SER C 146 8.79 -19.38 41.68
N PHE C 147 9.48 -18.38 41.12
CA PHE C 147 9.74 -18.35 39.68
C PHE C 147 10.41 -19.64 39.20
N GLU C 148 11.41 -20.12 39.93
CA GLU C 148 12.03 -21.38 39.53
C GLU C 148 12.61 -22.08 40.75
N LEU C 149 12.95 -23.34 40.54
CA LEU C 149 13.57 -24.18 41.56
C LEU C 149 15.08 -24.02 41.47
N ASP C 150 15.73 -23.77 42.60
CA ASP C 150 17.18 -23.63 42.62
C ASP C 150 17.83 -25.01 42.57
N ILE C 151 18.59 -25.28 41.50
CA ILE C 151 19.25 -26.56 41.31
C ILE C 151 20.65 -26.59 41.91
N GLN C 152 21.09 -25.51 42.56
CA GLN C 152 22.43 -25.52 43.13
C GLN C 152 22.53 -26.46 44.32
N LYS C 153 21.47 -26.57 45.11
CA LYS C 153 21.45 -27.53 46.21
C LYS C 153 21.15 -28.96 45.74
N ALA C 154 20.87 -29.15 44.45
CA ALA C 154 20.43 -30.42 43.91
C ALA C 154 21.56 -31.30 43.38
N GLU C 155 22.75 -31.22 43.97
CA GLU C 155 23.84 -32.08 43.52
C GLU C 155 23.54 -33.53 43.89
N GLY C 156 23.91 -34.45 42.99
CA GLY C 156 23.66 -35.86 43.21
C GLY C 156 22.23 -36.30 42.99
N ILE C 157 21.34 -35.42 42.57
CA ILE C 157 19.93 -35.74 42.35
C ILE C 157 19.68 -35.75 40.85
N ASP C 158 19.03 -36.80 40.36
CA ASP C 158 18.64 -36.87 38.95
C ASP C 158 17.35 -36.08 38.77
N LEU C 159 17.50 -34.79 38.44
CA LEU C 159 16.37 -33.91 38.22
C LEU C 159 15.54 -34.29 36.99
N THR C 160 16.03 -35.20 36.14
CA THR C 160 15.21 -35.69 35.04
C THR C 160 14.28 -36.81 35.45
N ASN C 161 14.48 -37.40 36.63
CA ASN C 161 13.57 -38.41 37.17
C ASN C 161 12.39 -37.71 37.85
N GLU C 162 11.17 -38.15 37.52
CA GLU C 162 9.98 -37.48 38.04
C GLU C 162 9.94 -37.50 39.56
N GLU C 163 10.21 -38.67 40.17
CA GLU C 163 10.09 -38.77 41.63
C GLU C 163 11.13 -37.92 42.33
N GLU C 164 12.39 -38.02 41.91
CA GLU C 164 13.44 -37.22 42.53
C GLU C 164 13.18 -35.73 42.36
N TRP C 165 12.68 -35.33 41.18
CA TRP C 165 12.42 -33.90 40.97
C TRP C 165 11.26 -33.42 41.83
N ILE C 166 10.14 -34.16 41.80
CA ILE C 166 9.03 -33.86 42.70
C ILE C 166 9.51 -33.79 44.13
N ASN C 167 10.28 -34.80 44.55
CA ASN C 167 10.73 -34.85 45.94
C ASN C 167 11.56 -33.63 46.29
N TYR C 168 12.46 -33.23 45.39
CA TYR C 168 13.27 -32.05 45.63
C TYR C 168 12.41 -30.78 45.67
N LEU C 169 11.43 -30.68 44.77
CA LEU C 169 10.53 -29.53 44.78
C LEU C 169 9.81 -29.39 46.12
N VAL C 170 9.24 -30.49 46.63
CA VAL C 170 8.42 -30.38 47.84
C VAL C 170 9.25 -30.19 49.09
N SER C 171 10.58 -30.30 48.96
CA SER C 171 11.53 -30.07 50.03
C SER C 171 11.95 -28.60 50.14
N THR C 172 11.48 -27.73 49.23
CA THR C 172 11.80 -26.31 49.08
C THR C 172 10.59 -25.46 49.43
N PRO C 173 10.75 -24.36 50.18
CA PRO C 173 9.58 -23.62 50.68
C PRO C 173 8.78 -22.98 49.56
N LEU C 174 7.47 -22.96 49.75
CA LEU C 174 6.61 -22.18 48.89
C LEU C 174 6.81 -20.70 49.20
N GLU C 175 6.86 -19.87 48.15
CA GLU C 175 7.09 -18.45 48.34
C GLU C 175 5.85 -17.73 48.86
N TYR C 176 4.65 -18.15 48.43
CA TYR C 176 3.39 -17.63 48.93
C TYR C 176 2.46 -18.80 49.24
N GLY C 177 1.37 -18.52 49.96
CA GLY C 177 0.24 -19.45 50.00
C GLY C 177 -0.49 -19.44 48.66
N VAL C 178 -1.50 -20.31 48.53
CA VAL C 178 -2.26 -20.29 47.29
C VAL C 178 -3.17 -19.07 47.26
N ASP C 179 -3.49 -18.59 46.06
CA ASP C 179 -4.44 -17.49 45.86
C ASP C 179 -4.04 -16.23 46.63
N GLU C 180 -2.73 -16.01 46.81
CA GLU C 180 -2.26 -14.79 47.45
C GLU C 180 -1.55 -13.84 46.51
N ALA C 181 -1.09 -14.32 45.36
CA ALA C 181 -0.35 -13.50 44.43
C ALA C 181 -0.27 -14.22 43.10
N TRP C 182 -0.32 -13.45 42.01
CA TRP C 182 0.08 -13.95 40.70
C TRP C 182 1.60 -13.83 40.62
N ASN C 183 2.28 -14.97 40.51
CA ASN C 183 3.73 -15.01 40.45
C ASN C 183 4.10 -16.04 39.38
N TYR C 184 4.45 -15.54 38.20
CA TYR C 184 4.85 -16.37 37.07
C TYR C 184 5.83 -17.44 37.53
N SER C 185 5.54 -18.71 37.22
CA SER C 185 6.34 -19.81 37.75
C SER C 185 6.67 -20.78 36.63
N ARG C 186 7.97 -20.98 36.41
CA ARG C 186 8.43 -22.04 35.51
C ARG C 186 8.04 -23.40 36.05
N THR C 187 8.19 -23.59 37.35
CA THR C 187 8.01 -24.94 37.90
C THR C 187 6.55 -25.34 37.90
N GLY C 188 5.64 -24.38 37.98
CA GLY C 188 4.23 -24.74 37.95
C GLY C 188 3.89 -25.55 36.73
N PHE C 189 4.48 -25.20 35.58
CA PHE C 189 4.10 -25.88 34.35
C PHE C 189 4.87 -27.17 34.13
N VAL C 190 6.05 -27.32 34.74
CA VAL C 190 6.68 -28.64 34.78
C VAL C 190 5.76 -29.64 35.50
N ILE C 191 5.17 -29.23 36.64
CA ILE C 191 4.25 -30.10 37.35
C ILE C 191 3.07 -30.50 36.47
N LEU C 192 2.49 -29.54 35.75
CA LEU C 192 1.38 -29.88 34.85
C LEU C 192 1.79 -30.93 33.82
N GLY C 193 2.98 -30.79 33.24
CA GLY C 193 3.45 -31.81 32.32
C GLY C 193 3.49 -33.20 32.96
N ILE C 194 3.96 -33.26 34.20
CA ILE C 194 4.00 -34.53 34.93
C ILE C 194 2.59 -35.07 35.10
N ILE C 195 1.65 -34.18 35.45
CA ILE C 195 0.27 -34.58 35.64
C ILE C 195 -0.30 -35.15 34.35
N ILE C 196 -0.07 -34.45 33.24
CA ILE C 196 -0.49 -34.93 31.92
C ILE C 196 0.04 -36.34 31.67
N SER C 197 1.33 -36.56 31.92
CA SER C 197 1.91 -37.86 31.68
C SER C 197 1.29 -38.93 32.59
N LYS C 198 1.00 -38.57 33.85
CA LYS C 198 0.50 -39.55 34.81
C LYS C 198 -0.86 -40.11 34.39
N VAL C 199 -1.80 -39.24 34.05
CA VAL C 199 -3.16 -39.72 33.80
C VAL C 199 -3.32 -40.33 32.41
N THR C 200 -2.42 -40.05 31.48
CA THR C 200 -2.54 -40.63 30.16
C THR C 200 -1.69 -41.86 29.96
N GLY C 201 -0.67 -42.08 30.79
CA GLY C 201 0.23 -43.20 30.59
C GLY C 201 1.16 -43.09 29.41
N VAL C 202 1.27 -41.92 28.79
CA VAL C 202 2.32 -41.66 27.80
C VAL C 202 3.15 -40.49 28.32
N SER C 203 4.31 -40.30 27.70
CA SER C 203 5.13 -39.15 28.05
C SER C 203 4.42 -37.87 27.65
N TYR C 204 4.73 -36.80 28.38
CA TYR C 204 4.14 -35.50 28.08
C TYR C 204 4.37 -35.12 26.61
N GLU C 205 5.59 -35.37 26.10
CA GLU C 205 5.93 -34.95 24.75
C GLU C 205 5.15 -35.76 23.71
N GLN C 206 4.93 -37.05 23.97
CA GLN C 206 4.09 -37.87 23.11
C GLN C 206 2.66 -37.33 23.07
N TYR C 207 2.06 -37.08 24.23
CA TYR C 207 0.70 -36.54 24.26
C TYR C 207 0.58 -35.29 23.40
N VAL C 208 1.39 -34.26 23.71
CA VAL C 208 1.34 -33.00 22.97
C VAL C 208 1.59 -33.21 21.48
N THR C 209 2.53 -34.10 21.13
CA THR C 209 2.86 -34.25 19.72
C THR C 209 1.69 -34.88 18.95
N LYS C 210 0.97 -35.80 19.58
CA LYS C 210 -0.14 -36.46 18.88
C LYS C 210 -1.40 -35.58 18.90
N HIS C 211 -1.78 -35.05 20.07
CA HIS C 211 -3.09 -34.43 20.23
C HIS C 211 -3.11 -32.93 20.00
N ILE C 212 -1.95 -32.30 19.78
CA ILE C 212 -1.92 -30.87 19.50
C ILE C 212 -1.12 -30.58 18.23
N ILE C 213 0.17 -30.97 18.23
CA ILE C 213 1.03 -30.64 17.10
C ILE C 213 0.50 -31.28 15.81
N GLU C 214 0.34 -32.61 15.82
CA GLU C 214 -0.22 -33.27 14.63
C GLU C 214 -1.69 -32.98 14.46
N ALA C 215 -2.46 -32.99 15.56
CA ALA C 215 -3.91 -32.76 15.48
C ALA C 215 -4.23 -31.44 14.79
N LEU C 216 -3.42 -30.40 15.04
CA LEU C 216 -3.59 -29.09 14.43
C LEU C 216 -2.86 -28.98 13.09
N GLY C 217 -2.12 -30.01 12.69
CA GLY C 217 -1.38 -29.96 11.45
C GLY C 217 -0.23 -28.97 11.43
N LEU C 218 0.44 -28.78 12.58
CA LEU C 218 1.64 -27.96 12.60
C LEU C 218 2.77 -28.70 11.89
N GLU C 219 3.37 -28.05 10.88
CA GLU C 219 4.33 -28.73 10.02
C GLU C 219 5.79 -28.51 10.40
N ARG C 220 6.09 -27.47 11.18
CA ARG C 220 7.49 -27.20 11.55
C ARG C 220 7.62 -26.99 13.05
N THR C 221 7.04 -27.91 13.83
CA THR C 221 7.03 -27.84 15.28
C THR C 221 7.44 -29.18 15.87
N TYR C 222 8.35 -29.15 16.84
CA TYR C 222 9.04 -30.34 17.33
C TYR C 222 9.53 -30.11 18.75
N PHE C 223 9.47 -31.15 19.57
CA PHE C 223 10.22 -31.10 20.82
C PHE C 223 11.70 -31.36 20.57
N TYR C 224 12.02 -32.09 19.52
CA TYR C 224 13.40 -32.35 19.12
C TYR C 224 13.47 -32.21 17.61
N VAL C 225 14.23 -31.23 17.15
CA VAL C 225 14.36 -31.01 15.71
C VAL C 225 15.10 -32.20 15.09
N PRO C 226 14.59 -32.81 14.04
CA PRO C 226 15.33 -33.90 13.39
C PRO C 226 16.65 -33.41 12.83
N ASP C 227 17.63 -34.32 12.74
CA ASP C 227 18.98 -33.94 12.32
C ASP C 227 18.98 -33.30 10.95
N THR C 228 18.07 -33.71 10.07
CA THR C 228 18.05 -33.17 8.71
C THR C 228 17.70 -31.68 8.70
N LEU C 229 16.96 -31.20 9.71
CA LEU C 229 16.51 -29.81 9.72
C LEU C 229 17.27 -28.94 10.69
N LYS C 230 18.31 -29.47 11.35
CA LYS C 230 18.94 -28.71 12.43
C LYS C 230 19.69 -27.50 11.90
N GLU C 231 20.27 -27.60 10.69
CA GLU C 231 21.10 -26.53 10.16
C GLU C 231 20.29 -25.27 9.88
N GLU C 232 19.04 -25.41 9.40
CA GLU C 232 18.25 -24.21 9.18
C GLU C 232 17.50 -23.71 10.48
N VAL C 233 17.92 -24.12 11.68
CA VAL C 233 17.35 -23.66 12.94
C VAL C 233 18.09 -22.41 13.40
N CYS C 234 17.35 -21.34 13.65
CA CYS C 234 17.95 -20.09 14.08
C CYS C 234 18.51 -20.22 15.50
N VAL C 235 19.83 -20.12 15.64
CA VAL C 235 20.49 -19.96 16.94
C VAL C 235 21.43 -18.76 16.87
N ILE C 236 21.56 -18.06 18.01
CA ILE C 236 22.32 -16.82 18.09
C ILE C 236 23.39 -16.86 19.17
N SER C 237 23.59 -18.02 19.80
CA SER C 237 24.57 -18.24 20.86
C SER C 237 24.95 -19.72 20.80
N GLU C 238 26.17 -20.03 21.23
CA GLU C 238 26.49 -21.45 21.18
C GLU C 238 25.77 -22.20 22.31
N HIS C 239 25.29 -21.49 23.33
CA HIS C 239 24.39 -22.14 24.28
C HIS C 239 23.13 -22.63 23.60
N GLU C 240 22.58 -21.85 22.66
CA GLU C 240 21.48 -22.38 21.86
C GLU C 240 21.95 -23.45 20.90
N CYS C 241 23.22 -23.43 20.51
CA CYS C 241 23.77 -24.52 19.69
C CYS C 241 23.84 -25.82 20.47
N VAL C 242 24.28 -25.76 21.73
CA VAL C 242 24.43 -27.00 22.48
C VAL C 242 23.06 -27.54 22.88
N GLN C 243 22.12 -26.64 23.22
CA GLN C 243 20.75 -27.07 23.54
C GLN C 243 20.06 -27.70 22.34
N LEU C 244 20.45 -27.32 21.12
CA LEU C 244 19.80 -27.91 19.94
C LEU C 244 20.33 -29.31 19.67
N GLU C 245 21.59 -29.59 20.02
CA GLU C 245 22.15 -30.92 19.89
C GLU C 245 21.64 -31.88 20.96
N LYS C 246 21.10 -31.36 22.06
CA LYS C 246 20.56 -32.20 23.12
C LYS C 246 19.35 -32.99 22.62
N SER C 247 18.89 -33.92 23.46
CA SER C 247 17.61 -34.57 23.24
C SER C 247 16.93 -34.93 24.57
N HIS C 248 17.21 -34.16 25.62
CA HIS C 248 16.47 -34.21 26.87
C HIS C 248 16.79 -32.94 27.64
N HIS C 249 15.77 -32.35 28.27
CA HIS C 249 15.98 -31.13 29.03
C HIS C 249 16.96 -31.39 30.17
N PRO C 250 17.95 -30.52 30.38
CA PRO C 250 19.01 -30.85 31.34
C PRO C 250 18.54 -31.00 32.78
N TYR C 251 17.53 -30.23 33.21
CA TYR C 251 17.24 -30.20 34.63
C TYR C 251 15.74 -30.29 34.93
N PHE C 252 14.97 -30.89 34.03
CA PHE C 252 13.54 -31.09 34.22
C PHE C 252 13.17 -32.48 33.73
N PRO C 253 12.16 -33.11 34.35
CA PRO C 253 11.65 -34.38 33.81
C PRO C 253 10.87 -34.24 32.52
N ASN C 254 10.58 -33.03 32.05
CA ASN C 254 9.82 -32.89 30.81
C ASN C 254 10.11 -31.52 30.21
N LYS C 255 9.54 -31.28 29.04
CA LYS C 255 9.66 -30.01 28.33
C LYS C 255 8.36 -29.22 28.34
N ALA C 256 7.59 -29.31 29.43
CA ALA C 256 6.27 -28.68 29.47
C ALA C 256 6.28 -27.20 29.86
N THR C 257 7.38 -26.70 30.43
CA THR C 257 7.48 -25.26 30.72
C THR C 257 8.26 -24.52 29.64
N SER C 258 9.04 -25.25 28.85
CA SER C 258 9.77 -24.68 27.73
C SER C 258 10.51 -25.80 27.00
N GLY C 259 10.81 -25.60 25.72
CA GLY C 259 11.61 -26.58 25.01
C GLY C 259 11.16 -26.88 23.60
N LEU C 260 10.02 -26.32 23.19
CA LEU C 260 9.55 -26.54 21.83
C LEU C 260 10.33 -25.67 20.85
N TYR C 261 10.46 -26.17 19.63
CA TYR C 261 10.90 -25.41 18.47
C TYR C 261 9.71 -25.27 17.52
N SER C 262 9.54 -24.10 16.93
CA SER C 262 8.40 -23.89 16.05
C SER C 262 8.75 -22.92 14.94
N SER C 263 7.72 -22.48 14.19
CA SER C 263 7.84 -21.55 13.08
C SER C 263 6.76 -20.48 13.25
N LEU C 264 6.85 -19.42 12.43
CA LEU C 264 5.84 -18.37 12.52
C LEU C 264 4.46 -18.90 12.16
N ARG C 265 4.36 -19.67 11.06
CA ARG C 265 3.06 -20.16 10.61
CA ARG C 265 3.06 -20.15 10.61
C ARG C 265 2.40 -21.04 11.66
N ASP C 266 3.19 -21.92 12.29
CA ASP C 266 2.64 -22.81 13.32
C ASP C 266 2.18 -22.03 14.55
N ILE C 267 2.96 -21.03 14.99
CA ILE C 267 2.50 -20.19 16.10
C ILE C 267 1.24 -19.42 15.69
N TRP C 268 1.22 -18.94 14.46
CA TRP C 268 0.02 -18.25 13.96
C TRP C 268 -1.19 -19.18 14.01
N LYS C 269 -1.01 -20.45 13.61
CA LYS C 269 -2.10 -21.42 13.65
C LYS C 269 -2.61 -21.63 15.07
N LEU C 270 -1.69 -21.79 16.03
CA LEU C 270 -2.07 -21.93 17.42
C LEU C 270 -2.94 -20.77 17.86
N ALA C 271 -2.46 -19.54 17.62
CA ALA C 271 -3.22 -18.35 17.96
C ALA C 271 -4.59 -18.36 17.32
N GLU C 272 -4.65 -18.67 16.02
CA GLU C 272 -5.95 -18.65 15.34
C GLU C 272 -6.88 -19.75 15.84
N MET C 273 -6.32 -20.89 16.27
CA MET C 273 -7.14 -21.91 16.88
C MET C 273 -7.91 -21.33 18.07
N PHE C 274 -7.19 -20.63 18.96
CA PHE C 274 -7.83 -19.95 20.08
C PHE C 274 -8.82 -18.90 19.60
N ARG C 275 -8.43 -18.10 18.59
CA ARG C 275 -9.33 -17.02 18.16
C ARG C 275 -10.62 -17.58 17.59
N ASN C 276 -10.55 -18.71 16.90
CA ASN C 276 -11.75 -19.36 16.37
C ASN C 276 -12.36 -20.36 17.36
N LYS C 277 -12.01 -20.25 18.64
CA LYS C 277 -12.67 -20.98 19.73
C LYS C 277 -12.57 -22.49 19.57
N GLY C 278 -11.36 -22.95 19.25
CA GLY C 278 -10.99 -24.34 19.43
C GLY C 278 -10.74 -25.11 18.16
N ARG C 279 -11.06 -24.55 17.00
N ARG C 279 -11.06 -24.55 17.00
CA ARG C 279 -10.90 -25.25 15.73
CA ARG C 279 -10.87 -25.26 15.74
C ARG C 279 -10.22 -24.35 14.71
C ARG C 279 -10.20 -24.35 14.72
N LEU C 280 -9.56 -24.98 13.75
CA LEU C 280 -8.86 -24.30 12.66
C LEU C 280 -9.29 -25.00 11.38
N LYS C 281 -10.17 -24.35 10.62
CA LYS C 281 -10.85 -25.00 9.50
C LYS C 281 -11.48 -26.31 9.99
N ASP C 282 -10.98 -27.45 9.52
CA ASP C 282 -11.55 -28.75 9.82
C ASP C 282 -10.89 -29.43 11.03
N LYS C 283 -9.89 -28.82 11.64
CA LYS C 283 -9.14 -29.44 12.73
C LYS C 283 -9.61 -28.84 14.04
N LYS C 284 -10.11 -29.69 14.95
CA LYS C 284 -10.63 -29.25 16.23
C LYS C 284 -9.75 -29.78 17.36
N LEU C 285 -9.35 -28.87 18.25
CA LEU C 285 -8.53 -29.21 19.40
C LEU C 285 -9.27 -29.12 20.72
N LEU C 286 -10.26 -28.24 20.80
CA LEU C 286 -10.97 -27.90 22.03
C LEU C 286 -12.38 -27.48 21.67
N GLY C 287 -13.31 -27.65 22.63
CA GLY C 287 -14.64 -27.11 22.47
C GLY C 287 -14.70 -25.60 22.67
N ARG C 288 -15.73 -24.99 22.10
CA ARG C 288 -15.82 -23.53 22.18
C ARG C 288 -16.06 -23.06 23.62
N LYS C 289 -16.81 -23.84 24.41
CA LYS C 289 -17.01 -23.47 25.80
C LYS C 289 -15.72 -23.61 26.59
N THR C 290 -14.87 -24.57 26.20
CA THR C 290 -13.59 -24.72 26.87
C THR C 290 -12.70 -23.52 26.60
N VAL C 291 -12.63 -23.08 25.34
CA VAL C 291 -11.82 -21.92 24.99
C VAL C 291 -12.36 -20.65 25.65
N GLU C 292 -13.67 -20.47 25.66
CA GLU C 292 -14.25 -19.32 26.35
C GLU C 292 -13.81 -19.28 27.80
N ALA C 293 -13.81 -20.45 28.46
CA ALA C 293 -13.31 -20.51 29.84
C ALA C 293 -11.82 -20.14 29.89
N MET C 294 -11.03 -20.66 28.93
CA MET C 294 -9.58 -20.43 28.95
C MET C 294 -9.25 -18.95 28.79
N LEU C 295 -10.05 -18.22 28.01
CA LEU C 295 -9.83 -16.81 27.71
C LEU C 295 -10.50 -15.89 28.71
N ARG C 296 -11.09 -16.46 29.75
CA ARG C 296 -11.70 -15.71 30.83
C ARG C 296 -10.65 -15.40 31.88
N ASN C 297 -10.73 -14.21 32.45
CA ASN C 297 -9.84 -13.88 33.55
C ASN C 297 -10.14 -14.77 34.76
N GLN C 298 -9.11 -15.45 35.26
CA GLN C 298 -9.28 -16.40 36.36
C GLN C 298 -8.68 -15.91 37.67
N ILE C 299 -8.19 -14.67 37.73
CA ILE C 299 -7.44 -14.20 38.89
C ILE C 299 -8.36 -13.43 39.82
N LYS C 300 -8.43 -13.88 41.07
CA LYS C 300 -9.20 -13.19 42.09
C LYS C 300 -8.81 -11.71 42.11
N PRO C 301 -9.74 -10.81 42.37
CA PRO C 301 -9.44 -9.38 42.24
C PRO C 301 -8.54 -8.88 43.36
N GLY C 302 -7.77 -7.84 43.03
CA GLY C 302 -6.87 -7.22 43.98
C GLY C 302 -5.62 -8.02 44.34
N LEU C 303 -5.39 -9.18 43.73
CA LEU C 303 -4.17 -9.90 44.00
C LEU C 303 -2.97 -9.14 43.45
N PRO C 304 -1.87 -9.06 44.19
CA PRO C 304 -0.64 -8.48 43.63
C PRO C 304 -0.05 -9.41 42.57
N PHE C 305 0.76 -8.83 41.70
CA PHE C 305 1.40 -9.56 40.62
C PHE C 305 2.91 -9.40 40.73
N TYR C 306 3.64 -10.47 40.41
CA TYR C 306 5.10 -10.44 40.43
C TYR C 306 5.66 -11.23 39.26
N PHE C 307 6.76 -10.73 38.69
CA PHE C 307 7.50 -11.42 37.64
C PHE C 307 8.99 -11.31 37.93
N PHE C 308 9.64 -12.46 38.10
CA PHE C 308 11.09 -12.55 38.36
C PHE C 308 11.50 -11.78 39.61
N GLY C 309 10.71 -11.88 40.68
CA GLY C 309 11.02 -11.21 41.93
C GLY C 309 10.73 -9.72 41.97
N ALA C 310 10.18 -9.13 40.92
CA ALA C 310 9.81 -7.73 40.90
C ALA C 310 8.31 -7.55 40.67
N PRO C 311 7.72 -6.48 41.20
CA PRO C 311 6.29 -6.21 40.93
C PRO C 311 6.01 -6.10 39.45
N ARG C 312 4.78 -6.42 39.08
CA ARG C 312 4.28 -6.28 37.73
C ARG C 312 2.92 -5.58 37.80
N GLU C 313 2.56 -4.89 36.72
CA GLU C 313 1.23 -4.30 36.64
C GLU C 313 0.17 -5.41 36.63
N GLU C 314 -0.93 -5.16 37.35
CA GLU C 314 -2.04 -6.10 37.38
C GLU C 314 -2.64 -6.25 35.98
N GLY C 315 -3.15 -7.45 35.68
CA GLY C 315 -3.78 -7.73 34.40
C GLY C 315 -4.50 -9.07 34.45
N GLY C 316 -5.49 -9.20 33.58
CA GLY C 316 -6.21 -10.46 33.48
C GLY C 316 -5.31 -11.60 33.06
N PHE C 317 -5.60 -12.80 33.56
CA PHE C 317 -4.90 -14.02 33.16
C PHE C 317 -5.87 -15.19 33.13
N GLY C 318 -5.86 -15.93 32.01
CA GLY C 318 -6.79 -17.02 31.77
C GLY C 318 -6.23 -18.34 32.23
N LEU C 319 -6.67 -19.42 31.59
CA LEU C 319 -6.21 -20.76 31.95
C LEU C 319 -4.94 -21.05 31.15
N GLY C 320 -3.83 -20.49 31.62
CA GLY C 320 -2.58 -20.69 30.92
C GLY C 320 -2.32 -19.72 29.78
N ILE C 321 -3.19 -18.76 29.55
CA ILE C 321 -3.06 -17.81 28.45
C ILE C 321 -3.22 -16.41 29.03
N ASN C 322 -2.35 -15.49 28.62
CA ASN C 322 -2.33 -14.16 29.20
C ASN C 322 -3.37 -13.26 28.52
N LEU C 323 -3.99 -12.38 29.32
CA LEU C 323 -4.95 -11.40 28.83
C LEU C 323 -4.42 -9.97 29.00
N TRP C 324 -3.09 -9.83 29.08
CA TRP C 324 -2.43 -8.57 29.35
C TRP C 324 -1.07 -8.76 28.69
N PRO C 325 -0.55 -7.74 27.98
CA PRO C 325 -1.13 -6.40 27.87
C PRO C 325 -2.33 -6.30 26.93
N ALA C 326 -3.27 -5.41 27.28
CA ALA C 326 -4.52 -5.17 26.59
C ALA C 326 -5.18 -3.99 27.29
N GLY C 327 -5.93 -3.21 26.51
CA GLY C 327 -6.58 -2.04 27.08
C GLY C 327 -5.58 -1.08 27.69
N ASP C 328 -6.03 -0.38 28.73
CA ASP C 328 -5.20 0.58 29.46
C ASP C 328 -4.61 1.55 28.44
N HIS C 329 -3.30 1.80 28.47
CA HIS C 329 -2.66 2.71 27.52
C HIS C 329 -2.24 2.01 26.23
N TYR C 330 -2.37 0.69 26.16
CA TYR C 330 -1.99 -0.08 24.99
C TYR C 330 -3.03 0.09 23.88
N PHE C 331 -2.60 -0.18 22.65
CA PHE C 331 -3.54 -0.13 21.53
C PHE C 331 -4.30 -1.44 21.34
N MET C 332 -3.78 -2.56 21.86
CA MET C 332 -4.52 -3.83 21.77
C MET C 332 -5.85 -3.70 22.51
N THR C 333 -6.94 -4.06 21.82
CA THR C 333 -8.27 -4.02 22.43
C THR C 333 -8.33 -4.93 23.65
N GLU C 334 -9.06 -4.47 24.67
CA GLU C 334 -9.44 -5.34 25.78
C GLU C 334 -9.96 -6.66 25.21
N GLY C 335 -9.59 -7.77 25.84
CA GLY C 335 -9.90 -9.07 25.27
C GLY C 335 -8.80 -9.67 24.41
N THR C 336 -7.80 -8.89 24.03
CA THR C 336 -6.62 -9.42 23.34
C THR C 336 -5.93 -10.42 24.24
N PHE C 337 -5.70 -11.64 23.73
CA PHE C 337 -5.01 -12.65 24.52
C PHE C 337 -3.64 -12.94 23.89
N SER C 338 -2.72 -13.45 24.69
CA SER C 338 -1.34 -13.44 24.23
C SER C 338 -0.49 -14.36 25.09
N HIS C 339 0.70 -14.66 24.59
CA HIS C 339 1.77 -15.17 25.42
C HIS C 339 3.09 -14.77 24.81
N LEU C 340 4.00 -14.27 25.65
CA LEU C 340 5.38 -14.04 25.26
C LEU C 340 6.20 -15.30 25.52
N GLY C 341 7.46 -15.26 25.12
CA GLY C 341 8.35 -16.37 25.38
C GLY C 341 9.80 -15.95 25.30
N MET C 342 10.65 -16.43 26.21
CA MET C 342 12.05 -16.06 26.17
C MET C 342 12.68 -16.54 24.87
N GLY C 343 13.62 -15.75 24.37
CA GLY C 343 14.18 -16.03 23.06
C GLY C 343 14.56 -14.81 22.23
N TRP C 344 13.65 -13.87 21.98
CA TRP C 344 12.25 -13.84 22.43
C TRP C 344 11.27 -14.05 21.25
N CYS C 345 10.03 -14.47 21.53
CA CYS C 345 8.97 -14.42 20.53
C CYS C 345 7.66 -14.10 21.23
N GLY C 346 6.59 -13.96 20.43
CA GLY C 346 5.29 -13.69 21.02
C GLY C 346 4.15 -14.06 20.09
N MET C 347 2.96 -14.23 20.67
CA MET C 347 1.73 -14.36 19.90
C MET C 347 0.68 -13.49 20.56
N PHE C 348 -0.03 -12.70 19.75
CA PHE C 348 -1.00 -11.73 20.20
C PHE C 348 -2.19 -11.80 19.25
N SER C 349 -3.40 -11.97 19.80
CA SER C 349 -4.56 -12.05 18.93
C SER C 349 -5.71 -11.28 19.58
N ASP C 350 -6.36 -10.45 18.77
CA ASP C 350 -7.38 -9.50 19.21
C ASP C 350 -8.72 -9.93 18.61
N PRO C 351 -9.55 -10.69 19.35
CA PRO C 351 -10.81 -11.17 18.76
C PRO C 351 -11.74 -10.05 18.33
N ALA C 352 -11.62 -8.88 18.96
CA ALA C 352 -12.45 -7.75 18.55
C ALA C 352 -12.10 -7.25 17.16
N GLU C 353 -10.85 -7.44 16.69
CA GLU C 353 -10.47 -7.01 15.35
C GLU C 353 -10.18 -8.18 14.40
N ASP C 354 -10.53 -9.41 14.79
CA ASP C 354 -10.19 -10.61 14.01
C ASP C 354 -8.72 -10.63 13.60
N PHE C 355 -7.85 -10.16 14.51
CA PHE C 355 -6.49 -9.76 14.15
C PHE C 355 -5.47 -10.52 14.98
N THR C 356 -4.49 -11.11 14.31
CA THR C 356 -3.43 -11.87 14.95
C THR C 356 -2.06 -11.36 14.51
N TYR C 357 -1.13 -11.26 15.47
CA TYR C 357 0.27 -10.89 15.20
C TYR C 357 1.18 -11.85 15.96
N VAL C 358 2.09 -12.52 15.24
CA VAL C 358 3.08 -13.39 15.85
C VAL C 358 4.44 -12.97 15.32
N PHE C 359 5.47 -13.09 16.16
CA PHE C 359 6.77 -12.54 15.81
C PHE C 359 7.88 -13.33 16.48
N PHE C 360 9.07 -13.26 15.87
CA PHE C 360 10.31 -13.79 16.45
C PHE C 360 11.30 -12.64 16.50
N THR C 361 11.86 -12.37 17.68
CA THR C 361 12.95 -11.41 17.85
C THR C 361 14.05 -12.11 18.63
N PRO C 362 14.87 -12.93 17.97
CA PRO C 362 15.96 -13.61 18.69
C PRO C 362 16.94 -12.57 19.25
N ILE C 363 17.13 -12.59 20.56
CA ILE C 363 17.88 -11.54 21.24
C ILE C 363 18.48 -12.12 22.51
N SER C 364 19.59 -11.51 22.95
CA SER C 364 20.34 -12.03 24.10
C SER C 364 19.56 -11.88 25.38
N GLU C 365 19.07 -10.67 25.64
CA GLU C 365 18.30 -10.35 26.84
C GLU C 365 17.02 -9.64 26.44
N PHE C 366 16.04 -9.64 27.35
CA PHE C 366 14.80 -8.92 27.09
C PHE C 366 15.08 -7.42 26.97
N HIS C 367 14.52 -6.82 25.92
CA HIS C 367 14.52 -5.37 25.73
C HIS C 367 13.14 -4.97 25.19
N PRO C 368 12.39 -4.15 25.92
CA PRO C 368 11.01 -3.83 25.47
C PRO C 368 10.93 -3.20 24.09
N HIS C 369 11.94 -2.40 23.70
CA HIS C 369 11.95 -1.78 22.37
C HIS C 369 11.92 -2.82 21.24
N ALA C 370 12.36 -4.04 21.49
CA ALA C 370 12.34 -5.08 20.47
C ALA C 370 11.15 -6.02 20.61
N VAL C 371 10.67 -6.27 21.81
CA VAL C 371 9.67 -7.30 22.04
C VAL C 371 8.25 -6.73 22.11
N LEU C 372 8.06 -5.59 22.77
CA LEU C 372 6.70 -5.07 23.01
C LEU C 372 6.39 -3.79 22.26
N THR C 373 7.35 -2.88 22.15
CA THR C 373 7.14 -1.65 21.38
C THR C 373 6.61 -1.87 19.96
N PRO C 374 7.04 -2.89 19.18
CA PRO C 374 6.41 -3.12 17.87
C PRO C 374 4.90 -3.37 17.91
N LEU C 375 4.34 -3.82 19.03
CA LEU C 375 2.88 -4.00 19.09
C LEU C 375 2.13 -2.69 18.90
N ASN C 376 2.72 -1.58 19.37
CA ASN C 376 2.11 -0.26 19.18
C ASN C 376 2.05 0.11 17.71
N ILE C 377 3.12 -0.18 16.97
CA ILE C 377 3.16 0.13 15.54
C ILE C 377 2.10 -0.66 14.81
N VAL C 378 1.97 -1.95 15.14
CA VAL C 378 1.02 -2.82 14.44
C VAL C 378 -0.42 -2.37 14.69
N TRP C 379 -0.83 -2.30 15.96
CA TRP C 379 -2.23 -1.98 16.23
C TRP C 379 -2.61 -0.57 15.76
N ALA C 380 -1.64 0.36 15.76
CA ALA C 380 -1.93 1.70 15.23
C ALA C 380 -2.29 1.69 13.73
N GLY C 381 -2.10 0.57 13.03
CA GLY C 381 -2.44 0.53 11.62
C GLY C 381 -3.79 -0.09 11.33
N ILE C 382 -4.44 -0.62 12.36
CA ILE C 382 -5.72 -1.29 12.18
C ILE C 382 -6.79 -0.25 11.90
N GLU C 383 -7.48 -0.40 10.77
CA GLU C 383 -8.58 0.48 10.38
C GLU C 383 -9.91 -0.27 10.52
N LEU C 384 -11.00 0.46 10.26
CA LEU C 384 -12.33 -0.09 10.42
C LEU C 384 -12.62 -1.12 9.33
N GLU C 385 -13.04 -2.32 9.75
CA GLU C 385 -13.36 -3.40 8.84
C GLU C 385 -14.79 -3.28 8.28
N ASN D 27 -32.78 18.31 10.66
CA ASN D 27 -31.49 17.79 10.16
C ASN D 27 -30.47 17.57 11.30
N PRO D 28 -30.21 18.55 12.17
CA PRO D 28 -29.31 18.30 13.30
C PRO D 28 -30.01 17.75 14.54
N ALA D 29 -31.34 17.65 14.53
CA ALA D 29 -32.14 17.16 15.64
C ALA D 29 -31.77 17.87 16.94
N PHE D 30 -31.94 19.19 16.91
CA PHE D 30 -31.62 20.06 18.02
C PHE D 30 -32.75 21.05 18.21
N ASP D 31 -33.15 21.26 19.46
CA ASP D 31 -34.23 22.19 19.77
C ASP D 31 -33.68 23.61 19.75
N MET D 32 -34.00 24.37 18.71
CA MET D 32 -33.34 25.66 18.55
C MET D 32 -33.75 26.68 19.62
N LYS D 33 -34.77 26.39 20.44
CA LYS D 33 -35.03 27.27 21.58
C LYS D 33 -33.84 27.31 22.53
N GLN D 34 -33.05 26.24 22.60
CA GLN D 34 -31.86 26.27 23.44
C GLN D 34 -30.78 27.16 22.87
N ILE D 35 -30.75 27.34 21.54
CA ILE D 35 -29.83 28.31 20.95
C ILE D 35 -30.18 29.72 21.42
N ASN D 36 -31.47 30.05 21.42
CA ASN D 36 -31.92 31.31 21.98
C ASN D 36 -31.53 31.42 23.45
N ALA D 37 -31.70 30.34 24.23
CA ALA D 37 -31.32 30.39 25.64
C ALA D 37 -29.81 30.62 25.78
N LEU D 38 -29.01 29.93 24.98
CA LEU D 38 -27.56 30.06 25.06
C LEU D 38 -27.12 31.49 24.74
N ASN D 39 -27.58 32.05 23.62
CA ASN D 39 -27.23 33.42 23.25
C ASN D 39 -27.61 34.41 24.34
N GLY D 40 -28.83 34.29 24.87
CA GLY D 40 -29.26 35.16 25.95
C GLY D 40 -28.45 34.99 27.22
N HIS D 41 -27.96 33.78 27.48
CA HIS D 41 -27.16 33.53 28.67
C HIS D 41 -25.82 34.24 28.60
N TYR D 42 -25.09 34.05 27.50
CA TYR D 42 -23.81 34.72 27.33
C TYR D 42 -24.00 36.24 27.30
N GLN D 43 -25.03 36.70 26.57
CA GLN D 43 -25.26 38.14 26.41
C GLN D 43 -25.60 38.80 27.73
N THR D 44 -26.35 38.11 28.59
CA THR D 44 -26.69 38.68 29.90
C THR D 44 -25.43 38.93 30.71
N MET D 45 -24.48 37.98 30.68
CA MET D 45 -23.23 38.16 31.40
C MET D 45 -22.38 39.26 30.78
N ILE D 46 -22.34 39.33 29.45
CA ILE D 46 -21.63 40.39 28.76
C ILE D 46 -22.19 41.75 29.16
N ASP D 47 -23.52 41.88 29.15
CA ASP D 47 -24.17 43.15 29.47
C ASP D 47 -23.93 43.55 30.92
N ASN D 48 -23.79 42.59 31.82
CA ASN D 48 -23.55 42.88 33.23
C ASN D 48 -22.07 43.01 33.56
N GLY D 49 -21.20 42.94 32.56
CA GLY D 49 -19.77 43.14 32.78
C GLY D 49 -19.03 41.96 33.34
N ASP D 50 -19.68 40.80 33.46
CA ASP D 50 -19.00 39.63 34.01
C ASP D 50 -17.87 39.14 33.10
N LEU D 51 -17.99 39.38 31.80
CA LEU D 51 -16.92 39.10 30.85
C LEU D 51 -17.15 39.94 29.60
N GLN D 52 -16.13 40.04 28.76
CA GLN D 52 -16.18 40.99 27.66
C GLN D 52 -16.81 40.41 26.40
N CYS D 53 -16.66 39.12 26.18
CA CYS D 53 -17.13 38.54 24.93
C CYS D 53 -17.21 37.04 25.09
N ALA D 54 -17.93 36.39 24.16
CA ALA D 54 -18.05 34.93 24.16
C ALA D 54 -18.34 34.46 22.74
N SER D 55 -17.99 33.20 22.47
CA SER D 55 -18.33 32.59 21.20
C SER D 55 -18.37 31.07 21.34
N TYR D 56 -19.10 30.43 20.42
CA TYR D 56 -19.23 28.98 20.45
C TYR D 56 -19.47 28.47 19.04
N MET D 57 -19.37 27.16 18.90
CA MET D 57 -19.60 26.48 17.63
C MET D 57 -19.99 25.05 17.96
N MET D 58 -21.10 24.58 17.40
CA MET D 58 -21.58 23.25 17.71
C MET D 58 -21.99 22.50 16.45
N SER D 59 -21.78 21.18 16.47
CA SER D 59 -22.04 20.37 15.29
C SER D 59 -22.70 19.07 15.69
N ARG D 60 -23.47 18.52 14.75
CA ARG D 60 -23.97 17.16 14.82
C ARG D 60 -23.52 16.44 13.57
N GLY D 61 -23.06 15.20 13.74
CA GLY D 61 -22.52 14.42 12.64
C GLY D 61 -21.47 15.14 11.82
N GLY D 62 -20.71 16.03 12.45
CA GLY D 62 -19.67 16.73 11.73
C GLY D 62 -20.13 17.90 10.90
N GLU D 63 -21.38 18.33 11.05
CA GLU D 63 -21.90 19.49 10.34
C GLU D 63 -22.27 20.55 11.36
N VAL D 64 -21.56 21.68 11.35
CA VAL D 64 -21.91 22.79 12.21
C VAL D 64 -23.29 23.28 11.86
N PHE D 65 -24.16 23.41 12.89
CA PHE D 65 -25.49 23.95 12.70
C PHE D 65 -25.76 25.20 13.52
N ALA D 66 -24.87 25.59 14.43
CA ALA D 66 -25.07 26.83 15.17
C ALA D 66 -23.71 27.38 15.61
N ALA D 67 -23.52 28.68 15.42
CA ALA D 67 -22.26 29.30 15.77
C ALA D 67 -22.48 30.80 15.89
N GLU D 68 -21.93 31.39 16.94
CA GLU D 68 -22.19 32.78 17.24
C GLU D 68 -21.01 33.36 17.99
N SER D 69 -20.73 34.63 17.76
CA SER D 69 -19.77 35.40 18.54
C SER D 69 -20.47 36.63 19.11
N LEU D 70 -20.24 36.91 20.39
CA LEU D 70 -20.98 37.96 21.07
C LEU D 70 -20.02 38.97 21.71
N GLY D 71 -20.45 40.22 21.78
CA GLY D 71 -19.64 41.23 22.44
C GLY D 71 -18.37 41.62 21.69
N GLU D 72 -17.42 42.16 22.45
CA GLU D 72 -16.25 42.81 21.89
C GLU D 72 -15.12 42.71 22.90
N PHE D 73 -13.94 43.19 22.51
CA PHE D 73 -12.78 43.02 23.37
C PHE D 73 -11.84 44.20 23.28
N THR D 74 -11.01 44.33 24.31
CA THR D 74 -9.87 45.23 24.32
C THR D 74 -8.96 44.83 25.47
N GLY D 75 -7.65 44.96 25.24
CA GLY D 75 -6.68 44.74 26.29
C GLY D 75 -6.57 45.86 27.31
N GLY D 76 -7.28 46.97 27.10
CA GLY D 76 -7.26 48.09 28.02
C GLY D 76 -6.78 49.41 27.41
N GLN D 77 -6.12 49.38 26.25
CA GLN D 77 -5.57 50.58 25.64
C GLN D 77 -6.33 50.94 24.37
N LYS D 78 -6.26 50.11 23.34
CA LYS D 78 -6.96 50.38 22.09
C LYS D 78 -8.46 50.30 22.30
N GLU D 79 -9.22 50.96 21.42
CA GLU D 79 -10.67 50.90 21.48
C GLU D 79 -11.16 49.48 21.24
N LYS D 80 -12.43 49.28 21.54
CA LYS D 80 -13.05 47.97 21.38
C LYS D 80 -13.05 47.55 19.91
N GLN D 81 -13.07 46.23 19.69
CA GLN D 81 -13.31 45.67 18.37
C GLN D 81 -14.19 44.44 18.53
N THR D 82 -15.01 44.19 17.50
CA THR D 82 -16.01 43.14 17.60
C THR D 82 -15.36 41.78 17.71
N PHE D 83 -15.88 40.97 18.63
CA PHE D 83 -15.48 39.57 18.74
C PHE D 83 -16.12 38.79 17.60
N GLN D 84 -15.31 38.13 16.78
CA GLN D 84 -15.77 37.46 15.58
C GLN D 84 -15.65 35.94 15.69
N LEU D 85 -16.35 35.24 14.78
CA LEU D 85 -16.29 33.79 14.77
C LEU D 85 -14.90 33.28 14.45
N ASP D 86 -14.15 34.02 13.63
CA ASP D 86 -12.80 33.65 13.24
C ASP D 86 -11.73 34.43 14.01
N THR D 87 -12.09 35.07 15.12
CA THR D 87 -11.10 35.80 15.92
C THR D 87 -10.10 34.81 16.52
N ILE D 88 -8.81 35.13 16.41
CA ILE D 88 -7.79 34.28 17.01
C ILE D 88 -7.67 34.61 18.48
N ARG D 89 -7.56 33.57 19.30
CA ARG D 89 -7.44 33.73 20.74
C ARG D 89 -6.53 32.64 21.28
N GLU D 90 -5.71 33.00 22.28
CA GLU D 90 -4.88 32.01 22.96
C GLU D 90 -5.75 30.91 23.56
N ILE D 91 -5.26 29.67 23.53
CA ILE D 91 -6.04 28.56 24.08
C ILE D 91 -5.47 28.02 25.38
N GLY D 92 -4.43 28.64 25.93
CA GLY D 92 -3.88 28.19 27.20
C GLY D 92 -3.67 26.68 27.26
N SER D 93 -4.18 26.08 28.33
CA SER D 93 -4.05 24.64 28.61
C SER D 93 -4.50 23.71 27.51
N LEU D 94 -5.39 24.17 26.64
CA LEU D 94 -5.83 23.34 25.53
C LEU D 94 -4.61 22.90 24.70
N THR D 95 -3.54 23.70 24.73
CA THR D 95 -2.28 23.35 24.08
C THR D 95 -1.83 21.96 24.47
N LYS D 96 -2.13 21.52 25.69
CA LYS D 96 -1.68 20.20 26.14
C LYS D 96 -2.24 19.09 25.26
N VAL D 97 -3.42 19.30 24.68
CA VAL D 97 -4.03 18.26 23.84
C VAL D 97 -3.21 18.07 22.57
N PHE D 98 -2.71 19.15 21.98
CA PHE D 98 -1.79 19.05 20.85
C PHE D 98 -0.52 18.29 21.25
N THR D 99 0.04 18.62 22.41
CA THR D 99 1.21 17.91 22.90
C THR D 99 0.92 16.42 23.04
N ALA D 100 -0.27 16.06 23.52
CA ALA D 100 -0.64 14.66 23.68
C ALA D 100 -0.71 13.94 22.34
N VAL D 101 -1.33 14.58 21.34
CA VAL D 101 -1.36 14.03 19.99
C VAL D 101 0.06 13.78 19.49
N ALA D 102 0.94 14.75 19.71
CA ALA D 102 2.30 14.62 19.21
C ALA D 102 2.99 13.41 19.84
N VAL D 103 2.86 13.25 21.16
CA VAL D 103 3.41 12.10 21.86
C VAL D 103 2.90 10.80 21.24
N MET D 104 1.58 10.71 21.06
CA MET D 104 0.98 9.49 20.54
C MET D 104 1.33 9.25 19.07
N GLN D 105 1.54 10.30 18.28
CA GLN D 105 2.07 10.08 16.94
C GLN D 105 3.42 9.39 17.02
N LEU D 106 4.28 9.83 17.93
CA LEU D 106 5.59 9.21 18.09
C LEU D 106 5.48 7.78 18.62
N VAL D 107 4.44 7.48 19.40
CA VAL D 107 4.26 6.09 19.84
C VAL D 107 3.88 5.22 18.65
N GLU D 108 3.05 5.75 17.74
CA GLU D 108 2.65 5.00 16.56
C GLU D 108 3.83 4.63 15.70
N LYS D 109 4.86 5.49 15.66
CA LYS D 109 6.04 5.25 14.85
C LYS D 109 7.09 4.42 15.57
N GLY D 110 6.84 4.04 16.82
CA GLY D 110 7.79 3.28 17.60
C GLY D 110 8.93 4.07 18.18
N LEU D 111 8.92 5.40 18.06
CA LEU D 111 10.02 6.18 18.62
C LEU D 111 9.86 6.41 20.11
N LEU D 112 8.64 6.34 20.62
CA LEU D 112 8.39 6.45 22.05
C LEU D 112 7.54 5.27 22.48
N ASP D 113 7.61 4.98 23.78
CA ASP D 113 6.72 4.04 24.44
C ASP D 113 6.36 4.65 25.78
N LEU D 114 5.07 4.58 26.16
CA LEU D 114 4.60 5.29 27.32
C LEU D 114 5.17 4.76 28.63
N LYS D 115 5.65 3.51 28.64
CA LYS D 115 6.33 2.96 29.82
C LYS D 115 7.82 3.24 29.84
N MET D 116 8.34 4.01 28.88
CA MET D 116 9.73 4.49 28.99
C MET D 116 9.85 5.35 30.25
N PRO D 117 10.82 5.10 31.11
CA PRO D 117 11.15 6.11 32.11
C PRO D 117 11.71 7.33 31.41
N VAL D 118 11.39 8.51 31.96
CA VAL D 118 11.84 9.76 31.35
C VAL D 118 13.36 9.85 31.33
N LYS D 119 14.02 9.22 32.31
CA LYS D 119 15.48 9.27 32.38
C LYS D 119 16.15 8.62 31.19
N LEU D 120 15.43 7.78 30.44
CA LEU D 120 16.02 7.15 29.27
C LEU D 120 16.22 8.17 28.15
N ILE D 121 15.28 9.10 28.01
CA ILE D 121 15.40 10.20 27.05
C ILE D 121 16.19 11.38 27.63
N LEU D 122 15.97 11.67 28.91
CA LEU D 122 16.52 12.86 29.57
C LEU D 122 17.32 12.38 30.77
N PRO D 123 18.62 12.13 30.61
CA PRO D 123 19.38 11.44 31.65
C PRO D 123 19.51 12.22 32.94
N ALA D 124 19.23 13.53 32.92
CA ALA D 124 19.17 14.29 34.17
C ALA D 124 18.12 13.74 35.12
N PHE D 125 17.14 12.99 34.62
CA PHE D 125 16.15 12.34 35.47
C PHE D 125 16.65 11.05 36.12
N ASP D 126 17.91 10.68 35.90
CA ASP D 126 18.49 9.47 36.49
C ASP D 126 19.02 9.79 37.88
N LYS D 127 18.08 9.89 38.83
CA LYS D 127 18.38 10.17 40.22
C LYS D 127 17.16 9.79 41.05
N PRO D 128 17.34 9.54 42.35
CA PRO D 128 16.20 9.09 43.18
C PRO D 128 14.96 9.95 43.02
N GLY D 129 13.81 9.28 42.87
CA GLY D 129 12.55 9.96 42.65
C GLY D 129 12.26 10.19 41.17
N PHE D 130 13.03 11.07 40.54
CA PHE D 130 12.77 11.38 39.14
C PHE D 130 12.96 10.15 38.24
N GLY D 131 13.78 9.18 38.68
CA GLY D 131 14.02 7.98 37.89
C GLY D 131 12.80 7.09 37.74
N GLU D 132 11.84 7.19 38.65
CA GLU D 132 10.63 6.39 38.56
C GLU D 132 9.58 7.01 37.64
N ILE D 133 9.78 8.26 37.21
CA ILE D 133 8.80 8.96 36.38
C ILE D 133 8.87 8.40 34.97
N LYS D 134 7.73 7.92 34.45
CA LYS D 134 7.61 7.43 33.09
C LYS D 134 6.78 8.39 32.24
N ILE D 135 6.87 8.22 30.92
CA ILE D 135 6.15 9.10 30.00
C ILE D 135 4.66 9.05 30.27
N LEU D 136 4.13 7.85 30.57
CA LEU D 136 2.71 7.71 30.89
C LEU D 136 2.30 8.62 32.05
N HIS D 137 3.15 8.70 33.08
CA HIS D 137 2.85 9.54 34.24
C HIS D 137 2.65 10.99 33.84
N LEU D 138 3.52 11.51 32.98
CA LEU D 138 3.40 12.88 32.52
C LEU D 138 2.09 13.11 31.77
N LEU D 139 1.74 12.19 30.87
CA LEU D 139 0.54 12.34 30.05
C LEU D 139 -0.72 12.37 30.88
N THR D 140 -0.71 11.75 32.06
CA THR D 140 -1.91 11.55 32.88
C THR D 140 -1.87 12.30 34.21
N HIS D 141 -0.88 13.18 34.42
CA HIS D 141 -0.77 14.01 35.64
C HIS D 141 -0.63 13.15 36.90
N THR D 142 0.10 12.04 36.80
CA THR D 142 0.37 11.16 37.94
C THR D 142 1.87 11.00 38.21
N ALA D 143 2.72 11.87 37.67
CA ALA D 143 4.15 11.78 37.91
C ALA D 143 4.55 12.26 39.29
N GLY D 144 3.62 12.81 40.06
CA GLY D 144 3.96 13.40 41.34
C GLY D 144 4.53 14.80 41.28
N LEU D 145 4.46 15.46 40.13
CA LEU D 145 4.91 16.83 39.99
C LEU D 145 3.89 17.80 40.56
N SER D 146 4.39 18.91 41.10
CA SER D 146 3.54 19.99 41.54
C SER D 146 2.95 20.71 40.33
N PHE D 147 1.96 21.57 40.62
CA PHE D 147 1.27 22.35 39.59
C PHE D 147 2.26 23.07 38.68
N GLU D 148 3.14 23.89 39.26
CA GLU D 148 4.14 24.60 38.49
C GLU D 148 5.42 24.70 39.30
N LEU D 149 6.50 25.01 38.58
CA LEU D 149 7.80 25.24 39.19
C LEU D 149 7.88 26.69 39.64
N ASP D 150 8.30 26.92 40.89
CA ASP D 150 8.37 28.29 41.40
C ASP D 150 9.50 29.05 40.70
N ILE D 151 9.12 30.13 40.01
CA ILE D 151 10.07 30.94 39.26
C ILE D 151 10.72 32.02 40.13
N GLN D 152 10.34 32.13 41.40
CA GLN D 152 10.93 33.13 42.28
C GLN D 152 12.34 32.73 42.70
N LYS D 153 12.55 31.45 43.02
CA LYS D 153 13.88 30.92 43.33
C LYS D 153 14.71 30.64 42.09
N ALA D 154 14.33 31.20 40.94
CA ALA D 154 14.98 30.96 39.66
C ALA D 154 15.85 32.15 39.23
N GLU D 155 16.53 32.76 40.18
CA GLU D 155 17.50 33.80 39.88
C GLU D 155 18.76 33.18 39.30
N GLY D 156 19.33 33.84 38.29
CA GLY D 156 20.53 33.34 37.64
C GLY D 156 20.31 32.19 36.68
N ILE D 157 19.12 31.59 36.68
CA ILE D 157 18.79 30.49 35.78
C ILE D 157 18.05 31.06 34.58
N ASP D 158 18.36 30.56 33.38
CA ASP D 158 17.60 30.88 32.17
C ASP D 158 16.60 29.75 31.96
N LEU D 159 15.36 29.97 32.40
CA LEU D 159 14.35 28.94 32.30
C LEU D 159 13.92 28.68 30.86
N THR D 160 14.31 29.54 29.91
CA THR D 160 14.06 29.27 28.51
C THR D 160 15.10 28.34 27.89
N ASN D 161 16.24 28.16 28.55
CA ASN D 161 17.23 27.20 28.07
C ASN D 161 16.86 25.80 28.55
N GLU D 162 16.78 24.86 27.61
CA GLU D 162 16.35 23.49 27.93
C GLU D 162 17.17 22.90 29.07
N GLU D 163 18.51 23.06 28.98
CA GLU D 163 19.40 22.45 29.96
C GLU D 163 19.29 23.11 31.33
N GLU D 164 19.22 24.44 31.36
CA GLU D 164 19.13 25.13 32.65
C GLU D 164 17.74 24.95 33.26
N TRP D 165 16.70 24.78 32.43
CA TRP D 165 15.37 24.54 32.98
C TRP D 165 15.26 23.14 33.55
N ILE D 166 15.76 22.13 32.83
CA ILE D 166 15.74 20.76 33.34
C ILE D 166 16.57 20.67 34.61
N ASN D 167 17.71 21.35 34.64
CA ASN D 167 18.59 21.32 35.81
C ASN D 167 17.86 21.82 37.05
N TYR D 168 17.15 22.94 36.92
CA TYR D 168 16.42 23.47 38.07
C TYR D 168 15.28 22.55 38.47
N LEU D 169 14.63 21.91 37.49
CA LEU D 169 13.50 21.03 37.78
C LEU D 169 13.92 19.89 38.70
N VAL D 170 14.96 19.16 38.32
CA VAL D 170 15.42 18.02 39.12
C VAL D 170 16.09 18.45 40.42
N SER D 171 16.31 19.75 40.61
CA SER D 171 16.77 20.28 41.88
C SER D 171 15.62 20.57 42.84
N THR D 172 14.38 20.49 42.37
CA THR D 172 13.18 20.77 43.15
C THR D 172 12.54 19.46 43.61
N PRO D 173 12.25 19.32 44.90
CA PRO D 173 11.62 18.09 45.38
C PRO D 173 10.27 17.83 44.74
N LEU D 174 9.92 16.55 44.61
CA LEU D 174 8.62 16.18 44.08
C LEU D 174 7.55 16.22 45.16
N GLU D 175 6.32 16.59 44.75
CA GLU D 175 5.23 16.70 45.71
C GLU D 175 4.70 15.33 46.11
N TYR D 176 4.65 14.38 45.17
CA TYR D 176 4.27 13.01 45.50
C TYR D 176 5.23 12.07 44.79
N GLY D 177 5.11 10.78 45.11
CA GLY D 177 5.64 9.74 44.26
C GLY D 177 4.73 9.55 43.06
N VAL D 178 5.11 8.60 42.20
CA VAL D 178 4.33 8.28 41.01
C VAL D 178 3.11 7.45 41.41
N ASP D 179 1.99 7.67 40.69
CA ASP D 179 0.77 6.87 40.86
C ASP D 179 0.19 6.99 42.27
N GLU D 180 0.41 8.14 42.91
CA GLU D 180 -0.16 8.42 44.22
C GLU D 180 -1.31 9.42 44.16
N ALA D 181 -1.31 10.32 43.18
CA ALA D 181 -2.41 11.26 43.03
C ALA D 181 -2.47 11.72 41.59
N TRP D 182 -3.68 12.02 41.13
CA TRP D 182 -3.84 12.88 39.98
C TRP D 182 -3.63 14.32 40.44
N ASN D 183 -2.67 15.01 39.84
CA ASN D 183 -2.31 16.36 40.27
C ASN D 183 -1.96 17.17 39.02
N TYR D 184 -2.94 17.94 38.52
CA TYR D 184 -2.73 18.72 37.32
C TYR D 184 -1.44 19.52 37.40
N SER D 185 -0.56 19.35 36.42
CA SER D 185 0.79 19.90 36.46
C SER D 185 1.16 20.51 35.11
N ARG D 186 1.44 21.82 35.12
CA ARG D 186 2.00 22.44 33.94
C ARG D 186 3.37 21.87 33.62
N THR D 187 4.15 21.58 34.66
CA THR D 187 5.52 21.08 34.48
C THR D 187 5.54 19.84 33.61
N GLY D 188 4.59 18.93 33.83
CA GLY D 188 4.65 17.64 33.17
C GLY D 188 4.60 17.74 31.66
N PHE D 189 3.85 18.72 31.13
CA PHE D 189 3.72 18.84 29.69
C PHE D 189 4.86 19.65 29.07
N VAL D 190 5.59 20.46 29.85
CA VAL D 190 6.85 21.02 29.34
C VAL D 190 7.86 19.90 29.10
N ILE D 191 7.91 18.93 30.02
CA ILE D 191 8.84 17.80 29.85
C ILE D 191 8.49 16.99 28.61
N LEU D 192 7.21 16.75 28.36
CA LEU D 192 6.81 16.03 27.16
C LEU D 192 7.24 16.79 25.90
N GLY D 193 7.10 18.12 25.93
CA GLY D 193 7.62 18.92 24.82
C GLY D 193 9.10 18.66 24.57
N ILE D 194 9.89 18.64 25.65
CA ILE D 194 11.33 18.41 25.49
C ILE D 194 11.58 17.02 24.91
N ILE D 195 10.82 16.02 25.36
CA ILE D 195 10.96 14.66 24.86
C ILE D 195 10.66 14.61 23.37
N ILE D 196 9.55 15.24 22.94
CA ILE D 196 9.26 15.30 21.51
C ILE D 196 10.42 15.90 20.73
N SER D 197 11.00 16.99 21.25
CA SER D 197 12.12 17.65 20.56
C SER D 197 13.34 16.75 20.52
N LYS D 198 13.61 16.02 21.61
CA LYS D 198 14.80 15.18 21.67
C LYS D 198 14.71 14.03 20.67
N VAL D 199 13.53 13.41 20.52
CA VAL D 199 13.45 12.20 19.69
C VAL D 199 13.21 12.52 18.22
N THR D 200 12.75 13.72 17.90
CA THR D 200 12.54 14.12 16.50
C THR D 200 13.67 14.98 15.94
N GLY D 201 14.54 15.52 16.78
CA GLY D 201 15.61 16.36 16.25
C GLY D 201 15.15 17.71 15.72
N VAL D 202 13.90 18.10 15.98
CA VAL D 202 13.42 19.44 15.65
C VAL D 202 12.74 20.03 16.88
N SER D 203 12.50 21.33 16.82
CA SER D 203 11.86 22.00 17.96
C SER D 203 10.47 21.45 18.20
N TYR D 204 10.04 21.48 19.45
CA TYR D 204 8.68 21.06 19.76
C TYR D 204 7.67 21.79 18.88
N GLU D 205 7.84 23.10 18.72
CA GLU D 205 6.88 23.90 17.97
C GLU D 205 6.84 23.50 16.51
N GLN D 206 8.02 23.34 15.89
CA GLN D 206 8.08 22.88 14.50
C GLN D 206 7.39 21.53 14.32
N TYR D 207 7.60 20.58 15.24
CA TYR D 207 6.95 19.28 15.10
C TYR D 207 5.43 19.41 15.08
N VAL D 208 4.88 20.16 16.03
CA VAL D 208 3.43 20.29 16.12
C VAL D 208 2.88 21.06 14.92
N THR D 209 3.58 22.12 14.51
CA THR D 209 3.15 22.87 13.34
C THR D 209 3.09 21.99 12.09
N LYS D 210 4.12 21.18 11.87
CA LYS D 210 4.14 20.32 10.69
C LYS D 210 3.13 19.18 10.80
N HIS D 211 3.17 18.43 11.91
CA HIS D 211 2.49 17.14 11.95
C HIS D 211 1.07 17.20 12.48
N ILE D 212 0.66 18.34 13.05
CA ILE D 212 -0.68 18.46 13.62
C ILE D 212 -1.40 19.67 13.03
N ILE D 213 -0.82 20.87 13.18
CA ILE D 213 -1.49 22.09 12.70
C ILE D 213 -1.68 22.02 11.18
N GLU D 214 -0.59 21.83 10.44
CA GLU D 214 -0.69 21.77 8.98
C GLU D 214 -1.35 20.47 8.51
N ALA D 215 -1.09 19.36 9.21
CA ALA D 215 -1.63 18.09 8.76
C ALA D 215 -3.15 18.06 8.86
N LEU D 216 -3.71 18.68 9.90
CA LEU D 216 -5.15 18.82 10.08
C LEU D 216 -5.75 19.98 9.28
N GLY D 217 -4.92 20.77 8.59
CA GLY D 217 -5.41 21.89 7.83
C GLY D 217 -6.02 23.00 8.67
N LEU D 218 -5.47 23.25 9.86
CA LEU D 218 -5.92 24.40 10.65
C LEU D 218 -5.40 25.67 10.00
N GLU D 219 -6.27 26.65 9.84
CA GLU D 219 -5.93 27.85 9.09
C GLU D 219 -5.69 29.07 9.95
N ARG D 220 -6.01 29.03 11.25
CA ARG D 220 -5.81 30.20 12.10
C ARG D 220 -5.22 29.77 13.46
N THR D 221 -4.22 28.91 13.42
CA THR D 221 -3.60 28.36 14.62
C THR D 221 -2.09 28.58 14.51
N TYR D 222 -1.50 29.15 15.54
CA TYR D 222 -0.09 29.52 15.54
C TYR D 222 0.47 29.44 16.95
N PHE D 223 1.73 29.01 17.06
CA PHE D 223 2.50 29.25 18.28
C PHE D 223 2.90 30.73 18.39
N TYR D 224 3.21 31.36 17.26
CA TYR D 224 3.59 32.75 17.24
C TYR D 224 2.80 33.43 16.13
N VAL D 225 1.85 34.28 16.51
CA VAL D 225 0.99 34.93 15.52
C VAL D 225 1.82 35.89 14.68
N PRO D 226 1.77 35.80 13.35
CA PRO D 226 2.49 36.78 12.52
C PRO D 226 2.01 38.19 12.80
N ASP D 227 2.90 39.16 12.55
CA ASP D 227 2.59 40.54 12.87
C ASP D 227 1.37 41.07 12.12
N THR D 228 1.12 40.57 10.90
CA THR D 228 -0.03 41.04 10.13
C THR D 228 -1.36 40.68 10.78
N LEU D 229 -1.35 39.81 11.80
CA LEU D 229 -2.59 39.38 12.44
C LEU D 229 -2.61 39.67 13.93
N LYS D 230 -1.66 40.42 14.47
CA LYS D 230 -1.65 40.54 15.92
C LYS D 230 -2.74 41.47 16.44
N GLU D 231 -3.12 42.49 15.68
CA GLU D 231 -4.20 43.37 16.12
C GLU D 231 -5.58 42.76 15.96
N GLU D 232 -5.71 41.64 15.25
CA GLU D 232 -7.00 40.97 15.19
C GLU D 232 -7.20 40.01 16.36
N VAL D 233 -6.13 39.71 17.13
CA VAL D 233 -6.19 38.74 18.22
C VAL D 233 -6.98 39.29 19.40
N CYS D 234 -7.80 38.44 19.99
CA CYS D 234 -8.59 38.81 21.17
C CYS D 234 -7.70 38.83 22.41
N VAL D 235 -7.60 40.01 23.04
CA VAL D 235 -6.92 40.24 24.30
C VAL D 235 -7.88 40.99 25.22
N ILE D 236 -7.82 40.72 26.52
CA ILE D 236 -8.71 41.36 27.47
C ILE D 236 -7.97 41.94 28.66
N SER D 237 -6.64 41.84 28.69
CA SER D 237 -5.82 42.42 29.75
C SER D 237 -4.50 42.86 29.13
N GLU D 238 -3.81 43.79 29.78
CA GLU D 238 -2.53 44.20 29.23
C GLU D 238 -1.50 43.07 29.32
N HIS D 239 -1.61 42.20 30.34
CA HIS D 239 -0.76 41.02 30.39
C HIS D 239 -0.88 40.19 29.12
N GLU D 240 -2.10 40.00 28.63
CA GLU D 240 -2.28 39.26 27.38
C GLU D 240 -1.70 40.01 26.19
N CYS D 241 -1.76 41.36 26.23
CA CYS D 241 -1.12 42.16 25.18
C CYS D 241 0.38 41.91 25.13
N VAL D 242 1.03 41.94 26.31
CA VAL D 242 2.47 41.74 26.38
C VAL D 242 2.84 40.34 25.88
N GLN D 243 2.11 39.33 26.36
CA GLN D 243 2.41 37.96 25.98
C GLN D 243 2.20 37.74 24.48
N LEU D 244 1.29 38.50 23.87
CA LEU D 244 1.06 38.36 22.43
C LEU D 244 2.27 38.80 21.61
N GLU D 245 2.96 39.86 22.03
CA GLU D 245 4.06 40.37 21.22
C GLU D 245 5.41 39.74 21.57
N LYS D 246 5.53 39.09 22.72
CA LYS D 246 6.72 38.32 23.04
C LYS D 246 6.74 37.07 22.17
N SER D 247 7.79 36.92 21.35
CA SER D 247 7.92 35.76 20.48
C SER D 247 8.55 34.56 21.18
N HIS D 248 8.45 34.49 22.52
CA HIS D 248 8.94 33.34 23.27
C HIS D 248 8.15 33.20 24.56
N HIS D 249 8.27 32.03 25.18
CA HIS D 249 7.68 31.89 26.50
C HIS D 249 8.65 32.44 27.55
N PRO D 250 8.14 33.18 28.54
CA PRO D 250 9.05 33.84 29.50
C PRO D 250 9.80 32.88 30.41
N TYR D 251 9.22 31.74 30.79
CA TYR D 251 9.88 30.90 31.79
C TYR D 251 9.80 29.40 31.48
N PHE D 252 9.57 29.01 30.23
CA PHE D 252 9.65 27.63 29.79
C PHE D 252 10.52 27.51 28.55
N PRO D 253 11.14 26.35 28.32
CA PRO D 253 11.90 26.14 27.07
C PRO D 253 11.04 25.78 25.86
N ASN D 254 9.72 25.67 26.01
CA ASN D 254 8.84 25.43 24.88
C ASN D 254 7.44 25.91 25.27
N LYS D 255 6.50 25.74 24.34
CA LYS D 255 5.09 26.06 24.54
C LYS D 255 4.24 24.79 24.55
N ALA D 256 4.73 23.72 25.18
CA ALA D 256 3.99 22.47 25.14
C ALA D 256 2.89 22.39 26.19
N THR D 257 2.94 23.24 27.20
CA THR D 257 1.91 23.23 28.23
C THR D 257 0.91 24.36 28.05
N SER D 258 1.23 25.36 27.24
CA SER D 258 0.39 26.53 27.01
C SER D 258 1.09 27.44 26.01
N GLY D 259 0.32 28.29 25.34
CA GLY D 259 0.88 29.28 24.45
C GLY D 259 0.42 29.22 23.02
N LEU D 260 -0.38 28.23 22.62
CA LEU D 260 -0.93 28.23 21.27
C LEU D 260 -2.04 29.27 21.14
N TYR D 261 -2.13 29.87 19.96
CA TYR D 261 -3.26 30.71 19.57
C TYR D 261 -4.08 29.98 18.51
N SER D 262 -5.41 30.05 18.62
CA SER D 262 -6.25 29.30 17.69
C SER D 262 -7.60 29.99 17.54
N SER D 263 -8.57 29.27 16.97
CA SER D 263 -9.89 29.79 16.61
C SER D 263 -10.94 28.71 16.84
N LEU D 264 -12.20 29.11 16.88
CA LEU D 264 -13.30 28.17 17.11
C LEU D 264 -13.23 27.00 16.14
N ARG D 265 -13.11 27.28 14.84
CA ARG D 265 -13.19 26.24 13.83
C ARG D 265 -11.99 25.28 13.93
N ASP D 266 -10.81 25.81 14.28
CA ASP D 266 -9.63 24.95 14.39
C ASP D 266 -9.75 24.01 15.59
N ILE D 267 -10.17 24.55 16.75
CA ILE D 267 -10.43 23.70 17.92
C ILE D 267 -11.50 22.68 17.60
N TRP D 268 -12.55 23.11 16.89
CA TRP D 268 -13.60 22.21 16.42
C TRP D 268 -13.01 21.07 15.60
N LYS D 269 -12.17 21.41 14.62
CA LYS D 269 -11.52 20.37 13.83
C LYS D 269 -10.75 19.39 14.71
N LEU D 270 -10.03 19.92 15.71
CA LEU D 270 -9.28 19.05 16.60
C LEU D 270 -10.22 18.09 17.32
N ALA D 271 -11.33 18.61 17.85
CA ALA D 271 -12.26 17.76 18.59
C ALA D 271 -12.89 16.71 17.67
N GLU D 272 -13.18 17.10 16.43
CA GLU D 272 -13.79 16.16 15.49
C GLU D 272 -12.81 15.09 15.04
N MET D 273 -11.52 15.45 14.91
CA MET D 273 -10.50 14.42 14.70
C MET D 273 -10.58 13.34 15.78
N PHE D 274 -10.77 13.76 17.03
CA PHE D 274 -10.87 12.80 18.12
C PHE D 274 -12.16 12.00 18.05
N ARG D 275 -13.28 12.68 17.75
CA ARG D 275 -14.57 11.98 17.69
C ARG D 275 -14.59 10.93 16.60
N ASN D 276 -13.97 11.22 15.47
CA ASN D 276 -13.88 10.28 14.37
C ASN D 276 -12.69 9.33 14.51
N LYS D 277 -12.16 9.19 15.73
CA LYS D 277 -11.04 8.30 16.06
C LYS D 277 -9.87 8.48 15.10
N GLY D 278 -9.43 9.74 14.96
CA GLY D 278 -8.16 10.04 14.33
C GLY D 278 -8.23 10.57 12.92
N ARG D 279 -9.42 10.67 12.34
N ARG D 279 -9.41 10.65 12.32
CA ARG D 279 -9.60 11.14 10.97
CA ARG D 279 -9.58 11.14 10.96
C ARG D 279 -10.40 12.43 10.96
C ARG D 279 -10.37 12.43 10.96
N LEU D 280 -10.11 13.27 9.97
CA LEU D 280 -10.91 14.46 9.70
C LEU D 280 -11.04 14.50 8.17
N LYS D 281 -12.20 14.07 7.67
CA LYS D 281 -12.40 13.89 6.24
C LYS D 281 -11.31 12.98 5.70
N ASP D 282 -10.50 13.49 4.78
CA ASP D 282 -9.40 12.75 4.17
C ASP D 282 -8.11 12.81 4.99
N LYS D 283 -8.08 13.54 6.10
CA LYS D 283 -6.84 13.78 6.84
C LYS D 283 -6.77 12.84 8.04
N LYS D 284 -5.73 12.02 8.10
CA LYS D 284 -5.56 11.07 9.18
C LYS D 284 -4.43 11.53 10.08
N LEU D 285 -4.74 11.76 11.35
CA LEU D 285 -3.73 12.14 12.33
C LEU D 285 -3.29 11.00 13.22
N LEU D 286 -4.18 10.04 13.48
CA LEU D 286 -3.87 8.93 14.38
C LEU D 286 -4.64 7.70 13.92
N GLY D 287 -4.11 6.52 14.25
CA GLY D 287 -4.88 5.31 14.07
C GLY D 287 -6.06 5.26 15.03
N ARG D 288 -7.11 4.53 14.64
CA ARG D 288 -8.30 4.50 15.48
C ARG D 288 -8.03 3.79 16.80
N LYS D 289 -7.21 2.72 16.79
CA LYS D 289 -6.90 2.04 18.04
C LYS D 289 -6.12 2.95 18.97
N THR D 290 -5.33 3.86 18.41
CA THR D 290 -4.60 4.84 19.21
C THR D 290 -5.56 5.79 19.92
N VAL D 291 -6.55 6.32 19.19
CA VAL D 291 -7.48 7.26 19.81
C VAL D 291 -8.31 6.56 20.89
N GLU D 292 -8.71 5.30 20.64
CA GLU D 292 -9.46 4.56 21.65
C GLU D 292 -8.67 4.45 22.94
N ALA D 293 -7.37 4.22 22.85
CA ALA D 293 -6.53 4.21 24.04
C ALA D 293 -6.48 5.58 24.69
N MET D 294 -6.36 6.64 23.87
CA MET D 294 -6.31 8.00 24.42
C MET D 294 -7.58 8.38 25.17
N LEU D 295 -8.74 7.86 24.74
CA LEU D 295 -10.01 8.19 25.37
C LEU D 295 -10.43 7.18 26.44
N ARG D 296 -9.58 6.21 26.76
CA ARG D 296 -9.84 5.31 27.88
C ARG D 296 -9.33 5.93 29.18
N ASN D 297 -10.05 5.67 30.26
CA ASN D 297 -9.62 6.13 31.56
C ASN D 297 -8.31 5.45 31.94
N GLN D 298 -7.30 6.24 32.30
CA GLN D 298 -5.98 5.72 32.63
C GLN D 298 -5.64 5.80 34.12
N ILE D 299 -6.52 6.35 34.95
CA ILE D 299 -6.20 6.61 36.35
C ILE D 299 -6.62 5.41 37.19
N LYS D 300 -5.71 4.95 38.04
CA LYS D 300 -6.03 3.86 38.95
C LYS D 300 -7.21 4.26 39.85
N PRO D 301 -8.15 3.35 40.10
CA PRO D 301 -9.30 3.71 40.94
C PRO D 301 -8.86 4.03 42.36
N GLY D 302 -9.48 5.08 42.92
CA GLY D 302 -9.19 5.49 44.28
C GLY D 302 -8.08 6.49 44.45
N LEU D 303 -7.42 6.93 43.38
CA LEU D 303 -6.42 7.98 43.51
C LEU D 303 -7.09 9.30 43.86
N PRO D 304 -6.58 10.05 44.84
CA PRO D 304 -7.11 11.39 45.07
C PRO D 304 -6.75 12.32 43.92
N PHE D 305 -7.60 13.31 43.69
CA PHE D 305 -7.40 14.30 42.63
C PHE D 305 -7.21 15.67 43.25
N TYR D 306 -6.33 16.47 42.64
CA TYR D 306 -6.06 17.83 43.09
C TYR D 306 -5.87 18.74 41.88
N PHE D 307 -6.29 20.00 42.04
CA PHE D 307 -6.10 21.02 41.00
C PHE D 307 -5.73 22.32 41.69
N PHE D 308 -4.49 22.76 41.50
CA PHE D 308 -3.94 23.96 42.13
C PHE D 308 -4.11 23.90 43.65
N GLY D 309 -3.66 22.79 44.24
CA GLY D 309 -3.70 22.61 45.68
C GLY D 309 -5.04 22.20 46.25
N ALA D 310 -6.14 22.37 45.52
CA ALA D 310 -7.45 22.05 46.07
C ALA D 310 -7.88 20.67 45.63
N PRO D 311 -8.57 19.93 46.50
CA PRO D 311 -9.15 18.65 46.07
C PRO D 311 -10.17 18.87 44.97
N ARG D 312 -10.27 17.88 44.08
CA ARG D 312 -11.23 17.88 43.00
C ARG D 312 -11.94 16.54 43.00
N GLU D 313 -13.18 16.54 42.53
CA GLU D 313 -13.93 15.29 42.41
C GLU D 313 -13.27 14.39 41.39
N GLU D 314 -13.16 13.11 41.73
CA GLU D 314 -12.48 12.19 40.85
C GLU D 314 -13.34 11.89 39.62
N GLY D 315 -12.67 11.55 38.53
CA GLY D 315 -13.34 11.20 37.30
C GLY D 315 -12.29 10.73 36.32
N GLY D 316 -12.75 10.13 35.23
CA GLY D 316 -11.82 9.54 34.28
C GLY D 316 -10.87 10.57 33.70
N PHE D 317 -9.69 10.10 33.29
CA PHE D 317 -8.74 10.94 32.57
C PHE D 317 -7.94 10.06 31.62
N GLY D 318 -7.84 10.47 30.37
CA GLY D 318 -7.23 9.69 29.32
C GLY D 318 -5.75 9.97 29.18
N LEU D 319 -5.25 9.81 27.95
CA LEU D 319 -3.86 10.13 27.63
C LEU D 319 -3.79 11.60 27.19
N GLY D 320 -3.78 12.48 28.18
CA GLY D 320 -3.81 13.91 27.88
C GLY D 320 -5.16 14.49 27.56
N ILE D 321 -6.25 13.74 27.75
CA ILE D 321 -7.61 14.18 27.44
C ILE D 321 -8.46 13.96 28.67
N ASN D 322 -9.39 14.88 28.95
CA ASN D 322 -10.24 14.72 30.11
C ASN D 322 -11.49 13.94 29.74
N LEU D 323 -11.93 13.07 30.64
CA LEU D 323 -13.17 12.32 30.47
C LEU D 323 -14.23 12.75 31.48
N TRP D 324 -13.97 13.86 32.20
CA TRP D 324 -14.83 14.51 33.17
C TRP D 324 -14.81 16.00 32.87
N PRO D 325 -15.96 16.71 32.97
CA PRO D 325 -17.30 16.26 33.37
C PRO D 325 -18.05 15.47 32.31
N ALA D 326 -18.82 14.48 32.78
CA ALA D 326 -19.55 13.54 31.94
C ALA D 326 -20.40 12.68 32.86
N GLY D 327 -21.62 12.36 32.45
CA GLY D 327 -22.44 11.50 33.28
C GLY D 327 -22.85 12.21 34.57
N ASP D 328 -23.06 11.41 35.62
CA ASP D 328 -23.45 11.87 36.97
C ASP D 328 -24.63 12.83 36.80
N HIS D 329 -24.58 14.03 37.38
CA HIS D 329 -25.67 14.98 37.24
C HIS D 329 -25.57 15.83 35.98
N TYR D 330 -24.50 15.66 35.18
CA TYR D 330 -24.33 16.44 33.97
C TYR D 330 -25.20 15.88 32.86
N PHE D 331 -25.53 16.74 31.87
CA PHE D 331 -26.30 16.24 30.73
C PHE D 331 -25.42 15.59 29.67
N MET D 332 -24.12 15.89 29.67
CA MET D 332 -23.21 15.25 28.73
C MET D 332 -23.19 13.75 28.98
N THR D 333 -23.22 12.97 27.90
CA THR D 333 -23.28 11.53 28.06
C THR D 333 -21.95 11.00 28.60
N GLU D 334 -22.02 9.92 29.37
CA GLU D 334 -20.84 9.16 29.71
C GLU D 334 -20.06 8.87 28.43
N GLY D 335 -18.75 9.07 28.47
CA GLY D 335 -17.93 8.98 27.28
C GLY D 335 -17.61 10.31 26.62
N THR D 336 -18.28 11.39 27.02
CA THR D 336 -17.93 12.72 26.53
C THR D 336 -16.51 13.07 26.97
N PHE D 337 -15.68 13.47 26.01
CA PHE D 337 -14.30 13.82 26.32
C PHE D 337 -14.09 15.31 26.10
N SER D 338 -13.07 15.87 26.75
CA SER D 338 -13.05 17.32 26.84
C SER D 338 -11.69 17.83 27.28
N HIS D 339 -11.49 19.12 27.05
CA HIS D 339 -10.44 19.82 27.76
C HIS D 339 -10.87 21.24 27.93
N LEU D 340 -10.64 21.78 29.11
CA LEU D 340 -10.74 23.21 29.30
C LEU D 340 -9.37 23.85 29.03
N GLY D 341 -9.37 25.18 28.92
CA GLY D 341 -8.16 25.96 28.92
C GLY D 341 -8.43 27.26 29.66
N MET D 342 -7.58 27.60 30.64
CA MET D 342 -7.70 28.89 31.30
C MET D 342 -7.65 29.99 30.25
N GLY D 343 -8.49 31.01 30.42
CA GLY D 343 -8.65 32.00 29.37
C GLY D 343 -9.97 32.75 29.33
N TRP D 344 -11.09 32.05 29.26
CA TRP D 344 -11.18 30.58 29.24
C TRP D 344 -11.70 30.07 27.89
N CYS D 345 -11.54 28.78 27.64
CA CYS D 345 -12.09 28.14 26.46
C CYS D 345 -12.27 26.65 26.75
N GLY D 346 -12.94 25.96 25.84
CA GLY D 346 -13.16 24.53 26.07
C GLY D 346 -13.54 23.80 24.81
N MET D 347 -13.27 22.49 24.81
CA MET D 347 -13.76 21.65 23.73
C MET D 347 -14.40 20.42 24.35
N PHE D 348 -15.62 20.12 23.90
CA PHE D 348 -16.40 19.01 24.40
C PHE D 348 -16.97 18.25 23.21
N SER D 349 -16.84 16.93 23.24
CA SER D 349 -17.37 16.16 22.13
C SER D 349 -18.00 14.92 22.76
N ASP D 350 -19.24 14.66 22.40
CA ASP D 350 -20.02 13.54 22.94
C ASP D 350 -20.19 12.50 21.85
N PRO D 351 -19.35 11.46 21.82
CA PRO D 351 -19.46 10.46 20.74
C PRO D 351 -20.83 9.81 20.64
N ALA D 352 -21.47 9.49 21.78
CA ALA D 352 -22.78 8.85 21.76
C ALA D 352 -23.82 9.67 21.02
N GLU D 353 -23.62 10.99 20.92
CA GLU D 353 -24.54 11.86 20.21
C GLU D 353 -23.93 12.50 18.96
N ASP D 354 -22.74 12.07 18.55
CA ASP D 354 -22.08 12.64 17.38
C ASP D 354 -21.97 14.16 17.48
N PHE D 355 -21.89 14.66 18.70
CA PHE D 355 -22.14 16.06 19.00
C PHE D 355 -20.88 16.70 19.55
N THR D 356 -20.60 17.92 19.08
CA THR D 356 -19.38 18.62 19.49
C THR D 356 -19.68 20.09 19.74
N TYR D 357 -19.13 20.62 20.85
CA TYR D 357 -19.33 22.01 21.23
C TYR D 357 -17.99 22.60 21.67
N VAL D 358 -17.59 23.70 21.05
CA VAL D 358 -16.35 24.39 21.42
C VAL D 358 -16.69 25.85 21.67
N PHE D 359 -15.95 26.50 22.58
CA PHE D 359 -16.34 27.86 22.96
C PHE D 359 -15.14 28.66 23.44
N PHE D 360 -15.25 29.98 23.30
CA PHE D 360 -14.34 30.92 23.95
C PHE D 360 -15.16 31.79 24.89
N THR D 361 -14.72 31.89 26.15
CA THR D 361 -15.28 32.83 27.12
C THR D 361 -14.11 33.56 27.77
N PRO D 362 -13.51 34.53 27.07
CA PRO D 362 -12.38 35.23 27.67
C PRO D 362 -12.83 35.94 28.93
N ILE D 363 -12.11 35.71 30.03
CA ILE D 363 -12.55 36.17 31.35
C ILE D 363 -11.34 36.14 32.28
N SER D 364 -11.31 37.09 33.23
CA SER D 364 -10.15 37.26 34.10
C SER D 364 -9.97 36.07 35.04
N GLU D 365 -11.04 35.63 35.70
CA GLU D 365 -10.99 34.52 36.63
C GLU D 365 -12.05 33.50 36.25
N PHE D 366 -11.86 32.26 36.71
CA PHE D 366 -12.83 31.22 36.39
C PHE D 366 -14.17 31.52 37.06
N HIS D 367 -15.24 31.48 36.27
CA HIS D 367 -16.61 31.60 36.78
C HIS D 367 -17.44 30.49 36.14
N PRO D 368 -17.96 29.54 36.92
CA PRO D 368 -18.66 28.40 36.29
C PRO D 368 -19.91 28.83 35.52
N HIS D 369 -20.58 29.92 35.94
CA HIS D 369 -21.74 30.38 35.20
C HIS D 369 -21.42 30.68 33.75
N ALA D 370 -20.20 31.14 33.48
CA ALA D 370 -19.77 31.43 32.11
C ALA D 370 -19.09 30.24 31.46
N VAL D 371 -18.35 29.45 32.23
CA VAL D 371 -17.51 28.42 31.63
C VAL D 371 -18.25 27.09 31.50
N LEU D 372 -18.88 26.62 32.58
CA LEU D 372 -19.46 25.27 32.58
C LEU D 372 -20.97 25.25 32.50
N THR D 373 -21.66 26.15 33.18
CA THR D 373 -23.12 26.16 33.16
C THR D 373 -23.73 26.18 31.75
N PRO D 374 -23.16 26.84 30.75
CA PRO D 374 -23.78 26.78 29.42
C PRO D 374 -23.83 25.40 28.80
N LEU D 375 -22.98 24.46 29.20
CA LEU D 375 -23.09 23.11 28.64
C LEU D 375 -24.43 22.48 28.98
N ASN D 376 -24.98 22.77 30.16
CA ASN D 376 -26.33 22.33 30.49
C ASN D 376 -27.32 22.79 29.44
N ILE D 377 -27.26 24.07 29.08
CA ILE D 377 -28.18 24.64 28.10
C ILE D 377 -28.05 23.92 26.77
N VAL D 378 -26.80 23.67 26.35
CA VAL D 378 -26.57 23.06 25.03
C VAL D 378 -27.08 21.63 25.00
N TRP D 379 -26.64 20.80 25.95
CA TRP D 379 -27.01 19.39 25.87
C TRP D 379 -28.49 19.19 26.12
N ALA D 380 -29.15 20.13 26.80
CA ALA D 380 -30.60 20.04 26.96
C ALA D 380 -31.34 20.23 25.65
N GLY D 381 -30.67 20.69 24.59
CA GLY D 381 -31.32 20.83 23.29
C GLY D 381 -31.22 19.62 22.39
N ILE D 382 -30.42 18.63 22.77
CA ILE D 382 -30.18 17.49 21.90
C ILE D 382 -31.43 16.63 21.84
N GLU D 383 -31.87 16.31 20.64
CA GLU D 383 -33.03 15.48 20.41
C GLU D 383 -32.60 14.21 19.70
N LEU D 384 -33.55 13.30 19.50
CA LEU D 384 -33.24 11.96 19.05
C LEU D 384 -32.64 11.94 17.65
C1 SIN E . 20.97 8.55 -16.79
O1 SIN E . 20.70 7.41 -16.52
C2 SIN E . 22.29 9.17 -16.34
C3 SIN E . 22.63 8.95 -14.85
C4 SIN E . 21.46 8.79 -13.88
O3 SIN E . 21.48 7.87 -13.03
O4 SIN E . 20.46 9.58 -13.88
C1 SIN F . -16.85 -16.58 -35.77
O1 SIN F . -15.92 -17.25 -36.08
C2 SIN F . -18.26 -16.93 -36.24
C3 SIN F . -18.36 -17.06 -37.77
C4 SIN F . -17.40 -16.18 -38.58
O3 SIN F . -16.62 -16.70 -39.43
O4 SIN F . -17.34 -14.92 -38.44
C1 SIN G . 9.17 -17.52 28.67
O1 SIN G . 10.24 -17.93 28.30
C2 SIN G . 9.07 -16.34 29.64
C3 SIN G . 9.81 -16.53 30.96
C4 SIN G . 10.33 -17.96 31.19
O3 SIN G . 11.56 -18.20 31.08
O4 SIN G . 9.52 -18.89 31.47
C1 SIN H . -5.09 25.75 31.50
O1 SIN H . -5.14 26.80 30.93
C2 SIN H . -5.85 25.50 32.81
C3 SIN H . -4.90 25.57 34.00
C4 SIN H . -3.52 26.09 33.58
O3 SIN H . -2.63 25.30 33.16
O4 SIN H . -3.27 27.31 33.63
#